data_7W6N
#
_entry.id   7W6N
#
_cell.length_a   1.00
_cell.length_b   1.00
_cell.length_c   1.00
_cell.angle_alpha   90.00
_cell.angle_beta   90.00
_cell.angle_gamma   90.00
#
_symmetry.space_group_name_H-M   'P 1'
#
loop_
_entity.id
_entity.type
_entity.pdbx_description
1 polymer 'Kv channel-interacting protein 1'
2 polymer 'Isoform 2 of Potassium voltage-gated channel subfamily D member 3'
#
loop_
_entity_poly.entity_id
_entity_poly.type
_entity_poly.pdbx_seq_one_letter_code
_entity_poly.pdbx_strand_id
1 'polypeptide(L)'
;SMGAVMGTFSSLQTKQRRPSKDIAWWYYQYQRDKIEDELEMTMVCHRPEGLEQLEAQTNFTKRELQVLYRGFKNECPSGV
VNEDTFKQIYAQFFPHGDASTYAHYLFNAFDTTQTGSVKFEDFVTALSILLRGTVHEKLRWTFNLYDINKDGYINKEEMM
DIVKAIYDMMGKYTYPVLKEDTPRQHVDVFFQKMDKNKDGIVTLDEFLESCQEDDNIMRSLQLFQNVM
;
A,C,E,G
2 'polypeptide(L)'
;MAAGVAAWLPFARAAAIGWMPVANCPMPLAPADKNKRQDELIVLNVSGRRFQTWRTTLERYPDTLLGSTEKEFFFNEDTK
EYFFDRDPEVFRCVLNFYRTGKLHYPRYECISAYDDELAFYGILPEIIGDCCYEEYKDRKRENAERLMDDNDSENNQESM
PSLSFRQTMWRAFENPHTSTLALVFYYVTGFFIAVSVITNVVETVPCGTVPGSKELPCGERYSVAFFCLDTACVMIFTVE
YLLRLFAAPSRYRFIRSVMSIIDVVAIMPYYIGLVMTNNEDVSGAFVTLRVFRVFRIFKFSRHSQGLRILGYTLKSCASE
LGFLLFSLTMAIIIFATVMFYAEKGSSASKFTSIPASFWYTIVTMTTLGYGDMVPKTIAGKIFGSICSLSGVLVIALPVP
VIVSNFSRIYHQNQRADKRRAQKKARLARIRVAKTGSSNAYLHSKRNGLLNEALELTGTPEEEHMGKTTSLIESQHHHLL
HCLEKTTNHEFIDEQMFEQNCMESSMQNYPSTRSPSLSSHPGLTTTCCSRRSKKTTHLPNSNLPATRLRSMQELSTIHIQ
GSEQPSLTTSRSSLNLKADDGLRPNCKTSQITTAIISIPTPPALTPEGESRPPPASPGPNTNIPSIASNVVKVSAL
;
B,D,F,H
#
# COMPACT_ATOMS: atom_id res chain seq x y z
N GLY A 50 -7.62 29.89 35.52
CA GLY A 50 -8.97 29.35 35.63
C GLY A 50 -9.99 30.36 35.20
N LEU A 51 -10.96 29.93 34.40
CA LEU A 51 -11.92 30.86 33.82
C LEU A 51 -12.53 31.78 34.86
N GLU A 52 -12.80 31.27 36.06
CA GLU A 52 -13.40 32.12 37.08
C GLU A 52 -12.36 32.97 37.81
N GLN A 53 -11.14 32.47 38.01
CA GLN A 53 -10.14 33.32 38.62
C GLN A 53 -9.79 34.48 37.73
N LEU A 54 -10.13 34.39 36.45
CA LEU A 54 -9.76 35.41 35.48
C LEU A 54 -10.94 36.33 35.21
N GLU A 55 -12.16 35.79 35.24
CA GLU A 55 -13.33 36.63 35.08
C GLU A 55 -13.37 37.74 36.12
N ALA A 56 -13.01 37.43 37.37
CA ALA A 56 -13.08 38.40 38.45
C ALA A 56 -11.90 39.34 38.48
N GLN A 57 -11.06 39.36 37.44
CA GLN A 57 -9.98 40.32 37.32
C GLN A 57 -10.21 41.27 36.15
N THR A 58 -10.45 40.71 34.97
CA THR A 58 -10.70 41.49 33.78
C THR A 58 -12.14 41.96 33.72
N ASN A 59 -12.40 42.90 32.83
CA ASN A 59 -13.72 43.48 32.72
C ASN A 59 -14.66 42.67 31.84
N PHE A 60 -14.13 41.72 31.07
CA PHE A 60 -14.96 40.91 30.21
C PHE A 60 -15.94 40.09 31.05
N THR A 61 -16.87 39.47 30.36
CA THR A 61 -17.84 38.57 30.96
C THR A 61 -17.30 37.15 30.89
N LYS A 62 -18.16 36.16 31.08
CA LYS A 62 -17.74 34.79 30.83
C LYS A 62 -17.74 34.48 29.34
N ARG A 63 -18.85 34.78 28.67
CA ARG A 63 -18.97 34.45 27.25
C ARG A 63 -17.88 35.11 26.43
N GLU A 64 -17.53 36.33 26.76
CA GLU A 64 -16.51 37.02 25.99
C GLU A 64 -15.11 36.58 26.36
N LEU A 65 -14.96 35.75 27.39
CA LEU A 65 -13.68 35.12 27.64
C LEU A 65 -13.58 33.80 26.90
N GLN A 66 -14.66 33.04 26.86
CA GLN A 66 -14.67 31.85 26.02
C GLN A 66 -14.43 32.22 24.56
N VAL A 67 -15.14 33.23 24.08
CA VAL A 67 -15.14 33.55 22.65
C VAL A 67 -13.81 34.03 22.16
N LEU A 68 -12.91 34.41 23.06
CA LEU A 68 -11.58 34.76 22.62
C LEU A 68 -10.49 33.82 23.09
N TYR A 69 -10.72 33.00 24.12
CA TYR A 69 -9.80 31.90 24.30
C TYR A 69 -9.86 31.00 23.10
N ARG A 70 -11.05 30.78 22.56
CA ARG A 70 -11.15 29.99 21.34
C ARG A 70 -10.32 30.60 20.22
N GLY A 71 -10.48 31.90 19.99
CA GLY A 71 -9.75 32.53 18.90
C GLY A 71 -8.25 32.55 19.12
N PHE A 72 -7.81 32.89 20.32
CA PHE A 72 -6.40 32.84 20.67
C PHE A 72 -5.85 31.45 20.42
N LYS A 73 -6.38 30.46 21.12
CA LYS A 73 -5.85 29.11 21.00
C LYS A 73 -5.93 28.57 19.58
N ASN A 74 -6.86 29.05 18.77
CA ASN A 74 -7.03 28.44 17.45
C ASN A 74 -5.85 28.73 16.54
N GLU A 75 -5.17 29.85 16.72
CA GLU A 75 -4.04 30.17 15.85
C GLU A 75 -2.70 29.84 16.48
N CYS A 76 -2.50 30.09 17.76
CA CYS A 76 -1.33 29.59 18.46
C CYS A 76 -1.82 28.63 19.54
N PRO A 77 -1.67 27.32 19.36
CA PRO A 77 -2.24 26.39 20.34
C PRO A 77 -1.58 26.49 21.69
N SER A 78 -1.66 27.69 22.24
CA SER A 78 -1.25 28.03 23.58
C SER A 78 0.08 27.39 23.95
N GLY A 79 1.08 27.62 23.11
CA GLY A 79 2.39 27.58 23.69
C GLY A 79 2.50 28.84 24.53
N VAL A 80 2.74 29.98 23.87
CA VAL A 80 2.37 31.34 24.23
C VAL A 80 2.82 32.15 23.01
N VAL A 81 2.21 33.31 22.75
CA VAL A 81 2.70 34.15 21.66
C VAL A 81 4.11 34.65 21.97
N ASN A 82 4.99 34.54 20.98
CA ASN A 82 6.29 35.18 20.94
C ASN A 82 6.28 36.23 19.84
N GLU A 83 7.34 37.04 19.78
CA GLU A 83 7.38 38.13 18.81
C GLU A 83 7.04 37.62 17.42
N ASP A 84 7.64 36.50 17.02
CA ASP A 84 7.41 35.99 15.68
C ASP A 84 5.94 35.72 15.40
N THR A 85 5.08 35.77 16.42
CA THR A 85 3.64 35.69 16.18
C THR A 85 2.98 37.06 16.17
N PHE A 86 3.45 38.00 17.00
CA PHE A 86 2.95 39.37 16.91
C PHE A 86 3.30 40.00 15.57
N LYS A 87 4.56 39.95 15.19
CA LYS A 87 5.04 40.60 13.98
C LYS A 87 4.32 40.14 12.74
N GLN A 88 3.51 39.09 12.82
CA GLN A 88 2.69 38.67 11.69
C GLN A 88 1.21 38.75 11.95
N ILE A 89 0.76 38.60 13.19
CA ILE A 89 -0.64 38.81 13.50
C ILE A 89 -1.00 40.29 13.38
N TYR A 90 -0.12 41.17 13.82
CA TYR A 90 -0.32 42.60 13.63
C TYR A 90 -0.17 42.97 12.16
N ALA A 91 0.86 42.44 11.51
CA ALA A 91 1.16 42.81 10.13
C ALA A 91 0.04 42.45 9.17
N GLN A 92 -0.76 41.43 9.47
CA GLN A 92 -1.89 41.11 8.62
C GLN A 92 -2.97 42.19 8.67
N PHE A 93 -2.85 43.14 9.59
CA PHE A 93 -3.75 44.27 9.65
C PHE A 93 -3.21 45.51 8.96
N PHE A 94 -1.90 45.58 8.73
CA PHE A 94 -1.26 46.75 8.12
C PHE A 94 -0.49 46.31 6.89
N PRO A 95 -1.17 46.08 5.79
CA PRO A 95 -0.46 45.95 4.52
C PRO A 95 0.14 47.29 4.15
N HIS A 96 0.80 47.38 2.99
CA HIS A 96 1.42 48.61 2.54
C HIS A 96 2.10 49.35 3.68
N GLY A 97 2.94 48.66 4.43
CA GLY A 97 3.60 49.27 5.55
C GLY A 97 4.34 48.22 6.35
N ASP A 98 5.20 48.70 7.24
CA ASP A 98 5.96 47.82 8.11
C ASP A 98 5.36 47.87 9.51
N ALA A 99 5.00 46.69 10.03
CA ALA A 99 4.39 46.58 11.34
C ALA A 99 5.32 45.96 12.37
N SER A 100 6.50 45.50 11.97
CA SER A 100 7.36 44.79 12.90
C SER A 100 7.94 45.72 13.94
N THR A 101 8.51 46.84 13.51
CA THR A 101 9.27 47.66 14.44
C THR A 101 8.40 48.35 15.46
N TYR A 102 7.11 48.53 15.19
CA TYR A 102 6.25 49.03 16.24
C TYR A 102 5.75 47.91 17.14
N ALA A 103 5.34 46.79 16.53
CA ALA A 103 4.92 45.65 17.33
C ALA A 103 5.99 45.29 18.35
N HIS A 104 7.25 45.54 18.02
CA HIS A 104 8.34 45.28 18.94
C HIS A 104 8.42 46.27 20.09
N TYR A 105 7.41 47.10 20.31
CA TYR A 105 7.35 47.88 21.54
C TYR A 105 6.18 47.48 22.41
N LEU A 106 5.02 47.28 21.82
CA LEU A 106 3.96 46.80 22.67
C LEU A 106 4.08 45.31 22.95
N PHE A 107 4.94 44.57 22.24
CA PHE A 107 5.26 43.23 22.72
C PHE A 107 5.97 43.33 24.04
N ASN A 108 6.87 44.29 24.17
CA ASN A 108 7.54 44.51 25.44
C ASN A 108 6.58 45.13 26.46
N ALA A 109 5.53 45.79 25.99
CA ALA A 109 4.57 46.38 26.92
C ALA A 109 3.65 45.34 27.53
N PHE A 110 2.94 44.58 26.68
CA PHE A 110 2.06 43.50 27.14
C PHE A 110 2.76 42.64 28.18
N ASP A 111 4.02 42.31 27.93
CA ASP A 111 4.78 41.35 28.71
C ASP A 111 5.19 41.94 30.07
N THR A 112 4.33 41.79 31.08
CA THR A 112 4.65 42.33 32.39
C THR A 112 5.91 41.72 32.96
N THR A 113 6.03 40.40 32.97
CA THR A 113 7.28 39.75 33.34
C THR A 113 8.29 39.98 32.22
N GLN A 114 9.48 39.44 32.37
CA GLN A 114 10.54 39.68 31.39
C GLN A 114 10.88 38.42 30.61
N THR A 115 9.91 37.54 30.43
CA THR A 115 10.10 36.35 29.62
C THR A 115 10.18 36.74 28.15
N GLY A 116 10.23 35.74 27.29
CA GLY A 116 10.21 35.97 25.86
C GLY A 116 8.84 35.67 25.28
N SER A 117 7.94 35.19 26.14
CA SER A 117 6.56 34.91 25.77
C SER A 117 5.80 34.74 27.06
N VAL A 118 4.76 35.54 27.30
CA VAL A 118 4.26 35.56 28.66
C VAL A 118 3.16 34.53 28.92
N LYS A 119 1.95 34.73 28.37
CA LYS A 119 0.85 33.86 28.75
C LYS A 119 -0.39 34.24 27.96
N PHE A 120 -1.53 33.63 28.27
CA PHE A 120 -2.84 34.11 27.88
C PHE A 120 -3.49 34.95 28.97
N GLU A 121 -3.32 34.56 30.22
CA GLU A 121 -3.95 35.32 31.30
C GLU A 121 -3.42 36.75 31.31
N ASP A 122 -2.11 36.91 31.19
CA ASP A 122 -1.52 38.25 31.14
C ASP A 122 -1.68 38.90 29.78
N PHE A 123 -2.36 38.24 28.86
CA PHE A 123 -2.74 38.85 27.58
C PHE A 123 -4.09 39.53 27.71
N VAL A 124 -5.09 38.78 28.15
CA VAL A 124 -6.40 39.37 28.37
C VAL A 124 -6.37 40.33 29.55
N THR A 125 -5.47 40.16 30.50
CA THR A 125 -5.40 41.12 31.58
C THR A 125 -5.04 42.51 31.07
N ALA A 126 -4.34 42.61 29.95
CA ALA A 126 -4.06 43.91 29.37
C ALA A 126 -5.05 44.32 28.29
N LEU A 127 -5.62 43.37 27.56
CA LEU A 127 -6.75 43.68 26.70
C LEU A 127 -7.88 44.33 27.46
N SER A 128 -8.26 43.76 28.61
CA SER A 128 -9.37 44.32 29.36
C SER A 128 -9.07 45.74 29.80
N ILE A 129 -7.83 46.00 30.20
CA ILE A 129 -7.46 47.35 30.61
C ILE A 129 -7.51 48.31 29.42
N LEU A 130 -6.85 47.94 28.31
CA LEU A 130 -6.77 48.85 27.17
C LEU A 130 -8.14 49.13 26.57
N LEU A 131 -9.06 48.17 26.61
CA LEU A 131 -10.37 48.46 26.04
C LEU A 131 -11.32 49.04 27.06
N ARG A 132 -11.63 48.32 28.13
CA ARG A 132 -12.66 48.77 29.06
C ARG A 132 -12.10 49.20 30.40
N GLY A 133 -10.81 49.47 30.48
CA GLY A 133 -10.23 49.96 31.71
C GLY A 133 -10.54 51.42 31.94
N THR A 134 -10.05 51.93 33.06
CA THR A 134 -10.23 53.33 33.38
C THR A 134 -9.20 54.19 32.66
N VAL A 135 -9.60 55.43 32.36
CA VAL A 135 -8.72 56.33 31.64
C VAL A 135 -7.42 56.51 32.40
N HIS A 136 -7.50 56.64 33.73
CA HIS A 136 -6.31 56.78 34.54
C HIS A 136 -5.46 55.51 34.55
N GLU A 137 -6.02 54.38 34.13
CA GLU A 137 -5.25 53.17 34.01
C GLU A 137 -4.74 52.96 32.59
N LYS A 138 -5.58 53.25 31.59
CA LYS A 138 -5.13 53.21 30.20
C LYS A 138 -3.93 54.11 30.01
N LEU A 139 -3.98 55.31 30.58
CA LEU A 139 -2.89 56.25 30.40
C LEU A 139 -1.61 55.73 31.01
N ARG A 140 -1.71 55.10 32.17
CA ARG A 140 -0.53 54.49 32.76
C ARG A 140 0.02 53.40 31.86
N TRP A 141 -0.86 52.60 31.26
CA TRP A 141 -0.38 51.52 30.41
C TRP A 141 0.37 52.07 29.20
N THR A 142 -0.25 53.01 28.48
CA THR A 142 0.42 53.62 27.34
C THR A 142 1.73 54.25 27.78
N PHE A 143 1.75 54.84 28.98
CA PHE A 143 2.98 55.44 29.48
C PHE A 143 4.07 54.39 29.62
N ASN A 144 3.73 53.26 30.22
CA ASN A 144 4.70 52.18 30.33
C ASN A 144 5.14 51.69 28.95
N LEU A 145 4.29 51.85 27.94
CA LEU A 145 4.76 51.54 26.59
C LEU A 145 5.79 52.56 26.13
N TYR A 146 5.55 53.84 26.40
CA TYR A 146 6.42 54.88 25.89
C TYR A 146 7.77 54.87 26.58
N ASP A 147 7.84 54.39 27.81
CA ASP A 147 9.06 54.43 28.60
C ASP A 147 9.99 53.30 28.17
N ILE A 148 10.67 53.50 27.05
CA ILE A 148 11.44 52.42 26.41
C ILE A 148 12.56 51.93 27.32
N ASN A 149 13.24 52.83 28.03
CA ASN A 149 14.32 52.41 28.93
C ASN A 149 13.80 51.76 30.22
N LYS A 150 12.50 51.50 30.31
CA LYS A 150 11.86 50.76 31.39
C LYS A 150 12.07 51.39 32.76
N ASP A 151 12.67 52.57 32.82
CA ASP A 151 13.09 53.16 34.09
C ASP A 151 12.06 54.11 34.67
N GLY A 152 11.39 54.89 33.82
CA GLY A 152 10.43 55.86 34.28
C GLY A 152 10.64 57.24 33.68
N TYR A 153 11.38 57.30 32.59
CA TYR A 153 11.72 58.56 31.95
C TYR A 153 11.70 58.39 30.44
N ILE A 154 11.02 59.31 29.75
CA ILE A 154 10.98 59.33 28.30
C ILE A 154 11.82 60.51 27.84
N ASN A 155 12.81 60.24 26.98
CA ASN A 155 13.57 61.32 26.37
C ASN A 155 12.98 61.63 25.00
N LYS A 156 13.21 62.87 24.55
CA LYS A 156 12.65 63.31 23.28
C LYS A 156 13.04 62.37 22.14
N GLU A 157 14.32 62.02 22.04
CA GLU A 157 14.70 61.02 21.05
C GLU A 157 14.18 59.64 21.39
N GLU A 158 13.96 59.34 22.67
CA GLU A 158 13.41 58.03 23.01
C GLU A 158 12.03 57.85 22.40
N MET A 159 11.08 58.72 22.74
CA MET A 159 9.77 58.62 22.12
C MET A 159 9.86 58.89 20.63
N MET A 160 10.90 59.59 20.19
CA MET A 160 11.14 59.64 18.75
C MET A 160 11.33 58.26 18.18
N ASP A 161 11.91 57.35 18.96
CA ASP A 161 12.03 55.98 18.48
C ASP A 161 10.67 55.31 18.28
N ILE A 162 9.62 55.80 18.93
CA ILE A 162 8.28 55.24 18.74
C ILE A 162 7.60 55.92 17.55
N VAL A 163 7.81 57.22 17.40
CA VAL A 163 7.16 57.92 16.30
C VAL A 163 7.80 57.56 14.96
N LYS A 164 9.12 57.34 14.95
CA LYS A 164 9.76 56.83 13.75
C LYS A 164 9.32 55.42 13.43
N ALA A 165 8.64 54.76 14.36
CA ALA A 165 8.06 53.45 14.12
C ALA A 165 6.66 53.55 13.53
N ILE A 166 5.82 54.39 14.13
CA ILE A 166 4.50 54.60 13.56
C ILE A 166 4.63 55.12 12.13
N TYR A 167 5.34 56.24 11.95
CA TYR A 167 5.48 56.83 10.62
C TYR A 167 6.05 55.84 9.63
N ASP A 168 6.86 54.89 10.11
CA ASP A 168 7.28 53.78 9.28
C ASP A 168 6.09 52.89 8.92
N MET A 169 5.21 52.65 9.87
CA MET A 169 4.01 51.85 9.63
C MET A 169 3.06 52.54 8.67
N MET A 170 3.23 53.84 8.45
CA MET A 170 2.30 54.60 7.61
C MET A 170 2.28 54.05 6.19
N GLY A 171 3.44 53.85 5.58
CA GLY A 171 3.47 53.30 4.25
C GLY A 171 4.77 53.61 3.56
N LYS A 172 4.85 53.16 2.30
CA LYS A 172 6.06 53.39 1.52
C LYS A 172 6.19 54.85 1.12
N TYR A 173 5.09 55.46 0.65
CA TYR A 173 5.08 56.85 0.24
C TYR A 173 4.05 57.60 1.07
N THR A 174 4.46 58.70 1.67
CA THR A 174 3.51 59.48 2.45
C THR A 174 2.49 60.11 1.52
N TYR A 175 1.23 60.07 1.94
CA TYR A 175 0.16 60.57 1.08
C TYR A 175 0.37 62.03 0.71
N PRO A 176 0.59 62.98 1.65
CA PRO A 176 1.11 64.28 1.25
C PRO A 176 2.63 64.23 1.19
N VAL A 177 3.26 65.39 1.06
CA VAL A 177 4.72 65.43 1.00
C VAL A 177 5.32 64.79 2.25
N LEU A 178 6.44 64.11 2.05
CA LEU A 178 7.14 63.42 3.12
C LEU A 178 8.31 64.27 3.59
N LYS A 179 8.44 64.42 4.91
CA LYS A 179 9.52 65.20 5.50
C LYS A 179 10.08 64.45 6.70
N GLU A 180 11.40 64.29 6.72
CA GLU A 180 12.05 63.52 7.77
C GLU A 180 12.34 64.36 9.01
N ASP A 181 12.28 65.69 8.88
CA ASP A 181 12.46 66.54 10.05
C ASP A 181 11.16 66.71 10.80
N THR A 182 10.03 66.42 10.17
CA THR A 182 8.71 66.55 10.76
C THR A 182 8.40 65.51 11.84
N PRO A 183 8.96 64.30 11.80
CA PRO A 183 8.88 63.45 12.99
C PRO A 183 9.66 64.06 14.14
N ARG A 184 10.44 65.08 13.81
CA ARG A 184 11.21 65.82 14.80
C ARG A 184 10.41 66.94 15.43
N GLN A 185 9.39 67.45 14.74
CA GLN A 185 8.48 68.38 15.41
C GLN A 185 7.37 67.62 16.10
N HIS A 186 6.88 66.56 15.49
CA HIS A 186 5.76 65.80 16.06
C HIS A 186 6.11 65.25 17.42
N VAL A 187 7.40 65.04 17.68
CA VAL A 187 7.81 64.67 19.02
C VAL A 187 7.88 65.88 19.93
N ASP A 188 8.50 66.98 19.47
CA ASP A 188 8.63 68.13 20.34
C ASP A 188 7.31 68.79 20.65
N VAL A 189 6.40 68.87 19.67
CA VAL A 189 5.05 69.35 19.93
C VAL A 189 4.40 68.55 21.05
N PHE A 190 4.86 67.31 21.26
CA PHE A 190 4.47 66.57 22.43
C PHE A 190 4.79 67.34 23.71
N PHE A 191 6.09 67.54 23.96
CA PHE A 191 6.55 68.20 25.17
C PHE A 191 5.85 69.53 25.40
N GLN A 192 5.51 70.26 24.33
CA GLN A 192 4.87 71.56 24.47
C GLN A 192 3.68 71.51 25.42
N LYS A 193 3.00 70.37 25.49
CA LYS A 193 2.01 70.14 26.55
C LYS A 193 2.56 69.30 27.67
N MET A 194 3.34 68.26 27.35
CA MET A 194 3.67 67.20 28.30
C MET A 194 4.79 67.57 29.26
N ASP A 195 5.22 68.83 29.30
CA ASP A 195 6.33 69.23 30.15
C ASP A 195 5.94 70.46 30.93
N LYS A 196 5.43 70.27 32.14
CA LYS A 196 5.17 71.38 33.05
C LYS A 196 6.44 71.82 33.77
N ASN A 197 7.58 71.18 33.49
CA ASN A 197 8.88 71.63 33.94
C ASN A 197 9.63 72.42 32.89
N LYS A 198 9.25 72.26 31.61
CA LYS A 198 9.95 72.91 30.50
C LYS A 198 11.43 72.59 30.49
N ASP A 199 11.75 71.34 30.84
CA ASP A 199 13.13 70.87 30.84
C ASP A 199 13.45 69.96 29.67
N GLY A 200 12.49 69.18 29.20
CA GLY A 200 12.75 68.20 28.17
C GLY A 200 12.82 66.77 28.66
N ILE A 201 12.31 66.49 29.86
CA ILE A 201 12.27 65.14 30.39
C ILE A 201 10.93 64.96 31.11
N VAL A 202 10.31 63.79 30.94
CA VAL A 202 8.93 63.57 31.33
C VAL A 202 8.82 62.29 32.14
N THR A 203 8.06 62.35 33.23
CA THR A 203 7.70 61.20 34.05
C THR A 203 6.19 61.06 34.10
N LEU A 204 5.74 60.02 34.81
CA LEU A 204 4.34 59.60 34.72
C LEU A 204 3.39 60.72 35.14
N ASP A 205 3.65 61.34 36.29
CA ASP A 205 2.83 62.47 36.66
C ASP A 205 3.03 63.61 35.70
N GLU A 206 4.29 63.86 35.31
CA GLU A 206 4.59 64.92 34.36
C GLU A 206 4.08 64.60 32.97
N PHE A 207 3.72 63.35 32.70
CA PHE A 207 3.07 63.01 31.45
C PHE A 207 1.55 63.15 31.53
N LEU A 208 0.96 62.76 32.67
CA LEU A 208 -0.50 62.76 32.76
C LEU A 208 -1.04 64.16 33.01
N GLU A 209 -0.35 64.98 33.80
CA GLU A 209 -0.93 66.23 34.26
C GLU A 209 -1.19 67.19 33.13
N SER A 210 -0.88 66.79 31.90
CA SER A 210 -1.22 67.55 30.71
C SER A 210 -2.15 66.80 29.78
N CYS A 211 -2.46 65.55 30.07
CA CYS A 211 -3.14 64.66 29.14
C CYS A 211 -4.55 64.30 29.60
N GLN A 212 -5.07 65.04 30.57
CA GLN A 212 -6.40 64.80 31.12
C GLN A 212 -7.42 65.84 30.69
N GLU A 213 -6.99 66.90 30.02
CA GLU A 213 -7.89 67.94 29.56
C GLU A 213 -8.03 67.98 28.04
N ASP A 214 -7.17 67.30 27.30
CA ASP A 214 -7.27 67.26 25.85
C ASP A 214 -8.49 66.45 25.45
N ASP A 215 -9.66 67.08 25.47
CA ASP A 215 -10.94 66.38 25.38
C ASP A 215 -10.95 65.36 24.25
N ASN A 216 -10.29 65.67 23.14
CA ASN A 216 -10.39 64.81 21.97
C ASN A 216 -9.84 63.42 22.26
N ILE A 217 -8.80 63.31 23.07
CA ILE A 217 -8.28 61.97 23.35
C ILE A 217 -9.11 61.30 24.43
N MET A 218 -9.58 62.05 25.42
CA MET A 218 -10.49 61.43 26.38
C MET A 218 -11.81 61.03 25.73
N ARG A 219 -12.03 61.39 24.46
CA ARG A 219 -13.06 60.77 23.65
C ARG A 219 -12.51 59.77 22.65
N SER A 220 -11.19 59.77 22.42
CA SER A 220 -10.57 58.73 21.63
C SER A 220 -9.71 57.78 22.46
N LEU A 221 -9.60 58.01 23.77
CA LEU A 221 -9.23 56.92 24.65
C LEU A 221 -10.43 56.08 25.03
N GLN A 222 -11.60 56.42 24.50
CA GLN A 222 -12.83 55.71 24.79
C GLN A 222 -13.56 55.36 23.52
N LEU A 223 -12.81 54.98 22.47
CA LEU A 223 -13.46 54.60 21.23
C LEU A 223 -14.16 53.25 21.39
N PHE A 224 -13.39 52.21 21.63
CA PHE A 224 -13.88 50.83 21.55
C PHE A 224 -14.49 50.33 22.84
N GLN A 225 -14.65 51.17 23.83
CA GLN A 225 -15.12 50.51 25.04
C GLN A 225 -16.59 50.20 25.01
N ASN A 226 -17.21 50.09 23.84
CA ASN A 226 -18.56 49.57 23.75
C ASN A 226 -18.68 48.54 22.64
N VAL A 227 -17.82 48.63 21.62
CA VAL A 227 -17.91 47.72 20.49
C VAL A 227 -17.39 46.36 20.92
N MET A 228 -18.00 45.31 20.39
CA MET A 228 -17.62 43.94 20.70
C MET A 228 -18.20 43.00 19.68
N MET B 1 -16.13 39.48 22.71
CA MET B 1 -16.09 40.26 21.47
C MET B 1 -16.28 39.37 20.26
N ALA B 2 -15.94 39.91 19.09
CA ALA B 2 -16.19 39.20 17.84
C ALA B 2 -15.33 37.95 17.75
N ALA B 3 -15.81 36.98 16.97
CA ALA B 3 -15.18 35.68 16.84
C ALA B 3 -14.94 35.35 15.38
N GLY B 4 -14.39 34.18 15.14
CA GLY B 4 -14.28 33.66 13.79
C GLY B 4 -13.26 34.35 12.91
N VAL B 5 -13.72 35.10 11.92
CA VAL B 5 -12.79 35.75 11.00
C VAL B 5 -12.22 37.02 11.62
N ALA B 6 -13.05 37.78 12.33
CA ALA B 6 -12.55 38.97 13.00
C ALA B 6 -12.19 38.65 14.44
N ALA B 7 -11.41 37.59 14.65
CA ALA B 7 -11.20 37.12 16.01
C ALA B 7 -10.03 37.79 16.69
N TRP B 8 -9.06 38.26 15.91
CA TRP B 8 -7.91 38.97 16.44
C TRP B 8 -8.05 40.47 16.34
N LEU B 9 -9.18 40.94 15.88
CA LEU B 9 -9.37 42.36 15.69
C LEU B 9 -9.49 43.07 17.04
N PRO B 10 -9.94 42.43 18.12
CA PRO B 10 -9.79 43.09 19.42
C PRO B 10 -8.36 43.39 19.77
N PHE B 11 -7.43 42.53 19.37
CA PHE B 11 -6.03 42.77 19.68
C PHE B 11 -5.55 44.04 18.99
N ALA B 12 -5.92 44.23 17.72
CA ALA B 12 -5.50 45.44 17.03
C ALA B 12 -6.24 46.66 17.55
N ARG B 13 -7.51 46.52 17.89
CA ARG B 13 -8.23 47.62 18.51
C ARG B 13 -7.55 48.05 19.80
N ALA B 14 -6.99 47.09 20.54
CA ALA B 14 -6.28 47.44 21.76
C ALA B 14 -4.96 48.12 21.45
N ALA B 15 -4.18 47.53 20.55
CA ALA B 15 -2.90 48.13 20.18
C ALA B 15 -3.08 49.56 19.69
N ALA B 16 -4.20 49.85 19.03
CA ALA B 16 -4.43 51.19 18.51
C ALA B 16 -4.33 52.25 19.59
N ILE B 17 -4.72 51.92 20.82
CA ILE B 17 -4.67 52.89 21.90
C ILE B 17 -3.25 53.36 22.17
N GLY B 18 -2.25 52.69 21.61
CA GLY B 18 -0.91 53.23 21.73
C GLY B 18 -0.72 54.56 21.03
N TRP B 19 -1.63 54.95 20.13
CA TRP B 19 -1.46 56.16 19.35
C TRP B 19 -2.13 57.37 19.97
N MET B 20 -3.24 57.16 20.68
CA MET B 20 -4.10 58.27 21.06
C MET B 20 -3.38 59.43 21.76
N PRO B 21 -2.39 59.22 22.64
CA PRO B 21 -1.71 60.38 23.21
C PRO B 21 -0.92 61.17 22.19
N VAL B 22 -0.07 60.50 21.41
CA VAL B 22 0.74 61.20 20.41
C VAL B 22 -0.08 61.61 19.21
N ALA B 23 -1.37 61.28 19.18
CA ALA B 23 -2.25 61.62 18.07
C ALA B 23 -2.71 63.08 18.19
N ASN B 24 -1.88 63.97 17.66
CA ASN B 24 -2.21 65.39 17.78
C ASN B 24 -3.38 65.78 16.87
N CYS B 25 -3.71 64.97 15.88
CA CYS B 25 -4.84 65.24 15.01
C CYS B 25 -6.08 65.56 15.86
N PRO B 26 -6.95 66.42 15.37
CA PRO B 26 -8.12 66.81 16.17
C PRO B 26 -8.94 65.63 16.66
N MET B 27 -9.50 64.85 15.76
CA MET B 27 -10.49 63.85 16.11
C MET B 27 -10.10 62.51 15.52
N PRO B 28 -10.61 61.42 16.07
CA PRO B 28 -10.53 60.12 15.41
C PRO B 28 -11.78 59.92 14.54
N LEU B 29 -11.82 58.76 13.91
CA LEU B 29 -13.04 58.31 13.25
C LEU B 29 -13.85 57.51 14.26
N ALA B 30 -15.10 57.91 14.47
CA ALA B 30 -16.00 57.12 15.28
C ALA B 30 -16.04 55.69 14.75
N PRO B 31 -16.24 54.68 15.62
CA PRO B 31 -16.07 53.29 15.18
C PRO B 31 -17.11 52.85 14.18
N ALA B 32 -17.11 51.57 13.82
CA ALA B 32 -18.03 51.05 12.82
C ALA B 32 -19.15 50.22 13.45
N ASP B 33 -19.65 50.64 14.61
CA ASP B 33 -20.62 49.83 15.34
C ASP B 33 -21.91 49.67 14.56
N LYS B 34 -22.53 48.51 14.70
CA LYS B 34 -23.82 48.22 14.09
C LYS B 34 -24.54 47.19 14.96
N ASN B 35 -25.55 46.53 14.39
CA ASN B 35 -26.29 45.52 15.13
C ASN B 35 -25.35 44.43 15.64
N LYS B 36 -25.70 43.85 16.77
CA LYS B 36 -24.87 42.87 17.44
C LYS B 36 -25.70 41.66 17.82
N ARG B 37 -25.08 40.48 17.73
CA ARG B 37 -25.70 39.26 18.21
C ARG B 37 -24.65 38.16 18.31
N GLN B 38 -24.88 37.24 19.24
CA GLN B 38 -23.87 36.27 19.63
C GLN B 38 -23.75 35.15 18.59
N ASP B 39 -22.78 34.28 18.82
CA ASP B 39 -22.62 33.10 17.98
C ASP B 39 -23.64 32.05 18.38
N GLU B 40 -23.86 31.11 17.46
CA GLU B 40 -24.80 30.03 17.70
C GLU B 40 -24.34 28.81 16.93
N LEU B 41 -24.73 27.65 17.43
CA LEU B 41 -24.36 26.38 16.81
C LEU B 41 -25.29 26.11 15.64
N ILE B 42 -24.81 26.33 14.43
CA ILE B 42 -25.52 25.87 13.26
C ILE B 42 -25.45 24.36 13.22
N VAL B 43 -26.58 23.72 12.93
CA VAL B 43 -26.71 22.27 12.97
C VAL B 43 -26.82 21.70 11.57
N LEU B 44 -25.69 21.38 10.98
CA LEU B 44 -25.73 20.76 9.67
C LEU B 44 -26.16 19.32 9.86
N ASN B 45 -27.06 18.83 9.02
CA ASN B 45 -27.57 17.48 9.22
C ASN B 45 -27.34 16.73 7.92
N VAL B 46 -26.11 16.24 7.74
CA VAL B 46 -25.73 15.66 6.48
C VAL B 46 -26.12 14.19 6.48
N SER B 47 -27.18 13.87 5.76
CA SER B 47 -27.65 12.50 5.60
C SER B 47 -27.74 11.79 6.93
N GLY B 48 -28.52 12.35 7.82
CA GLY B 48 -28.74 11.72 9.10
C GLY B 48 -27.66 12.02 10.10
N ARG B 49 -26.43 12.15 9.65
CA ARG B 49 -25.33 12.38 10.57
C ARG B 49 -25.22 13.86 10.86
N ARG B 50 -25.28 14.23 12.13
CA ARG B 50 -25.38 15.62 12.50
C ARG B 50 -24.02 16.19 12.81
N PHE B 51 -23.61 17.22 12.07
CA PHE B 51 -22.43 18.03 12.36
C PHE B 51 -22.87 19.35 12.95
N GLN B 52 -21.99 19.97 13.73
CA GLN B 52 -22.34 21.23 14.36
C GLN B 52 -21.16 22.17 14.29
N THR B 53 -21.44 23.47 14.21
CA THR B 53 -20.33 24.40 14.14
C THR B 53 -20.81 25.82 14.43
N TRP B 54 -19.91 26.65 14.96
CA TRP B 54 -20.24 28.05 15.18
C TRP B 54 -20.49 28.73 13.86
N ARG B 55 -21.52 29.57 13.80
CA ARG B 55 -21.85 30.21 12.53
C ARG B 55 -20.66 30.98 11.98
N THR B 56 -19.92 31.64 12.84
CA THR B 56 -18.75 32.40 12.42
C THR B 56 -17.64 31.51 11.90
N THR B 57 -17.70 30.21 12.13
CA THR B 57 -16.81 29.31 11.41
C THR B 57 -17.26 29.21 9.97
N LEU B 58 -18.56 29.08 9.74
CA LEU B 58 -19.05 28.90 8.38
C LEU B 58 -18.83 30.13 7.54
N GLU B 59 -18.93 31.32 8.11
CA GLU B 59 -18.83 32.48 7.24
C GLU B 59 -17.42 33.00 7.08
N ARG B 60 -16.41 32.16 7.11
CA ARG B 60 -15.06 32.61 6.80
C ARG B 60 -14.76 32.59 5.32
N TYR B 61 -15.56 31.91 4.52
CA TYR B 61 -15.33 31.83 3.07
C TYR B 61 -16.67 32.02 2.38
N PRO B 62 -16.93 33.20 1.86
CA PRO B 62 -18.29 33.57 1.44
C PRO B 62 -18.57 33.45 -0.05
N ASP B 63 -17.65 32.94 -0.86
CA ASP B 63 -17.97 32.55 -2.22
C ASP B 63 -18.17 31.04 -2.35
N THR B 64 -18.80 30.42 -1.36
CA THR B 64 -19.01 28.98 -1.35
C THR B 64 -20.48 28.70 -1.06
N LEU B 65 -20.84 27.43 -0.92
CA LEU B 65 -22.22 27.11 -0.59
C LEU B 65 -22.48 27.36 0.88
N LEU B 66 -21.80 26.63 1.75
CA LEU B 66 -22.08 26.73 3.16
C LEU B 66 -21.84 28.12 3.69
N GLY B 67 -20.90 28.86 3.11
CA GLY B 67 -20.63 30.20 3.60
C GLY B 67 -21.62 31.24 3.12
N SER B 68 -22.07 31.14 1.89
CA SER B 68 -22.90 32.18 1.30
C SER B 68 -24.31 32.08 1.83
N THR B 69 -25.23 32.79 1.19
CA THR B 69 -26.62 32.79 1.60
C THR B 69 -27.46 31.89 0.73
N GLU B 70 -26.85 30.95 0.03
CA GLU B 70 -27.61 30.01 -0.77
C GLU B 70 -27.58 28.62 -0.19
N LYS B 71 -27.11 28.49 1.04
CA LYS B 71 -27.45 27.30 1.80
C LYS B 71 -28.80 27.45 2.46
N GLU B 72 -29.59 28.43 2.07
CA GLU B 72 -30.94 28.56 2.56
C GLU B 72 -31.94 27.79 1.72
N PHE B 73 -31.51 27.26 0.58
CA PHE B 73 -32.37 26.34 -0.13
C PHE B 73 -32.39 24.97 0.51
N PHE B 74 -31.57 24.74 1.55
CA PHE B 74 -31.50 23.45 2.20
C PHE B 74 -31.96 23.52 3.65
N PHE B 75 -32.59 24.62 4.03
CA PHE B 75 -33.09 24.81 5.38
C PHE B 75 -34.44 24.15 5.51
N ASN B 76 -34.66 23.45 6.61
CA ASN B 76 -35.88 22.70 6.83
C ASN B 76 -36.56 23.24 8.09
N GLU B 77 -37.23 24.37 7.96
CA GLU B 77 -37.60 25.13 9.16
C GLU B 77 -38.66 24.45 10.00
N ASP B 78 -39.18 23.31 9.56
CA ASP B 78 -39.93 22.48 10.48
C ASP B 78 -39.05 21.91 11.58
N THR B 79 -37.73 22.00 11.41
CA THR B 79 -36.78 21.46 12.37
C THR B 79 -35.63 22.39 12.68
N LYS B 80 -35.40 23.42 11.87
CA LYS B 80 -34.28 24.34 12.06
C LYS B 80 -32.95 23.63 11.89
N GLU B 81 -32.88 22.74 10.90
CA GLU B 81 -31.68 21.98 10.63
C GLU B 81 -31.43 21.99 9.15
N TYR B 82 -30.21 22.25 8.74
CA TYR B 82 -29.85 22.12 7.35
C TYR B 82 -29.72 20.67 7.01
N PHE B 83 -30.52 20.17 6.07
CA PHE B 83 -30.45 18.77 5.67
C PHE B 83 -29.91 18.68 4.27
N PHE B 84 -28.71 18.14 4.13
CA PHE B 84 -28.11 17.83 2.85
C PHE B 84 -28.24 16.35 2.58
N ASP B 85 -28.73 16.00 1.40
CA ASP B 85 -28.87 14.60 1.01
C ASP B 85 -27.61 14.10 0.32
N ARG B 86 -26.47 14.34 0.94
CA ARG B 86 -25.18 14.10 0.33
C ARG B 86 -24.45 13.03 1.11
N ASP B 87 -23.18 12.88 0.83
CA ASP B 87 -22.35 11.90 1.50
C ASP B 87 -21.85 12.44 2.84
N PRO B 88 -21.95 11.67 3.92
CA PRO B 88 -21.47 12.14 5.22
C PRO B 88 -20.04 11.77 5.57
N GLU B 89 -19.25 11.24 4.66
CA GLU B 89 -17.84 10.98 4.95
C GLU B 89 -16.92 11.92 4.22
N VAL B 90 -17.45 12.74 3.33
CA VAL B 90 -16.67 13.77 2.67
C VAL B 90 -17.11 15.17 3.07
N PHE B 91 -18.25 15.32 3.71
CA PHE B 91 -18.55 16.57 4.37
C PHE B 91 -17.62 16.82 5.52
N ARG B 92 -17.00 15.79 6.07
CA ARG B 92 -16.06 16.01 7.16
C ARG B 92 -14.87 16.83 6.70
N CYS B 93 -14.26 16.43 5.58
CA CYS B 93 -13.08 17.16 5.10
C CYS B 93 -13.45 18.56 4.65
N VAL B 94 -14.57 18.71 3.95
CA VAL B 94 -15.05 20.03 3.61
C VAL B 94 -15.19 20.88 4.84
N LEU B 95 -15.72 20.33 5.91
CA LEU B 95 -15.94 21.16 7.08
C LEU B 95 -14.63 21.53 7.74
N ASN B 96 -13.70 20.60 7.81
CA ASN B 96 -12.42 20.92 8.40
C ASN B 96 -11.65 21.90 7.55
N PHE B 97 -12.02 22.07 6.29
CA PHE B 97 -11.45 23.19 5.55
C PHE B 97 -11.90 24.51 6.15
N TYR B 98 -13.19 24.63 6.44
CA TYR B 98 -13.71 25.87 6.98
C TYR B 98 -13.16 26.14 8.37
N ARG B 99 -12.89 25.09 9.14
CA ARG B 99 -12.37 25.32 10.48
C ARG B 99 -10.94 25.82 10.43
N THR B 100 -10.02 25.02 9.91
CA THR B 100 -8.64 25.45 9.85
C THR B 100 -8.41 26.40 8.68
N GLY B 101 -8.47 25.88 7.47
CA GLY B 101 -8.16 26.68 6.32
C GLY B 101 -7.43 25.90 5.25
N LYS B 102 -7.10 24.65 5.54
CA LYS B 102 -6.42 23.78 4.60
C LYS B 102 -7.27 22.55 4.33
N LEU B 103 -7.56 22.30 3.07
CA LEU B 103 -8.39 21.19 2.67
C LEU B 103 -7.55 19.95 2.53
N HIS B 104 -8.09 18.82 2.94
CA HIS B 104 -7.33 17.58 3.04
C HIS B 104 -7.85 16.53 2.07
N TYR B 105 -7.17 15.40 2.06
CA TYR B 105 -7.56 14.29 1.22
C TYR B 105 -7.40 12.97 1.98
N PRO B 106 -8.48 12.25 2.26
CA PRO B 106 -8.35 10.96 2.93
C PRO B 106 -7.82 9.92 1.96
N ARG B 107 -6.87 9.11 2.43
CA ARG B 107 -6.14 8.24 1.52
C ARG B 107 -7.06 7.33 0.69
N TYR B 108 -8.30 7.13 1.13
CA TYR B 108 -9.06 5.98 0.65
C TYR B 108 -10.40 6.34 0.01
N GLU B 109 -10.56 7.54 -0.52
CA GLU B 109 -11.82 7.88 -1.16
C GLU B 109 -11.73 7.71 -2.67
N CYS B 110 -12.79 7.15 -3.25
CA CYS B 110 -12.83 7.02 -4.70
C CYS B 110 -12.82 8.40 -5.31
N ILE B 111 -11.67 8.80 -5.84
CA ILE B 111 -11.38 10.18 -6.25
C ILE B 111 -12.54 10.83 -6.99
N SER B 112 -13.34 10.05 -7.70
CA SER B 112 -14.52 10.62 -8.34
C SER B 112 -15.49 11.15 -7.30
N ALA B 113 -15.73 10.37 -6.25
CA ALA B 113 -16.60 10.83 -5.18
C ALA B 113 -16.06 12.08 -4.53
N TYR B 114 -14.77 12.18 -4.34
CA TYR B 114 -14.25 13.37 -3.72
C TYR B 114 -14.41 14.58 -4.62
N ASP B 115 -14.07 14.44 -5.88
CA ASP B 115 -14.16 15.58 -6.77
C ASP B 115 -15.57 16.11 -6.87
N ASP B 116 -16.58 15.24 -6.96
CA ASP B 116 -17.89 15.86 -7.16
C ASP B 116 -18.49 16.40 -5.88
N GLU B 117 -18.06 15.91 -4.71
CA GLU B 117 -18.45 16.61 -3.49
C GLU B 117 -17.87 18.01 -3.49
N LEU B 118 -16.57 18.12 -3.75
CA LEU B 118 -15.97 19.44 -3.83
C LEU B 118 -16.71 20.32 -4.82
N ALA B 119 -17.14 19.74 -5.92
CA ALA B 119 -17.90 20.51 -6.89
C ALA B 119 -19.19 21.01 -6.28
N PHE B 120 -19.91 20.14 -5.59
CA PHE B 120 -21.23 20.53 -5.12
C PHE B 120 -21.14 21.62 -4.07
N TYR B 121 -20.15 21.57 -3.19
CA TYR B 121 -20.12 22.51 -2.08
C TYR B 121 -19.56 23.86 -2.44
N GLY B 122 -18.99 24.02 -3.61
CA GLY B 122 -18.38 25.26 -4.00
C GLY B 122 -16.88 25.27 -3.94
N ILE B 123 -16.29 24.37 -3.19
CA ILE B 123 -14.84 24.33 -3.08
C ILE B 123 -14.25 23.96 -4.42
N LEU B 124 -13.04 24.45 -4.69
CA LEU B 124 -12.23 24.15 -5.85
C LEU B 124 -11.09 23.24 -5.48
N PRO B 125 -10.80 22.22 -6.27
CA PRO B 125 -9.68 21.33 -5.95
C PRO B 125 -8.33 22.00 -6.02
N GLU B 126 -8.23 23.18 -6.63
CA GLU B 126 -6.98 23.93 -6.63
C GLU B 126 -6.44 24.14 -5.23
N ILE B 127 -7.31 24.29 -4.23
CA ILE B 127 -6.89 24.84 -2.95
C ILE B 127 -6.44 23.76 -1.98
N ILE B 128 -6.27 22.53 -2.45
CA ILE B 128 -5.93 21.45 -1.52
C ILE B 128 -4.61 21.77 -0.84
N GLY B 129 -4.55 21.54 0.47
CA GLY B 129 -3.33 21.80 1.19
C GLY B 129 -2.19 20.96 0.65
N ASP B 130 -1.00 21.54 0.65
CA ASP B 130 0.13 20.86 0.02
C ASP B 130 0.54 19.62 0.76
N CYS B 131 0.27 19.55 2.05
CA CYS B 131 0.59 18.37 2.85
C CYS B 131 0.06 17.11 2.20
N CYS B 132 -1.14 17.18 1.65
CA CYS B 132 -1.73 16.08 0.90
C CYS B 132 -2.24 16.64 -0.41
N TYR B 133 -1.33 16.85 -1.35
CA TYR B 133 -1.68 17.42 -2.65
C TYR B 133 -1.34 16.49 -3.79
N GLU B 134 -0.13 15.96 -3.82
CA GLU B 134 0.27 15.23 -5.02
C GLU B 134 -0.26 13.81 -5.05
N GLU B 135 -0.59 13.22 -3.90
CA GLU B 135 -1.28 11.93 -3.94
C GLU B 135 -2.68 12.10 -4.49
N TYR B 136 -3.29 13.26 -4.27
CA TYR B 136 -4.48 13.60 -5.01
C TYR B 136 -4.22 13.58 -6.49
N LYS B 137 -3.06 14.07 -6.93
CA LYS B 137 -2.74 14.06 -8.36
C LYS B 137 -2.48 12.66 -8.86
N ASP B 138 -1.88 11.80 -8.04
CA ASP B 138 -1.67 10.41 -8.45
C ASP B 138 -2.99 9.72 -8.67
N ARG B 139 -3.90 9.83 -7.70
CA ARG B 139 -5.23 9.27 -7.88
C ARG B 139 -5.92 9.89 -9.08
N LYS B 140 -5.72 11.19 -9.29
CA LYS B 140 -6.33 11.85 -10.41
C LYS B 140 -5.89 11.23 -11.72
N ARG B 141 -4.57 11.11 -11.91
CA ARG B 141 -4.06 10.60 -13.19
C ARG B 141 -4.45 9.16 -13.40
N GLU B 142 -4.34 8.33 -12.35
CA GLU B 142 -4.72 6.93 -12.50
C GLU B 142 -6.19 6.80 -12.85
N ASN B 143 -7.05 7.60 -12.21
CA ASN B 143 -8.48 7.54 -12.50
C ASN B 143 -8.76 7.97 -13.93
N ALA B 144 -8.17 9.10 -14.35
CA ALA B 144 -8.38 9.56 -15.72
C ALA B 144 -7.99 8.48 -16.71
N GLU B 145 -6.78 7.93 -16.57
CA GLU B 145 -6.33 6.84 -17.42
C GLU B 145 -7.32 5.69 -17.42
N ARG B 146 -7.81 5.30 -16.24
CA ARG B 146 -8.82 4.24 -16.17
C ARG B 146 -10.06 4.60 -16.96
N LEU B 147 -10.38 5.89 -17.05
CA LEU B 147 -11.53 6.29 -17.85
C LEU B 147 -11.22 6.23 -19.34
N MET B 148 -9.99 6.61 -19.73
CA MET B 148 -9.60 6.65 -21.14
C MET B 148 -9.81 5.32 -21.85
N LEU B 163 -16.60 6.67 -47.52
CA LEU B 163 -17.00 5.82 -46.39
C LEU B 163 -17.56 4.50 -46.91
N SER B 164 -18.08 4.52 -48.12
CA SER B 164 -18.56 3.29 -48.74
C SER B 164 -17.41 2.34 -49.04
N PHE B 165 -16.50 2.77 -49.90
CA PHE B 165 -15.39 1.94 -50.34
C PHE B 165 -14.03 2.60 -50.19
N ARG B 166 -13.90 3.88 -50.52
CA ARG B 166 -12.58 4.50 -50.60
C ARG B 166 -11.98 4.70 -49.20
N GLN B 167 -12.82 4.73 -48.17
CA GLN B 167 -12.33 4.80 -46.81
C GLN B 167 -12.54 3.51 -46.04
N THR B 168 -13.36 2.58 -46.57
CA THR B 168 -13.48 1.28 -45.94
C THR B 168 -12.17 0.50 -46.04
N MET B 169 -11.42 0.72 -47.13
CA MET B 169 -10.10 0.13 -47.23
C MET B 169 -9.17 0.66 -46.15
N TRP B 170 -9.21 1.97 -45.90
CA TRP B 170 -8.46 2.55 -44.80
C TRP B 170 -8.87 1.95 -43.47
N ARG B 171 -10.17 1.85 -43.22
CA ARG B 171 -10.66 1.33 -41.96
C ARG B 171 -10.25 -0.12 -41.75
N ALA B 172 -10.25 -0.92 -42.83
CA ALA B 172 -9.88 -2.31 -42.71
C ALA B 172 -8.39 -2.51 -42.52
N PHE B 173 -7.55 -1.68 -43.15
CA PHE B 173 -6.12 -1.89 -43.07
C PHE B 173 -5.63 -1.80 -41.63
N GLU B 174 -5.76 -0.62 -41.02
CA GLU B 174 -5.17 -0.36 -39.71
C GLU B 174 -5.74 -1.24 -38.61
N ASN B 175 -6.67 -2.13 -38.94
CA ASN B 175 -7.12 -3.17 -38.01
C ASN B 175 -7.50 -4.38 -38.85
N PRO B 176 -6.53 -5.26 -39.14
CA PRO B 176 -6.86 -6.47 -39.89
C PRO B 176 -8.00 -7.27 -39.28
N HIS B 177 -8.24 -7.14 -37.98
CA HIS B 177 -9.29 -7.88 -37.30
C HIS B 177 -10.67 -7.28 -37.49
N THR B 178 -10.82 -6.32 -38.40
CA THR B 178 -12.15 -5.83 -38.75
C THR B 178 -12.91 -6.87 -39.56
N SER B 179 -12.39 -7.23 -40.73
CA SER B 179 -13.01 -8.20 -41.60
C SER B 179 -12.02 -9.32 -41.88
N THR B 180 -12.40 -10.21 -42.80
CA THR B 180 -11.53 -11.31 -43.20
C THR B 180 -10.65 -10.95 -44.39
N LEU B 181 -11.13 -10.09 -45.29
CA LEU B 181 -10.30 -9.67 -46.42
C LEU B 181 -9.06 -8.93 -45.93
N ALA B 182 -9.20 -8.06 -44.92
CA ALA B 182 -8.04 -7.42 -44.34
C ALA B 182 -7.14 -8.43 -43.64
N LEU B 183 -7.72 -9.47 -43.02
CA LEU B 183 -6.92 -10.51 -42.40
C LEU B 183 -6.03 -11.19 -43.42
N VAL B 184 -6.60 -11.60 -44.55
CA VAL B 184 -5.78 -12.27 -45.55
C VAL B 184 -4.80 -11.29 -46.20
N PHE B 185 -5.18 -10.02 -46.35
CA PHE B 185 -4.22 -9.05 -46.87
C PHE B 185 -3.04 -8.91 -45.92
N TYR B 186 -3.29 -8.94 -44.62
CA TYR B 186 -2.22 -8.82 -43.64
C TYR B 186 -1.33 -10.06 -43.66
N TYR B 187 -1.95 -11.24 -43.63
CA TYR B 187 -1.19 -12.47 -43.67
C TYR B 187 -0.48 -12.69 -44.99
N VAL B 188 -0.79 -11.93 -46.03
CA VAL B 188 -0.09 -12.04 -47.29
C VAL B 188 0.90 -10.91 -47.51
N THR B 189 0.78 -9.80 -46.79
CA THR B 189 1.83 -8.81 -46.87
C THR B 189 2.95 -9.11 -45.87
N GLY B 190 2.64 -9.82 -44.80
CA GLY B 190 3.70 -10.31 -43.93
C GLY B 190 4.57 -11.37 -44.56
N PHE B 191 4.13 -11.92 -45.69
CA PHE B 191 4.84 -12.97 -46.40
C PHE B 191 6.02 -12.43 -47.19
N PHE B 192 5.86 -11.29 -47.84
CA PHE B 192 6.86 -10.87 -48.82
C PHE B 192 7.99 -10.04 -48.20
N ILE B 193 7.71 -9.30 -47.13
CA ILE B 193 8.80 -8.78 -46.30
C ILE B 193 9.70 -9.93 -45.88
N ALA B 194 9.11 -11.01 -45.38
CA ALA B 194 9.89 -12.16 -44.93
C ALA B 194 10.64 -12.80 -46.10
N VAL B 195 10.01 -12.87 -47.26
CA VAL B 195 10.68 -13.47 -48.41
C VAL B 195 11.90 -12.64 -48.79
N SER B 196 11.76 -11.32 -48.78
CA SER B 196 12.90 -10.48 -49.12
C SER B 196 13.98 -10.58 -48.06
N VAL B 197 13.59 -10.66 -46.78
CA VAL B 197 14.58 -10.80 -45.72
C VAL B 197 15.37 -12.09 -45.91
N ILE B 198 14.66 -13.19 -46.11
CA ILE B 198 15.33 -14.48 -46.24
C ILE B 198 16.23 -14.50 -47.46
N THR B 199 15.77 -13.93 -48.58
CA THR B 199 16.63 -13.98 -49.75
C THR B 199 17.82 -13.05 -49.61
N ASN B 200 17.65 -11.89 -48.97
CA ASN B 200 18.78 -11.01 -48.74
C ASN B 200 19.80 -11.68 -47.84
N VAL B 201 19.33 -12.51 -46.91
CA VAL B 201 20.23 -13.31 -46.11
C VAL B 201 20.99 -14.28 -46.99
N VAL B 202 20.27 -15.09 -47.76
CA VAL B 202 20.88 -16.21 -48.47
C VAL B 202 21.78 -15.77 -49.62
N GLU B 203 21.55 -14.59 -50.21
CA GLU B 203 22.32 -14.19 -51.39
C GLU B 203 23.83 -14.21 -51.18
N THR B 204 24.29 -14.41 -49.96
CA THR B 204 25.72 -14.38 -49.68
C THR B 204 26.32 -15.75 -49.43
N VAL B 205 25.50 -16.78 -49.26
CA VAL B 205 25.96 -18.12 -48.93
C VAL B 205 26.79 -18.67 -50.07
N PRO B 206 28.06 -18.95 -49.87
CA PRO B 206 28.83 -19.58 -50.94
C PRO B 206 28.43 -21.04 -51.11
N CYS B 207 27.67 -21.33 -52.17
CA CYS B 207 27.20 -22.68 -52.43
C CYS B 207 27.15 -22.92 -53.94
N GLY B 208 27.50 -24.14 -54.33
CA GLY B 208 27.70 -24.46 -55.73
C GLY B 208 29.17 -24.45 -56.07
N THR B 209 29.79 -25.62 -56.12
CA THR B 209 31.24 -25.68 -56.29
C THR B 209 31.67 -25.12 -57.64
N VAL B 210 30.77 -25.09 -58.62
CA VAL B 210 31.05 -24.58 -59.96
C VAL B 210 32.33 -25.26 -60.46
N PRO B 211 32.26 -26.53 -60.85
CA PRO B 211 33.50 -27.24 -61.25
C PRO B 211 34.25 -26.60 -62.40
N GLY B 212 33.75 -25.51 -62.98
CA GLY B 212 34.45 -24.83 -64.05
C GLY B 212 35.25 -23.62 -63.60
N SER B 213 34.76 -22.90 -62.60
CA SER B 213 35.46 -21.72 -62.09
C SER B 213 35.47 -21.69 -60.57
N LYS B 214 35.89 -20.58 -59.99
CA LYS B 214 35.93 -20.47 -58.54
C LYS B 214 34.51 -20.45 -57.97
N GLU B 215 34.41 -20.54 -56.65
CA GLU B 215 33.12 -20.59 -56.00
C GLU B 215 32.54 -19.19 -55.81
N LEU B 216 31.26 -19.05 -56.13
CA LEU B 216 30.55 -17.79 -56.15
C LEU B 216 29.45 -17.78 -55.08
N PRO B 217 29.11 -16.61 -54.55
CA PRO B 217 27.90 -16.52 -53.75
C PRO B 217 26.68 -16.89 -54.57
N CYS B 218 25.76 -17.63 -53.95
CA CYS B 218 24.53 -18.01 -54.63
C CYS B 218 23.82 -16.81 -55.24
N GLY B 219 23.90 -15.66 -54.57
CA GLY B 219 23.14 -14.50 -55.01
C GLY B 219 23.51 -14.01 -56.40
N GLU B 220 24.75 -14.23 -56.83
CA GLU B 220 25.19 -13.76 -58.13
C GLU B 220 25.29 -14.86 -59.18
N ARG B 221 25.67 -16.07 -58.79
CA ARG B 221 25.70 -17.16 -59.75
C ARG B 221 24.32 -17.40 -60.34
N TYR B 222 23.27 -17.28 -59.53
CA TYR B 222 21.90 -17.31 -60.03
C TYR B 222 21.38 -15.87 -60.13
N SER B 223 22.05 -15.10 -60.99
CA SER B 223 21.81 -13.66 -61.05
C SER B 223 20.34 -13.34 -61.31
N VAL B 224 19.79 -13.91 -62.39
CA VAL B 224 18.40 -13.61 -62.73
C VAL B 224 17.45 -14.12 -61.65
N ALA B 225 17.79 -15.26 -61.04
CA ALA B 225 16.93 -15.82 -60.02
C ALA B 225 16.64 -14.82 -58.90
N PHE B 226 17.68 -14.16 -58.40
CA PHE B 226 17.49 -13.21 -57.31
C PHE B 226 17.10 -11.83 -57.81
N PHE B 227 17.49 -11.47 -59.03
CA PHE B 227 17.04 -10.20 -59.59
C PHE B 227 15.52 -10.17 -59.69
N CYS B 228 14.92 -11.26 -60.16
CA CYS B 228 13.47 -11.32 -60.27
C CYS B 228 12.82 -11.23 -58.90
N LEU B 229 13.34 -11.97 -57.93
CA LEU B 229 12.79 -11.92 -56.57
C LEU B 229 12.81 -10.50 -56.02
N ASP B 230 13.96 -9.84 -56.11
CA ASP B 230 14.09 -8.51 -55.55
C ASP B 230 13.14 -7.52 -56.23
N THR B 231 13.13 -7.53 -57.56
CA THR B 231 12.24 -6.62 -58.28
C THR B 231 10.79 -6.87 -57.92
N ALA B 232 10.40 -8.14 -57.79
CA ALA B 232 9.01 -8.48 -57.51
C ALA B 232 8.60 -8.00 -56.13
N CYS B 233 9.45 -8.23 -55.12
CA CYS B 233 9.07 -7.78 -53.77
C CYS B 233 9.06 -6.26 -53.69
N VAL B 234 9.96 -5.59 -54.43
CA VAL B 234 9.87 -4.13 -54.55
C VAL B 234 8.50 -3.73 -55.07
N MET B 235 8.02 -4.44 -56.10
CA MET B 235 6.71 -4.17 -56.65
C MET B 235 5.62 -4.30 -55.58
N ILE B 236 5.68 -5.38 -54.80
CA ILE B 236 4.63 -5.61 -53.80
C ILE B 236 4.63 -4.50 -52.76
N PHE B 237 5.81 -4.10 -52.31
CA PHE B 237 5.90 -3.04 -51.30
C PHE B 237 5.38 -1.72 -51.85
N THR B 238 5.67 -1.42 -53.11
CA THR B 238 5.18 -0.17 -53.70
C THR B 238 3.67 -0.18 -53.81
N VAL B 239 3.11 -1.31 -54.25
CA VAL B 239 1.66 -1.40 -54.41
C VAL B 239 0.96 -1.26 -53.07
N GLU B 240 1.56 -1.81 -52.01
CA GLU B 240 1.00 -1.59 -50.67
C GLU B 240 1.10 -0.13 -50.27
N TYR B 241 2.25 0.49 -50.55
CA TYR B 241 2.50 1.85 -50.09
C TYR B 241 1.52 2.84 -50.69
N LEU B 242 1.20 2.67 -51.97
CA LEU B 242 0.30 3.62 -52.64
C LEU B 242 -1.07 3.65 -51.97
N LEU B 243 -1.73 2.49 -51.90
CA LEU B 243 -3.03 2.41 -51.25
C LEU B 243 -2.96 2.81 -49.79
N ARG B 244 -1.80 2.64 -49.14
CA ARG B 244 -1.66 3.14 -47.77
C ARG B 244 -1.74 4.66 -47.74
N LEU B 245 -0.96 5.32 -48.61
CA LEU B 245 -0.92 6.77 -48.61
C LEU B 245 -2.28 7.37 -48.98
N PHE B 246 -2.96 6.77 -49.95
CA PHE B 246 -4.08 7.45 -50.60
C PHE B 246 -5.22 7.73 -49.62
N ALA B 247 -5.31 6.99 -48.53
CA ALA B 247 -6.47 7.10 -47.66
C ALA B 247 -6.16 7.82 -46.35
N ALA B 248 -5.09 8.58 -46.29
CA ALA B 248 -4.73 9.27 -45.06
C ALA B 248 -5.52 10.55 -44.91
N PRO B 249 -6.01 10.87 -43.71
CA PRO B 249 -6.62 12.19 -43.49
C PRO B 249 -5.70 13.31 -43.93
N SER B 250 -4.49 13.33 -43.42
CA SER B 250 -3.44 14.21 -43.93
C SER B 250 -2.55 13.36 -44.82
N ARG B 251 -2.69 13.55 -46.13
CA ARG B 251 -1.73 12.97 -47.06
C ARG B 251 -0.32 13.50 -46.84
N TYR B 252 -0.13 14.41 -45.89
CA TYR B 252 1.19 14.87 -45.48
C TYR B 252 1.64 14.25 -44.16
N ARG B 253 0.82 14.33 -43.11
CA ARG B 253 1.24 13.79 -41.82
C ARG B 253 1.55 12.30 -41.92
N PHE B 254 0.98 11.63 -42.91
CA PHE B 254 1.39 10.28 -43.25
C PHE B 254 2.81 10.25 -43.80
N ILE B 255 3.30 11.34 -44.38
CA ILE B 255 4.65 11.31 -44.92
C ILE B 255 5.68 11.56 -43.84
N ARG B 256 5.33 12.31 -42.79
CA ARG B 256 6.21 12.43 -41.64
C ARG B 256 6.06 11.26 -40.68
N SER B 257 5.46 10.15 -41.11
CA SER B 257 5.16 9.06 -40.19
C SER B 257 6.41 8.27 -39.85
N VAL B 258 6.28 7.41 -38.84
CA VAL B 258 7.41 6.60 -38.42
C VAL B 258 7.67 5.49 -39.43
N MET B 259 6.65 5.05 -40.15
CA MET B 259 6.82 4.00 -41.16
C MET B 259 6.91 4.55 -42.57
N SER B 260 6.58 5.83 -42.76
CA SER B 260 6.75 6.45 -44.07
C SER B 260 8.18 6.31 -44.55
N ILE B 261 9.13 6.87 -43.78
CA ILE B 261 10.53 6.78 -44.14
C ILE B 261 10.99 5.33 -44.14
N ILE B 262 10.36 4.49 -43.32
CA ILE B 262 10.65 3.06 -43.35
C ILE B 262 10.47 2.51 -44.75
N ASP B 263 9.26 2.62 -45.30
CA ASP B 263 9.03 2.07 -46.64
C ASP B 263 9.81 2.82 -47.70
N VAL B 264 10.02 4.13 -47.51
CA VAL B 264 10.78 4.92 -48.48
C VAL B 264 12.19 4.37 -48.63
N VAL B 265 12.91 4.26 -47.51
CA VAL B 265 14.28 3.74 -47.56
C VAL B 265 14.29 2.24 -47.75
N ALA B 266 13.14 1.58 -47.58
CA ALA B 266 13.06 0.18 -47.94
C ALA B 266 13.11 0.00 -49.45
N ILE B 267 12.44 0.89 -50.18
CA ILE B 267 12.34 0.71 -51.63
C ILE B 267 13.49 1.38 -52.37
N MET B 268 13.90 2.57 -51.94
CA MET B 268 14.79 3.41 -52.74
C MET B 268 16.10 2.73 -53.15
N PRO B 269 16.81 2.01 -52.25
CA PRO B 269 18.06 1.35 -52.67
C PRO B 269 17.87 0.29 -53.75
N TYR B 270 16.64 0.09 -54.21
CA TYR B 270 16.47 -0.64 -55.45
C TYR B 270 16.43 0.29 -56.65
N TYR B 271 15.73 1.41 -56.53
CA TYR B 271 15.64 2.33 -57.66
C TYR B 271 17.01 2.89 -58.01
N ILE B 272 17.84 3.13 -56.99
CA ILE B 272 19.20 3.54 -57.32
C ILE B 272 20.01 2.37 -57.85
N GLY B 273 19.59 1.14 -57.56
CA GLY B 273 20.26 -0.03 -58.10
C GLY B 273 19.94 -0.20 -59.58
N LEU B 274 18.80 0.35 -59.98
CA LEU B 274 18.50 0.45 -61.41
C LEU B 274 19.20 1.62 -62.07
N VAL B 275 19.09 2.81 -61.50
CA VAL B 275 19.68 4.00 -62.12
C VAL B 275 21.19 3.82 -62.29
N MET B 276 21.82 3.16 -61.31
CA MET B 276 23.27 3.03 -61.24
C MET B 276 23.71 1.58 -61.33
N THR B 277 23.15 0.82 -62.28
CA THR B 277 23.53 -0.57 -62.48
C THR B 277 25.04 -0.66 -62.69
N ASN B 278 25.62 -1.85 -62.52
CA ASN B 278 27.07 -2.03 -62.34
C ASN B 278 27.94 -1.42 -63.44
N ASN B 279 27.33 -0.93 -64.52
CA ASN B 279 28.10 -0.24 -65.55
C ASN B 279 28.85 0.96 -64.97
N GLU B 280 28.14 1.83 -64.26
CA GLU B 280 28.73 2.99 -63.58
C GLU B 280 28.72 2.68 -62.09
N ASP B 281 29.79 2.02 -61.63
CA ASP B 281 29.85 1.58 -60.25
C ASP B 281 31.29 1.29 -59.87
N VAL B 282 31.62 1.57 -58.61
CA VAL B 282 32.92 1.27 -58.03
C VAL B 282 32.70 0.63 -56.66
N SER B 283 33.56 -0.31 -56.30
CA SER B 283 33.36 -1.12 -55.09
C SER B 283 33.08 -0.27 -53.86
N GLY B 284 33.60 0.96 -53.82
CA GLY B 284 33.42 1.80 -52.66
C GLY B 284 32.22 2.73 -52.76
N ALA B 285 31.20 2.33 -53.51
CA ALA B 285 30.05 3.20 -53.70
C ALA B 285 28.69 2.52 -53.62
N PHE B 286 28.61 1.20 -53.60
CA PHE B 286 27.32 0.53 -53.73
C PHE B 286 26.86 -0.19 -52.47
N VAL B 287 27.76 -0.78 -51.69
CA VAL B 287 27.33 -1.42 -50.45
C VAL B 287 26.76 -0.41 -49.49
N THR B 288 27.20 0.85 -49.59
CA THR B 288 26.69 1.89 -48.70
C THR B 288 25.20 2.08 -48.85
N LEU B 289 24.62 1.63 -49.96
CA LEU B 289 23.18 1.61 -50.12
C LEU B 289 22.61 0.20 -50.12
N ARG B 290 23.45 -0.79 -50.45
CA ARG B 290 23.00 -2.17 -50.38
C ARG B 290 22.71 -2.58 -48.95
N VAL B 291 23.44 -2.03 -47.99
CA VAL B 291 23.24 -2.36 -46.59
C VAL B 291 21.82 -2.03 -46.17
N PHE B 292 21.29 -0.93 -46.66
CA PHE B 292 19.96 -0.49 -46.27
C PHE B 292 18.89 -1.51 -46.55
N ARG B 293 19.18 -2.53 -47.36
CA ARG B 293 18.14 -3.48 -47.75
C ARG B 293 17.49 -4.13 -46.54
N VAL B 294 18.26 -4.40 -45.49
CA VAL B 294 17.69 -4.97 -44.27
C VAL B 294 16.74 -4.01 -43.59
N PHE B 295 16.74 -2.74 -43.97
CA PHE B 295 15.92 -1.76 -43.26
C PHE B 295 14.45 -1.99 -43.55
N ARG B 296 14.15 -2.93 -44.45
CA ARG B 296 12.76 -3.27 -44.70
C ARG B 296 12.22 -4.24 -43.68
N ILE B 297 13.08 -4.84 -42.86
CA ILE B 297 12.61 -5.77 -41.86
C ILE B 297 11.73 -5.07 -40.83
N PHE B 298 11.86 -3.75 -40.70
CA PHE B 298 11.08 -3.03 -39.71
C PHE B 298 9.61 -3.00 -40.05
N LYS B 299 9.23 -3.34 -41.27
CA LYS B 299 7.80 -3.36 -41.61
C LYS B 299 7.04 -4.34 -40.75
N PHE B 300 7.72 -5.29 -40.12
CA PHE B 300 7.08 -6.18 -39.17
C PHE B 300 6.46 -5.44 -38.00
N SER B 301 6.66 -4.12 -37.91
CA SER B 301 6.18 -3.39 -36.75
C SER B 301 4.68 -3.53 -36.57
N ARG B 302 3.90 -3.24 -37.60
CA ARG B 302 2.45 -3.30 -37.46
C ARG B 302 1.97 -4.72 -37.21
N HIS B 303 2.80 -5.71 -37.52
CA HIS B 303 2.42 -7.09 -37.27
C HIS B 303 2.44 -7.40 -35.78
N SER B 304 3.53 -7.04 -35.10
CA SER B 304 3.74 -7.37 -33.70
C SER B 304 3.57 -6.14 -32.82
N GLN B 305 2.72 -6.25 -31.80
CA GLN B 305 2.62 -5.18 -30.83
C GLN B 305 3.95 -4.95 -30.11
N GLY B 306 4.81 -5.97 -30.12
CA GLY B 306 6.04 -5.89 -29.36
C GLY B 306 7.00 -4.83 -29.87
N LEU B 307 7.30 -4.85 -31.18
CA LEU B 307 8.25 -3.88 -31.69
C LEU B 307 7.74 -2.46 -31.50
N ARG B 308 6.46 -2.23 -31.72
CA ARG B 308 5.95 -0.88 -31.57
C ARG B 308 6.00 -0.44 -30.11
N ILE B 309 5.64 -1.33 -29.19
CA ILE B 309 5.67 -0.93 -27.78
C ILE B 309 7.10 -0.71 -27.31
N LEU B 310 8.05 -1.48 -27.86
CA LEU B 310 9.44 -1.25 -27.52
C LEU B 310 9.92 0.08 -28.05
N GLY B 311 9.47 0.46 -29.25
CA GLY B 311 9.79 1.78 -29.75
C GLY B 311 9.20 2.87 -28.88
N TYR B 312 7.96 2.68 -28.43
CA TYR B 312 7.31 3.72 -27.65
C TYR B 312 8.00 3.88 -26.29
N THR B 313 8.49 2.78 -25.72
CA THR B 313 9.20 2.89 -24.46
C THR B 313 10.65 3.33 -24.64
N LEU B 314 11.22 3.16 -25.83
CA LEU B 314 12.48 3.84 -26.10
C LEU B 314 12.27 5.34 -26.15
N LYS B 315 11.15 5.77 -26.72
CA LYS B 315 10.87 7.21 -26.78
C LYS B 315 10.56 7.76 -25.40
N SER B 316 9.84 6.99 -24.58
CA SER B 316 9.48 7.47 -23.26
C SER B 316 10.67 7.59 -22.33
N CYS B 317 11.74 6.81 -22.56
CA CYS B 317 12.91 6.84 -21.72
C CYS B 317 14.03 7.67 -22.32
N ALA B 318 13.71 8.56 -23.25
CA ALA B 318 14.73 9.25 -24.02
C ALA B 318 15.67 10.06 -23.14
N SER B 319 15.26 10.38 -21.92
CA SER B 319 16.13 11.17 -21.05
C SER B 319 17.29 10.34 -20.52
N GLU B 320 17.09 9.03 -20.36
CA GLU B 320 18.08 8.17 -19.72
C GLU B 320 19.15 7.70 -20.69
N LEU B 321 18.80 7.45 -21.95
CA LEU B 321 19.80 7.01 -22.90
C LEU B 321 20.81 8.10 -23.20
N GLY B 322 20.40 9.36 -23.12
CA GLY B 322 21.37 10.44 -23.27
C GLY B 322 22.44 10.40 -22.19
N PHE B 323 22.01 10.26 -20.94
CA PHE B 323 22.98 10.19 -19.86
C PHE B 323 23.82 8.93 -19.95
N LEU B 324 23.22 7.82 -20.37
CA LEU B 324 23.99 6.61 -20.57
C LEU B 324 25.08 6.83 -21.62
N LEU B 325 24.72 7.46 -22.73
CA LEU B 325 25.69 7.68 -23.79
C LEU B 325 26.81 8.59 -23.31
N PHE B 326 26.46 9.65 -22.58
CA PHE B 326 27.49 10.56 -22.10
C PHE B 326 28.42 9.88 -21.11
N SER B 327 27.85 9.14 -20.15
CA SER B 327 28.67 8.47 -19.16
C SER B 327 29.57 7.45 -19.82
N LEU B 328 29.02 6.63 -20.72
CA LEU B 328 29.83 5.67 -21.45
C LEU B 328 30.96 6.35 -22.19
N THR B 329 30.69 7.48 -22.84
CA THR B 329 31.73 8.13 -23.64
C THR B 329 32.85 8.66 -22.77
N MET B 330 32.51 9.37 -21.71
CA MET B 330 33.59 9.88 -20.87
C MET B 330 34.32 8.76 -20.15
N ALA B 331 33.62 7.70 -19.77
CA ALA B 331 34.30 6.60 -19.08
C ALA B 331 35.26 5.90 -20.01
N ILE B 332 34.85 5.68 -21.26
CA ILE B 332 35.77 5.18 -22.26
C ILE B 332 36.98 6.09 -22.36
N ILE B 333 36.76 7.41 -22.39
CA ILE B 333 37.88 8.33 -22.52
C ILE B 333 38.86 8.16 -21.37
N ILE B 334 38.35 8.22 -20.15
CA ILE B 334 39.22 8.15 -18.97
C ILE B 334 40.00 6.85 -18.97
N PHE B 335 39.30 5.73 -19.08
CA PHE B 335 39.98 4.46 -18.94
C PHE B 335 40.88 4.17 -20.12
N ALA B 336 40.55 4.69 -21.31
CA ALA B 336 41.42 4.53 -22.45
C ALA B 336 42.72 5.29 -22.25
N THR B 337 42.64 6.51 -21.73
CA THR B 337 43.86 7.26 -21.45
C THR B 337 44.71 6.53 -20.43
N VAL B 338 44.09 6.08 -19.34
CA VAL B 338 44.84 5.45 -18.27
C VAL B 338 45.53 4.18 -18.76
N MET B 339 44.78 3.30 -19.43
CA MET B 339 45.38 2.07 -19.93
C MET B 339 46.44 2.38 -20.97
N PHE B 340 46.20 3.40 -21.79
CA PHE B 340 47.16 3.77 -22.82
C PHE B 340 48.49 4.14 -22.21
N TYR B 341 48.47 5.07 -21.26
CA TYR B 341 49.71 5.52 -20.64
C TYR B 341 50.34 4.47 -19.75
N ALA B 342 49.54 3.58 -19.17
CA ALA B 342 50.12 2.51 -18.37
C ALA B 342 50.85 1.51 -19.24
N GLU B 343 50.14 0.94 -20.22
CA GLU B 343 50.66 -0.17 -21.00
C GLU B 343 51.29 0.30 -22.30
N LYS B 344 51.61 1.58 -22.43
CA LYS B 344 52.15 2.06 -23.70
C LYS B 344 53.51 1.43 -23.99
N GLY B 345 54.46 1.55 -23.07
CA GLY B 345 55.79 1.06 -23.34
C GLY B 345 55.97 -0.41 -23.03
N SER B 346 55.78 -1.24 -24.04
CA SER B 346 55.98 -2.69 -23.91
C SER B 346 56.46 -3.22 -25.25
N SER B 347 56.66 -4.54 -25.30
CA SER B 347 57.31 -5.17 -26.45
C SER B 347 56.57 -4.89 -27.75
N ALA B 348 55.38 -5.46 -27.89
CA ALA B 348 54.53 -5.24 -29.04
C ALA B 348 53.18 -4.69 -28.59
N SER B 349 53.22 -3.81 -27.61
CA SER B 349 52.03 -3.30 -26.95
C SER B 349 51.04 -2.79 -27.98
N LYS B 350 49.95 -3.52 -28.19
CA LYS B 350 48.97 -3.15 -29.19
C LYS B 350 48.13 -1.97 -28.76
N PHE B 351 48.53 -1.27 -27.69
CA PHE B 351 47.89 -0.01 -27.30
C PHE B 351 48.63 1.17 -27.92
N THR B 352 48.58 1.25 -29.25
CA THR B 352 49.35 2.27 -29.95
C THR B 352 48.72 3.66 -29.86
N SER B 353 47.49 3.79 -29.36
CA SER B 353 46.85 5.08 -29.39
C SER B 353 45.63 5.08 -28.49
N ILE B 354 45.18 6.28 -28.15
CA ILE B 354 43.89 6.43 -27.47
C ILE B 354 42.79 5.97 -28.42
N PRO B 355 42.86 6.25 -29.72
CA PRO B 355 41.95 5.59 -30.64
C PRO B 355 42.16 4.09 -30.73
N ALA B 356 43.30 3.59 -30.24
CA ALA B 356 43.52 2.16 -30.22
C ALA B 356 43.14 1.52 -28.90
N SER B 357 42.69 2.32 -27.93
CA SER B 357 42.25 1.79 -26.66
C SER B 357 40.82 2.17 -26.35
N PHE B 358 40.06 2.56 -27.37
CA PHE B 358 38.62 2.56 -27.22
C PHE B 358 38.07 1.17 -27.43
N TRP B 359 38.65 0.42 -28.37
CA TRP B 359 38.21 -0.95 -28.59
C TRP B 359 38.33 -1.77 -27.32
N TYR B 360 39.53 -1.81 -26.74
CA TYR B 360 39.75 -2.60 -25.55
C TYR B 360 38.83 -2.17 -24.42
N THR B 361 38.58 -0.88 -24.28
CA THR B 361 37.84 -0.46 -23.12
C THR B 361 36.34 -0.69 -23.29
N ILE B 362 35.82 -0.59 -24.51
CA ILE B 362 34.41 -0.94 -24.65
C ILE B 362 34.22 -2.44 -24.63
N VAL B 363 35.26 -3.21 -24.96
CA VAL B 363 35.18 -4.65 -24.77
C VAL B 363 35.16 -4.99 -23.28
N THR B 364 36.07 -4.42 -22.51
CA THR B 364 36.13 -4.74 -21.09
C THR B 364 34.90 -4.22 -20.35
N MET B 365 34.60 -2.93 -20.47
CA MET B 365 33.49 -2.35 -19.73
C MET B 365 32.20 -3.10 -19.93
N THR B 366 32.06 -3.82 -21.04
CA THR B 366 30.84 -4.54 -21.33
C THR B 366 30.94 -6.00 -20.96
N THR B 367 32.06 -6.42 -20.39
CA THR B 367 32.28 -7.80 -19.99
C THR B 367 32.20 -8.74 -21.17
N LEU B 368 32.69 -8.32 -22.32
CA LEU B 368 32.94 -9.29 -23.38
C LEU B 368 34.27 -9.98 -23.18
N GLY B 369 35.36 -9.24 -23.27
CA GLY B 369 36.64 -9.86 -23.11
C GLY B 369 36.95 -10.82 -24.24
N TYR B 370 37.23 -10.29 -25.42
CA TYR B 370 37.64 -11.14 -26.53
C TYR B 370 39.00 -11.75 -26.25
N GLY B 371 39.91 -10.98 -25.71
CA GLY B 371 41.24 -11.47 -25.42
C GLY B 371 42.29 -11.08 -26.43
N ASP B 372 41.91 -10.31 -27.45
CA ASP B 372 42.88 -9.91 -28.46
C ASP B 372 43.89 -8.91 -27.90
N MET B 373 43.44 -8.01 -27.03
CA MET B 373 44.31 -7.06 -26.35
C MET B 373 44.10 -7.19 -24.85
N VAL B 374 45.15 -7.56 -24.13
CA VAL B 374 45.10 -7.65 -22.67
C VAL B 374 46.34 -6.98 -22.09
N PRO B 375 46.21 -6.25 -20.99
CA PRO B 375 47.39 -5.61 -20.41
C PRO B 375 48.37 -6.64 -19.90
N LYS B 376 49.63 -6.25 -19.85
CA LYS B 376 50.67 -7.14 -19.34
C LYS B 376 51.62 -6.45 -18.38
N THR B 377 51.26 -5.27 -17.89
CA THR B 377 52.03 -4.62 -16.85
C THR B 377 51.55 -5.14 -15.49
N ILE B 378 51.90 -4.43 -14.42
CA ILE B 378 51.25 -4.60 -13.13
C ILE B 378 50.37 -3.41 -12.80
N ALA B 379 50.37 -2.37 -13.61
CA ALA B 379 49.44 -1.27 -13.46
C ALA B 379 48.27 -1.40 -14.42
N GLY B 380 48.54 -1.86 -15.64
CA GLY B 380 47.45 -2.07 -16.58
C GLY B 380 46.42 -3.05 -16.08
N LYS B 381 46.87 -4.09 -15.40
CA LYS B 381 45.94 -5.06 -14.84
C LYS B 381 45.03 -4.41 -13.81
N ILE B 382 45.59 -3.55 -12.96
CA ILE B 382 44.78 -2.89 -11.96
C ILE B 382 43.70 -2.03 -12.61
N PHE B 383 44.10 -1.24 -13.59
CA PHE B 383 43.14 -0.36 -14.23
C PHE B 383 42.12 -1.10 -15.07
N GLY B 384 42.46 -2.24 -15.64
CA GLY B 384 41.45 -3.02 -16.33
C GLY B 384 40.45 -3.64 -15.36
N SER B 385 40.95 -4.16 -14.25
CA SER B 385 40.04 -4.71 -13.24
C SER B 385 39.10 -3.65 -12.72
N ILE B 386 39.60 -2.43 -12.56
CA ILE B 386 38.70 -1.34 -12.15
C ILE B 386 37.75 -1.02 -13.29
N CYS B 387 38.23 -1.09 -14.53
CA CYS B 387 37.41 -0.68 -15.66
C CYS B 387 36.20 -1.57 -15.81
N SER B 388 36.39 -2.87 -15.60
CA SER B 388 35.28 -3.79 -15.80
C SER B 388 34.15 -3.53 -14.82
N LEU B 389 34.49 -3.40 -13.54
CA LEU B 389 33.50 -3.06 -12.54
C LEU B 389 32.84 -1.72 -12.86
N SER B 390 33.64 -0.75 -13.32
CA SER B 390 33.07 0.55 -13.64
C SER B 390 32.07 0.46 -14.78
N GLY B 391 32.33 -0.43 -15.73
CA GLY B 391 31.37 -0.62 -16.81
C GLY B 391 30.12 -1.31 -16.34
N VAL B 392 30.26 -2.37 -15.55
CA VAL B 392 29.09 -3.01 -14.94
C VAL B 392 28.24 -1.99 -14.22
N LEU B 393 28.88 -1.06 -13.51
CA LEU B 393 28.14 -0.03 -12.80
C LEU B 393 27.45 0.92 -13.76
N VAL B 394 28.20 1.49 -14.72
CA VAL B 394 27.67 2.56 -15.56
C VAL B 394 26.53 2.04 -16.43
N ILE B 395 26.70 0.86 -17.02
CA ILE B 395 25.67 0.35 -17.91
C ILE B 395 24.43 -0.13 -17.17
N ALA B 396 24.55 -0.45 -15.88
CA ALA B 396 23.41 -0.95 -15.15
C ALA B 396 22.51 0.15 -14.64
N LEU B 397 22.67 1.38 -15.12
CA LEU B 397 21.78 2.48 -14.74
C LEU B 397 20.52 2.54 -15.60
N PRO B 398 20.61 2.43 -16.94
CA PRO B 398 19.37 2.47 -17.71
C PRO B 398 18.56 1.19 -17.61
N VAL B 399 19.20 0.04 -17.61
CA VAL B 399 18.49 -1.23 -17.69
C VAL B 399 17.49 -1.44 -16.55
N PRO B 400 17.56 -0.75 -15.41
CA PRO B 400 16.38 -0.74 -14.54
C PRO B 400 15.20 -0.05 -15.19
N VAL B 401 15.38 1.21 -15.57
CA VAL B 401 14.24 2.02 -15.96
C VAL B 401 13.67 1.54 -17.28
N ILE B 402 14.54 1.09 -18.19
CA ILE B 402 14.06 0.69 -19.51
C ILE B 402 13.16 -0.53 -19.41
N VAL B 403 13.61 -1.54 -18.67
CA VAL B 403 12.76 -2.72 -18.54
C VAL B 403 11.53 -2.41 -17.70
N SER B 404 11.66 -1.51 -16.71
CA SER B 404 10.50 -1.16 -15.91
C SER B 404 9.43 -0.53 -16.78
N ASN B 405 9.83 0.39 -17.64
CA ASN B 405 8.86 1.06 -18.50
C ASN B 405 8.35 0.15 -19.60
N PHE B 406 9.16 -0.79 -20.08
CA PHE B 406 8.62 -1.78 -21.00
C PHE B 406 7.49 -2.56 -20.37
N SER B 407 7.75 -3.14 -19.19
CA SER B 407 6.69 -3.81 -18.45
C SER B 407 5.51 -2.88 -18.22
N ARG B 408 5.80 -1.63 -17.91
CA ARG B 408 4.75 -0.68 -17.56
C ARG B 408 3.82 -0.44 -18.74
N ILE B 409 4.39 -0.12 -19.90
CA ILE B 409 3.57 0.13 -21.07
C ILE B 409 2.84 -1.13 -21.50
N TYR B 410 3.47 -2.29 -21.39
CA TYR B 410 2.78 -3.50 -21.83
C TYR B 410 1.60 -3.81 -20.93
N HIS B 411 1.76 -3.68 -19.61
CA HIS B 411 0.62 -3.88 -18.73
C HIS B 411 -0.43 -2.81 -18.91
N GLN B 412 -0.02 -1.59 -19.21
CA GLN B 412 -0.99 -0.54 -19.49
C GLN B 412 -1.85 -0.90 -20.70
N ASN B 413 -1.22 -1.32 -21.79
CA ASN B 413 -1.98 -1.74 -22.96
C ASN B 413 -2.81 -2.98 -22.66
N GLN B 414 -2.32 -3.86 -21.80
CA GLN B 414 -3.10 -5.05 -21.45
C GLN B 414 -4.39 -4.67 -20.74
N ARG B 415 -4.30 -3.84 -19.71
CA ARG B 415 -5.52 -3.40 -19.05
C ARG B 415 -6.37 -2.54 -19.99
N ALA B 416 -5.76 -1.86 -20.95
CA ALA B 416 -6.53 -1.11 -21.94
C ALA B 416 -7.40 -2.05 -22.78
N ASP B 417 -6.80 -3.10 -23.32
CA ASP B 417 -7.58 -4.01 -24.15
C ASP B 417 -8.66 -4.69 -23.32
N LYS B 418 -8.34 -5.09 -22.10
CA LYS B 418 -9.35 -5.74 -21.29
C LYS B 418 -10.46 -4.77 -20.90
N ARG B 419 -10.13 -3.50 -20.68
CA ARG B 419 -11.15 -2.51 -20.38
C ARG B 419 -12.08 -2.31 -21.56
N ARG B 420 -11.51 -2.21 -22.77
CA ARG B 420 -12.35 -2.09 -23.94
C ARG B 420 -13.24 -3.32 -24.11
N ALA B 421 -12.70 -4.51 -23.82
CA ALA B 421 -13.51 -5.72 -23.93
C ALA B 421 -14.63 -5.74 -22.91
N GLN B 422 -14.35 -5.31 -21.68
CA GLN B 422 -15.40 -5.22 -20.68
C GLN B 422 -16.44 -4.19 -21.07
N LYS B 423 -16.02 -3.15 -21.78
CA LYS B 423 -16.98 -2.23 -22.38
C LYS B 423 -17.81 -2.90 -23.47
N LYS B 424 -17.19 -3.80 -24.24
CA LYS B 424 -17.92 -4.53 -25.27
C LYS B 424 -18.83 -5.59 -24.66
N ALA B 425 -18.63 -5.95 -23.40
CA ALA B 425 -19.65 -6.73 -22.70
C ALA B 425 -20.95 -5.96 -22.65
N ARG B 426 -20.93 -4.79 -22.03
CA ARG B 426 -22.08 -3.88 -22.00
C ARG B 426 -22.67 -3.65 -23.38
N SER B 470 -47.95 3.30 -13.28
CA SER B 470 -46.62 3.45 -12.72
C SER B 470 -46.42 4.84 -12.15
N LEU B 471 -47.37 5.74 -12.45
CA LEU B 471 -47.43 7.13 -12.03
C LEU B 471 -46.20 7.94 -12.44
N ILE B 472 -45.33 7.36 -13.27
CA ILE B 472 -44.29 8.09 -13.97
C ILE B 472 -44.38 7.89 -15.47
N GLU B 473 -44.52 6.64 -15.90
CA GLU B 473 -44.70 6.41 -17.33
C GLU B 473 -45.99 7.02 -17.82
N SER B 474 -46.98 7.18 -16.95
CA SER B 474 -48.18 7.92 -17.34
C SER B 474 -47.81 9.35 -17.69
N GLN B 475 -47.12 10.04 -16.78
CA GLN B 475 -46.74 11.43 -17.02
C GLN B 475 -45.74 11.56 -18.15
N HIS B 476 -44.87 10.57 -18.32
CA HIS B 476 -43.89 10.66 -19.38
C HIS B 476 -44.53 10.42 -20.74
N HIS B 477 -45.37 9.41 -20.84
CA HIS B 477 -45.99 9.10 -22.13
C HIS B 477 -47.09 10.10 -22.46
N HIS B 478 -47.57 10.83 -21.46
CA HIS B 478 -48.52 11.89 -21.75
C HIS B 478 -47.93 12.92 -22.68
N LEU B 479 -46.65 13.24 -22.50
CA LEU B 479 -45.99 14.13 -23.44
C LEU B 479 -45.96 13.53 -24.83
N LEU B 480 -45.61 12.24 -24.91
CA LEU B 480 -45.49 11.59 -26.20
C LEU B 480 -46.82 11.60 -26.95
N HIS B 481 -47.90 11.28 -26.25
CA HIS B 481 -49.23 11.52 -26.79
C HIS B 481 -49.35 12.96 -27.28
N CYS B 482 -49.02 13.92 -26.41
CA CYS B 482 -49.19 15.33 -26.73
C CYS B 482 -48.33 15.78 -27.90
N LEU B 483 -47.41 14.94 -28.37
CA LEU B 483 -46.67 15.25 -29.58
C LEU B 483 -47.35 14.72 -30.83
N GLU B 484 -48.14 13.66 -30.72
CA GLU B 484 -48.89 13.23 -31.90
C GLU B 484 -50.08 14.15 -32.16
N LYS B 485 -50.17 15.31 -31.52
CA LYS B 485 -51.01 16.35 -32.09
C LYS B 485 -50.56 16.71 -33.50
N THR B 486 -49.27 16.62 -33.77
CA THR B 486 -48.79 16.61 -35.14
C THR B 486 -49.20 15.30 -35.77
N THR B 487 -49.39 15.31 -37.08
CA THR B 487 -49.85 14.10 -37.73
C THR B 487 -48.96 13.73 -38.90
N GLY C 50 -31.40 34.82 -3.85
CA GLY C 50 -31.84 34.52 -2.50
C GLY C 50 -33.22 33.92 -2.52
N LEU C 51 -33.42 32.85 -1.75
CA LEU C 51 -34.69 32.12 -1.81
C LEU C 51 -35.88 33.05 -1.67
N GLU C 52 -35.79 34.07 -0.83
CA GLU C 52 -36.92 34.96 -0.65
C GLU C 52 -36.99 36.03 -1.75
N GLN C 53 -35.86 36.50 -2.26
CA GLN C 53 -35.93 37.45 -3.36
C GLN C 53 -36.51 36.80 -4.60
N LEU C 54 -36.53 35.47 -4.63
CA LEU C 54 -36.98 34.74 -5.81
C LEU C 54 -38.40 34.25 -5.61
N GLU C 55 -38.76 33.90 -4.38
CA GLU C 55 -40.13 33.50 -4.10
C GLU C 55 -41.12 34.60 -4.50
N ALA C 56 -40.77 35.86 -4.23
CA ALA C 56 -41.68 36.97 -4.50
C ALA C 56 -41.65 37.41 -5.95
N GLN C 57 -41.03 36.64 -6.85
CA GLN C 57 -41.08 36.92 -8.27
C GLN C 57 -41.83 35.83 -9.02
N THR C 58 -41.42 34.58 -8.81
CA THR C 58 -42.05 33.44 -9.45
C THR C 58 -43.33 33.05 -8.71
N ASN C 59 -44.12 32.21 -9.37
CA ASN C 59 -45.39 31.80 -8.80
C ASN C 59 -45.27 30.63 -7.85
N PHE C 60 -44.14 29.94 -7.84
CA PHE C 60 -43.95 28.82 -6.95
C PHE C 60 -44.03 29.27 -5.49
N THR C 61 -44.07 28.30 -4.62
CA THR C 61 -44.05 28.53 -3.18
C THR C 61 -42.61 28.46 -2.69
N LYS C 62 -42.42 28.31 -1.38
CA LYS C 62 -41.08 28.06 -0.89
C LYS C 62 -40.69 26.60 -1.10
N ARG C 63 -41.56 25.68 -0.66
CA ARG C 63 -41.23 24.26 -0.75
C ARG C 63 -40.97 23.84 -2.18
N GLU C 64 -41.72 24.37 -3.12
CA GLU C 64 -41.51 23.98 -4.50
C GLU C 64 -40.33 24.67 -5.14
N LEU C 65 -39.71 25.61 -4.45
CA LEU C 65 -38.43 26.14 -4.91
C LEU C 65 -37.28 25.33 -4.34
N GLN C 66 -37.38 24.93 -3.08
CA GLN C 66 -36.38 24.00 -2.55
C GLN C 66 -36.37 22.72 -3.35
N VAL C 67 -37.55 22.15 -3.61
CA VAL C 67 -37.64 20.82 -4.19
C VAL C 67 -37.11 20.76 -5.60
N LEU C 68 -36.93 21.89 -6.24
CA LEU C 68 -36.31 21.87 -7.55
C LEU C 68 -34.95 22.53 -7.62
N TYR C 69 -34.57 23.37 -6.66
CA TYR C 69 -33.17 23.68 -6.57
C TYR C 69 -32.39 22.43 -6.29
N ARG C 70 -32.92 21.57 -5.43
CA ARG C 70 -32.25 20.30 -5.18
C ARG C 70 -32.08 19.51 -6.47
N GLY C 71 -33.15 19.38 -7.25
CA GLY C 71 -33.07 18.59 -8.47
C GLY C 71 -32.15 19.22 -9.51
N PHE C 72 -32.26 20.51 -9.72
CA PHE C 72 -31.36 21.23 -10.61
C PHE C 72 -29.92 21.01 -10.20
N LYS C 73 -29.57 21.43 -8.99
CA LYS C 73 -28.18 21.33 -8.56
C LYS C 73 -27.67 19.90 -8.54
N ASN C 74 -28.55 18.92 -8.39
CA ASN C 74 -28.05 17.55 -8.24
C ASN C 74 -27.44 17.02 -9.52
N GLU C 75 -27.89 17.49 -10.68
CA GLU C 75 -27.33 17.00 -11.93
C GLU C 75 -26.28 17.93 -12.52
N CYS C 76 -26.49 19.23 -12.48
CA CYS C 76 -25.43 20.18 -12.82
C CYS C 76 -25.12 20.99 -11.57
N PRO C 77 -24.00 20.73 -10.89
CA PRO C 77 -23.75 21.42 -9.62
C PRO C 77 -23.54 22.90 -9.80
N SER C 78 -24.57 23.52 -10.36
CA SER C 78 -24.71 24.95 -10.51
C SER C 78 -23.41 25.61 -10.97
N GLY C 79 -22.87 25.09 -12.06
CA GLY C 79 -22.07 26.00 -12.83
C GLY C 79 -23.05 26.96 -13.48
N VAL C 80 -23.70 26.50 -14.55
CA VAL C 80 -25.02 26.87 -15.06
C VAL C 80 -25.23 25.91 -16.23
N VAL C 81 -26.47 25.61 -16.59
CA VAL C 81 -26.70 24.78 -17.77
C VAL C 81 -26.23 25.51 -19.02
N ASN C 82 -25.49 24.79 -19.86
CA ASN C 82 -25.15 25.17 -21.22
C ASN C 82 -25.85 24.21 -22.18
N GLU C 83 -25.79 24.52 -23.47
CA GLU C 83 -26.50 23.70 -24.45
C GLU C 83 -26.18 22.23 -24.26
N ASP C 84 -24.91 21.90 -24.09
CA ASP C 84 -24.52 20.51 -23.96
C ASP C 84 -25.21 19.82 -22.80
N THR C 85 -25.91 20.56 -21.94
CA THR C 85 -26.72 19.93 -20.91
C THR C 85 -28.20 19.88 -21.30
N PHE C 86 -28.70 20.89 -22.01
CA PHE C 86 -30.07 20.80 -22.54
C PHE C 86 -30.19 19.67 -23.55
N LYS C 87 -29.31 19.65 -24.54
CA LYS C 87 -29.38 18.69 -25.63
C LYS C 87 -29.36 17.25 -25.15
N GLN C 88 -29.07 17.01 -23.87
CA GLN C 88 -29.15 15.66 -23.32
C GLN C 88 -30.18 15.52 -22.23
N ILE C 89 -30.48 16.57 -21.47
CA ILE C 89 -31.56 16.51 -20.51
C ILE C 89 -32.91 16.43 -21.22
N TYR C 90 -33.08 17.19 -22.29
CA TYR C 90 -34.28 17.07 -23.11
C TYR C 90 -34.31 15.75 -23.85
N ALA C 91 -33.19 15.36 -24.43
CA ALA C 91 -33.14 14.15 -25.25
C ALA C 91 -33.48 12.90 -24.47
N GLN C 92 -33.22 12.86 -23.18
CA GLN C 92 -33.62 11.70 -22.38
C GLN C 92 -35.12 11.57 -22.26
N PHE C 93 -35.88 12.58 -22.71
CA PHE C 93 -37.32 12.50 -22.76
C PHE C 93 -37.86 12.11 -24.12
N PHE C 94 -37.06 12.26 -25.18
CA PHE C 94 -37.49 11.96 -26.54
C PHE C 94 -36.54 10.95 -27.15
N PRO C 95 -36.68 9.68 -26.82
CA PRO C 95 -36.00 8.65 -27.59
C PRO C 95 -36.61 8.59 -28.97
N HIS C 96 -36.14 7.67 -29.82
CA HIS C 96 -36.65 7.52 -31.17
C HIS C 96 -36.91 8.87 -31.82
N GLY C 97 -35.92 9.74 -31.79
CA GLY C 97 -36.08 11.07 -32.36
C GLY C 97 -34.89 11.93 -32.01
N ASP C 98 -34.80 13.06 -32.70
CA ASP C 98 -33.74 14.02 -32.46
C ASP C 98 -34.30 15.19 -31.67
N ALA C 99 -33.68 15.48 -30.53
CA ALA C 99 -34.11 16.56 -29.66
C ALA C 99 -33.15 17.73 -29.67
N SER C 100 -32.01 17.63 -30.33
CA SER C 100 -31.02 18.69 -30.26
C SER C 100 -31.47 19.93 -30.99
N THR C 101 -31.92 19.79 -32.23
CA THR C 101 -32.16 20.96 -33.05
C THR C 101 -33.35 21.76 -32.58
N TYR C 102 -34.27 21.17 -31.83
CA TYR C 102 -35.32 21.99 -31.24
C TYR C 102 -34.86 22.61 -29.93
N ALA C 103 -34.20 21.81 -29.08
CA ALA C 103 -33.67 22.35 -27.84
C ALA C 103 -32.83 23.58 -28.11
N HIS C 104 -32.19 23.64 -29.28
CA HIS C 104 -31.39 24.79 -29.65
C HIS C 104 -32.22 26.00 -30.03
N TYR C 105 -33.52 26.01 -29.75
CA TYR C 105 -34.27 27.25 -29.88
C TYR C 105 -34.80 27.73 -28.54
N LEU C 106 -35.32 26.83 -27.73
CA LEU C 106 -35.71 27.31 -26.43
C LEU C 106 -34.52 27.47 -25.50
N PHE C 107 -33.34 26.95 -25.84
CA PHE C 107 -32.16 27.36 -25.10
C PHE C 107 -31.92 28.83 -25.31
N ASN C 108 -32.10 29.30 -26.55
CA ASN C 108 -31.98 30.72 -26.83
C ASN C 108 -33.16 31.49 -26.25
N ALA C 109 -34.28 30.82 -26.03
CA ALA C 109 -35.44 31.50 -25.46
C ALA C 109 -35.28 31.73 -23.97
N PHE C 110 -35.07 30.66 -23.20
CA PHE C 110 -34.84 30.75 -21.76
C PHE C 110 -33.84 31.85 -21.43
N ASP C 111 -32.77 31.92 -22.21
CA ASP C 111 -31.63 32.79 -21.94
C ASP C 111 -31.96 34.26 -22.24
N THR C 112 -32.50 34.98 -21.25
CA THR C 112 -32.84 36.37 -21.47
C THR C 112 -31.63 37.21 -21.85
N THR C 113 -30.55 37.11 -21.09
CA THR C 113 -29.30 37.75 -21.49
C THR C 113 -28.72 36.97 -22.67
N GLN C 114 -27.56 37.39 -23.15
CA GLN C 114 -26.97 36.76 -24.33
C GLN C 114 -25.72 35.98 -23.99
N THR C 115 -25.63 35.46 -22.77
CA THR C 115 -24.52 34.62 -22.38
C THR C 115 -24.61 33.27 -23.08
N GLY C 116 -23.72 32.36 -22.71
CA GLY C 116 -23.77 31.01 -23.23
C GLY C 116 -24.35 30.06 -22.20
N SER C 117 -24.64 30.60 -21.02
CA SER C 117 -25.27 29.83 -19.94
C SER C 117 -25.74 30.84 -18.93
N VAL C 118 -27.04 30.87 -18.63
CA VAL C 118 -27.52 32.04 -17.90
C VAL C 118 -27.45 31.89 -16.38
N LYS C 119 -28.31 31.06 -15.78
CA LYS C 119 -28.37 31.03 -14.33
C LYS C 119 -29.38 29.98 -13.89
N PHE C 120 -29.66 29.90 -12.59
CA PHE C 120 -30.82 29.22 -12.05
C PHE C 120 -31.98 30.17 -11.82
N GLU C 121 -31.71 31.38 -11.35
CA GLU C 121 -32.80 32.31 -11.10
C GLU C 121 -33.56 32.61 -12.38
N ASP C 122 -32.85 32.86 -13.47
CA ASP C 122 -33.49 33.10 -14.75
C ASP C 122 -33.95 31.82 -15.42
N PHE C 123 -33.79 30.69 -14.76
CA PHE C 123 -34.36 29.42 -15.21
C PHE C 123 -35.75 29.25 -14.63
N VAL C 124 -35.85 29.31 -13.31
CA VAL C 124 -37.16 29.24 -12.69
C VAL C 124 -38.00 30.46 -12.99
N THR C 125 -37.39 31.61 -13.28
CA THR C 125 -38.20 32.74 -13.64
C THR C 125 -38.97 32.50 -14.92
N ALA C 126 -38.49 31.62 -15.79
CA ALA C 126 -39.26 31.26 -16.98
C ALA C 126 -40.09 30.00 -16.81
N LEU C 127 -39.64 29.05 -16.00
CA LEU C 127 -40.51 27.95 -15.61
C LEU C 127 -41.81 28.44 -14.99
N SER C 128 -41.73 29.38 -14.05
CA SER C 128 -42.94 29.84 -13.40
C SER C 128 -43.88 30.49 -14.39
N ILE C 129 -43.33 31.23 -15.35
CA ILE C 129 -44.18 31.86 -16.36
C ILE C 129 -44.82 30.80 -17.26
N LEU C 130 -44.01 29.88 -17.80
CA LEU C 130 -44.54 28.90 -18.74
C LEU C 130 -45.56 27.98 -18.09
N LEU C 131 -45.41 27.68 -16.81
CA LEU C 131 -46.41 26.80 -16.19
C LEU C 131 -47.56 27.58 -15.60
N ARG C 132 -47.31 28.44 -14.63
CA ARG C 132 -48.40 29.10 -13.92
C ARG C 132 -48.52 30.58 -14.24
N GLY C 133 -47.92 31.03 -15.32
CA GLY C 133 -48.05 32.41 -15.72
C GLY C 133 -49.39 32.69 -16.35
N THR C 134 -49.58 33.94 -16.73
CA THR C 134 -50.81 34.34 -17.40
C THR C 134 -50.74 34.01 -18.89
N VAL C 135 -51.91 33.74 -19.46
CA VAL C 135 -51.97 33.38 -20.87
C VAL C 135 -51.37 34.47 -21.72
N HIS C 136 -51.65 35.73 -21.39
CA HIS C 136 -51.09 36.85 -22.12
C HIS C 136 -49.57 36.96 -21.93
N GLU C 137 -49.02 36.30 -20.92
CA GLU C 137 -47.59 36.28 -20.74
C GLU C 137 -46.97 35.03 -21.36
N LYS C 138 -47.62 33.88 -21.20
CA LYS C 138 -47.16 32.67 -21.88
C LYS C 138 -47.06 32.90 -23.37
N LEU C 139 -48.08 33.54 -23.94
CA LEU C 139 -48.10 33.76 -25.38
C LEU C 139 -46.94 34.64 -25.81
N ARG C 140 -46.64 35.67 -25.02
CA ARG C 140 -45.49 36.50 -25.33
C ARG C 140 -44.21 35.68 -25.28
N TRP C 141 -44.09 34.79 -24.30
CA TRP C 141 -42.87 33.99 -24.19
C TRP C 141 -42.70 33.10 -25.41
N THR C 142 -43.74 32.33 -25.75
CA THR C 142 -43.66 31.48 -26.93
C THR C 142 -43.36 32.32 -28.17
N PHE C 143 -43.92 33.53 -28.23
CA PHE C 143 -43.66 34.40 -29.37
C PHE C 143 -42.18 34.73 -29.45
N ASN C 144 -41.58 35.10 -28.32
CA ASN C 144 -40.15 35.36 -28.31
C ASN C 144 -39.36 34.12 -28.70
N LEU C 145 -39.91 32.94 -28.45
CA LEU C 145 -39.25 31.74 -28.96
C LEU C 145 -39.32 31.67 -30.47
N TYR C 146 -40.49 31.99 -31.04
CA TYR C 146 -40.68 31.84 -32.47
C TYR C 146 -39.89 32.87 -33.26
N ASP C 147 -39.61 34.02 -32.67
CA ASP C 147 -38.94 35.12 -33.37
C ASP C 147 -37.44 34.85 -33.44
N ILE C 148 -37.05 33.97 -34.37
CA ILE C 148 -35.67 33.47 -34.40
C ILE C 148 -34.68 34.59 -34.67
N ASN C 149 -35.01 35.55 -35.54
CA ASN C 149 -34.09 36.66 -35.80
C ASN C 149 -34.06 37.69 -34.67
N LYS C 150 -34.69 37.40 -33.54
CA LYS C 150 -34.64 38.19 -32.32
C LYS C 150 -35.13 39.62 -32.50
N ASP C 151 -35.66 39.95 -33.67
CA ASP C 151 -35.97 41.34 -34.00
C ASP C 151 -37.42 41.71 -33.70
N GLY C 152 -38.35 40.79 -33.94
CA GLY C 152 -39.75 41.06 -33.73
C GLY C 152 -40.62 40.68 -34.92
N TYR C 153 -40.08 39.84 -35.79
CA TYR C 153 -40.77 39.45 -37.01
C TYR C 153 -40.50 37.97 -37.29
N ILE C 154 -41.56 37.22 -37.56
CA ILE C 154 -41.45 35.82 -37.95
C ILE C 154 -41.78 35.73 -39.43
N ASN C 155 -40.86 35.15 -40.20
CA ASN C 155 -41.14 34.87 -41.60
C ASN C 155 -41.61 33.43 -41.75
N LYS C 156 -42.37 33.18 -42.82
CA LYS C 156 -42.93 31.86 -43.04
C LYS C 156 -41.85 30.78 -43.02
N GLU C 157 -40.76 31.00 -43.76
CA GLU C 157 -39.65 30.06 -43.67
C GLU C 157 -38.96 30.11 -42.33
N GLU C 158 -39.00 31.24 -41.63
CA GLU C 158 -38.37 31.29 -40.31
C GLU C 158 -39.05 30.31 -39.36
N MET C 159 -40.35 30.47 -39.14
CA MET C 159 -41.04 29.51 -38.29
C MET C 159 -41.04 28.13 -38.92
N MET C 160 -40.87 28.06 -40.24
CA MET C 160 -40.61 26.76 -40.84
C MET C 160 -39.37 26.13 -40.25
N ASP C 161 -38.39 26.94 -39.89
CA ASP C 161 -37.21 26.39 -39.23
C ASP C 161 -37.54 25.76 -37.88
N ILE C 162 -38.65 26.14 -37.25
CA ILE C 162 -39.05 25.54 -35.98
C ILE C 162 -39.88 24.28 -36.23
N VAL C 163 -40.73 24.32 -37.25
CA VAL C 163 -41.57 23.15 -37.52
C VAL C 163 -40.74 22.01 -38.12
N LYS C 164 -39.74 22.34 -38.94
CA LYS C 164 -38.82 21.32 -39.40
C LYS C 164 -37.98 20.75 -38.27
N ALA C 165 -38.00 21.40 -37.12
CA ALA C 165 -37.34 20.88 -35.93
C ALA C 165 -38.24 19.95 -35.13
N ILE C 166 -39.48 20.38 -34.90
CA ILE C 166 -40.42 19.48 -34.23
C ILE C 166 -40.60 18.21 -35.04
N TYR C 167 -40.99 18.34 -36.31
CA TYR C 167 -41.21 17.15 -37.15
C TYR C 167 -39.99 16.26 -37.20
N ASP C 168 -38.80 16.85 -37.06
CA ASP C 168 -37.59 16.07 -36.88
C ASP C 168 -37.63 15.31 -35.55
N MET C 169 -38.09 15.96 -34.50
CA MET C 169 -38.22 15.33 -33.20
C MET C 169 -39.26 14.22 -33.20
N MET C 170 -40.12 14.18 -34.21
CA MET C 170 -41.20 13.20 -34.24
C MET C 170 -40.65 11.78 -34.26
N GLY C 171 -39.70 11.49 -35.14
CA GLY C 171 -39.12 10.17 -35.17
C GLY C 171 -38.47 9.89 -36.50
N LYS C 172 -37.94 8.66 -36.61
CA LYS C 172 -37.27 8.27 -37.84
C LYS C 172 -38.27 8.06 -38.97
N TYR C 173 -39.38 7.38 -38.69
CA TYR C 173 -40.42 7.10 -39.67
C TYR C 173 -41.72 7.69 -39.17
N THR C 174 -42.37 8.49 -40.01
CA THR C 174 -43.65 9.05 -39.61
C THR C 174 -44.69 7.95 -39.51
N TYR C 175 -45.50 8.01 -38.47
CA TYR C 175 -46.47 6.94 -38.24
C TYR C 175 -47.42 6.78 -39.42
N PRO C 176 -48.10 7.83 -39.93
CA PRO C 176 -48.73 7.72 -41.24
C PRO C 176 -47.73 8.07 -42.32
N VAL C 177 -48.20 8.23 -43.55
CA VAL C 177 -47.31 8.57 -44.65
C VAL C 177 -46.56 9.87 -44.34
N LEU C 178 -45.30 9.92 -44.78
CA LEU C 178 -44.44 11.07 -44.55
C LEU C 178 -44.41 11.92 -45.81
N LYS C 179 -44.57 13.23 -45.65
CA LYS C 179 -44.55 14.17 -46.76
C LYS C 179 -43.74 15.39 -46.37
N GLU C 180 -42.78 15.75 -47.22
CA GLU C 180 -41.89 16.86 -46.92
C GLU C 180 -42.48 18.21 -47.33
N ASP C 181 -43.52 18.20 -48.16
CA ASP C 181 -44.18 19.45 -48.52
C ASP C 181 -45.22 19.83 -47.48
N THR C 182 -45.64 18.89 -46.65
CA THR C 182 -46.63 19.11 -45.62
C THR C 182 -46.14 19.97 -44.43
N PRO C 183 -44.85 19.96 -44.09
CA PRO C 183 -44.37 20.99 -43.17
C PRO C 183 -44.47 22.36 -43.81
N ARG C 184 -44.72 22.36 -45.12
CA ARG C 184 -44.90 23.59 -45.88
C ARG C 184 -46.33 24.08 -45.83
N GLN C 185 -47.30 23.20 -45.61
CA GLN C 185 -48.66 23.68 -45.36
C GLN C 185 -48.85 23.97 -43.88
N HIS C 186 -48.28 23.14 -43.01
CA HIS C 186 -48.47 23.30 -41.57
C HIS C 186 -47.97 24.66 -41.11
N VAL C 187 -47.01 25.23 -41.84
CA VAL C 187 -46.61 26.59 -41.54
C VAL C 187 -47.59 27.60 -42.12
N ASP C 188 -47.99 27.43 -43.38
CA ASP C 188 -48.87 28.41 -43.98
C ASP C 188 -50.25 28.41 -43.35
N VAL C 189 -50.79 27.23 -43.00
CA VAL C 189 -52.04 27.16 -42.26
C VAL C 189 -51.95 27.98 -40.98
N PHE C 190 -50.73 28.19 -40.48
CA PHE C 190 -50.53 29.13 -39.40
C PHE C 190 -51.04 30.52 -39.78
N PHE C 191 -50.40 31.13 -40.79
CA PHE C 191 -50.74 32.48 -41.21
C PHE C 191 -52.23 32.64 -41.49
N GLN C 192 -52.89 31.59 -41.99
CA GLN C 192 -54.31 31.68 -42.31
C GLN C 192 -55.12 32.26 -41.16
N LYS C 193 -54.69 32.03 -39.92
CA LYS C 193 -55.24 32.75 -38.78
C LYS C 193 -54.37 33.90 -38.34
N MET C 194 -53.04 33.70 -38.32
CA MET C 194 -52.13 34.59 -37.64
C MET C 194 -51.79 35.85 -38.43
N ASP C 195 -52.49 36.13 -39.53
CA ASP C 195 -52.18 37.29 -40.36
C ASP C 195 -53.45 38.05 -40.65
N LYS C 196 -53.76 39.05 -39.82
CA LYS C 196 -54.86 39.96 -40.10
C LYS C 196 -54.47 41.03 -41.10
N ASN C 197 -53.23 41.01 -41.60
CA ASN C 197 -52.80 41.84 -42.70
C ASN C 197 -52.82 41.11 -44.03
N LYS C 198 -52.81 39.78 -44.01
CA LYS C 198 -52.75 38.96 -45.22
C LYS C 198 -51.56 39.32 -46.09
N ASP C 199 -50.43 39.62 -45.44
CA ASP C 199 -49.21 39.95 -46.14
C ASP C 199 -48.18 38.84 -46.11
N GLY C 200 -48.15 38.04 -45.05
CA GLY C 200 -47.13 37.04 -44.88
C GLY C 200 -46.03 37.39 -43.90
N ILE C 201 -46.26 38.36 -43.03
CA ILE C 201 -45.31 38.74 -42.00
C ILE C 201 -46.09 39.05 -40.73
N VAL C 202 -45.57 38.60 -39.58
CA VAL C 202 -46.32 38.58 -38.33
C VAL C 202 -45.49 39.20 -37.22
N THR C 203 -46.12 40.04 -36.41
CA THR C 203 -45.55 40.62 -35.21
C THR C 203 -46.40 40.24 -34.01
N LEU C 204 -45.97 40.69 -32.83
CA LEU C 204 -46.53 40.19 -31.57
C LEU C 204 -48.03 40.44 -31.48
N ASP C 205 -48.45 41.67 -31.75
CA ASP C 205 -49.88 41.92 -31.78
C ASP C 205 -50.53 41.16 -32.91
N GLU C 206 -49.88 41.16 -34.08
CA GLU C 206 -50.41 40.43 -35.23
C GLU C 206 -50.35 38.92 -35.03
N PHE C 207 -49.59 38.45 -34.04
CA PHE C 207 -49.61 37.04 -33.70
C PHE C 207 -50.68 36.72 -32.66
N LEU C 208 -50.87 37.61 -31.68
CA LEU C 208 -51.81 37.30 -30.60
C LEU C 208 -53.26 37.53 -31.03
N GLU C 209 -53.52 38.55 -31.84
CA GLU C 209 -54.90 38.96 -32.09
C GLU C 209 -55.69 37.89 -32.82
N SER C 210 -55.05 36.76 -33.11
CA SER C 210 -55.73 35.61 -33.67
C SER C 210 -55.65 34.39 -32.78
N CYS C 211 -54.92 34.46 -31.68
CA CYS C 211 -54.57 33.30 -30.87
C CYS C 211 -55.23 33.33 -29.50
N GLN C 212 -56.23 34.18 -29.32
CA GLN C 212 -56.94 34.32 -28.06
C GLN C 212 -58.34 33.73 -28.10
N GLU C 213 -58.82 33.32 -29.27
CA GLU C 213 -60.14 32.72 -29.39
C GLU C 213 -60.11 31.24 -29.73
N ASP C 214 -58.96 30.70 -30.12
CA ASP C 214 -58.84 29.28 -30.42
C ASP C 214 -58.95 28.49 -29.12
N ASP C 215 -60.18 28.25 -28.67
CA ASP C 215 -60.44 27.75 -27.33
C ASP C 215 -59.56 26.56 -26.97
N ASN C 216 -59.26 25.71 -27.95
CA ASN C 216 -58.55 24.48 -27.65
C ASN C 216 -57.16 24.78 -27.08
N ILE C 217 -56.49 25.82 -27.55
CA ILE C 217 -55.17 26.10 -27.00
C ILE C 217 -55.29 26.84 -25.69
N MET C 218 -56.26 27.73 -25.55
CA MET C 218 -56.46 28.34 -24.24
C MET C 218 -56.93 27.33 -23.21
N ARG C 219 -57.21 26.09 -23.62
CA ARG C 219 -57.31 24.97 -22.70
C ARG C 219 -56.09 24.07 -22.73
N SER C 220 -55.23 24.20 -23.74
CA SER C 220 -53.95 23.53 -23.75
C SER C 220 -52.77 24.46 -23.55
N LEU C 221 -53.01 25.76 -23.42
CA LEU C 221 -52.03 26.60 -22.76
C LEU C 221 -52.19 26.55 -21.26
N GLN C 222 -53.13 25.76 -20.77
CA GLN C 222 -53.40 25.63 -19.34
C GLN C 222 -53.46 24.18 -18.94
N LEU C 223 -52.59 23.35 -19.52
CA LEU C 223 -52.58 21.95 -19.14
C LEU C 223 -52.00 21.78 -17.74
N PHE C 224 -50.74 22.12 -17.58
CA PHE C 224 -49.99 21.78 -16.37
C PHE C 224 -50.13 22.80 -15.26
N GLN C 225 -50.97 23.79 -15.41
CA GLN C 225 -50.89 24.75 -14.32
C GLN C 225 -51.57 24.29 -13.07
N ASN C 226 -51.76 22.99 -12.87
CA ASN C 226 -52.21 22.48 -11.58
C ASN C 226 -51.38 21.29 -11.14
N VAL C 227 -50.81 20.56 -12.09
CA VAL C 227 -50.05 19.37 -11.76
C VAL C 227 -48.71 19.78 -11.16
N MET C 228 -48.24 19.01 -10.19
CA MET C 228 -46.98 19.28 -9.51
C MET C 228 -46.52 18.05 -8.78
N MET D 1 -42.83 21.17 -7.22
CA MET D 1 -43.27 20.08 -8.08
C MET D 1 -42.59 18.78 -7.71
N ALA D 2 -42.66 17.81 -8.61
CA ALA D 2 -42.15 16.47 -8.32
C ALA D 2 -40.64 16.50 -8.17
N ALA D 3 -40.12 15.53 -7.42
CA ALA D 3 -38.71 15.44 -7.09
C ALA D 3 -38.15 14.08 -7.44
N GLY D 4 -36.88 13.88 -7.17
CA GLY D 4 -36.27 12.58 -7.28
C GLY D 4 -36.07 12.08 -8.70
N VAL D 5 -36.83 11.08 -9.11
CA VAL D 5 -36.65 10.51 -10.44
C VAL D 5 -37.32 11.39 -11.49
N ALA D 6 -38.50 11.91 -11.18
CA ALA D 6 -39.17 12.80 -12.11
C ALA D 6 -38.85 14.25 -11.79
N ALA D 7 -37.57 14.56 -11.62
CA ALA D 7 -37.21 15.87 -11.11
C ALA D 7 -37.05 16.90 -12.20
N TRP D 8 -36.72 16.47 -13.41
CA TRP D 8 -36.58 17.36 -14.55
C TRP D 8 -37.82 17.37 -15.43
N LEU D 9 -38.84 16.66 -15.03
CA LEU D 9 -40.04 16.58 -15.84
C LEU D 9 -40.80 17.90 -15.84
N PRO D 10 -40.69 18.75 -14.82
CA PRO D 10 -41.24 20.10 -14.99
C PRO D 10 -40.60 20.85 -16.13
N PHE D 11 -39.32 20.64 -16.36
CA PHE D 11 -38.65 21.34 -17.45
C PHE D 11 -39.24 20.93 -18.79
N ALA D 12 -39.49 19.64 -18.98
CA ALA D 12 -40.08 19.21 -20.24
C ALA D 12 -41.54 19.62 -20.34
N ARG D 13 -42.27 19.58 -19.23
CA ARG D 13 -43.63 20.09 -19.24
C ARG D 13 -43.66 21.55 -19.66
N ALA D 14 -42.65 22.32 -19.26
CA ALA D 14 -42.59 23.71 -19.67
C ALA D 14 -42.24 23.85 -21.14
N ALA D 15 -41.21 23.14 -21.57
CA ALA D 15 -40.83 23.19 -22.98
C ALA D 15 -41.98 22.80 -23.88
N ALA D 16 -42.85 21.90 -23.43
CA ALA D 16 -43.97 21.47 -24.26
C ALA D 16 -44.83 22.64 -24.71
N ILE D 17 -44.94 23.67 -23.89
CA ILE D 17 -45.77 24.81 -24.25
C ILE D 17 -45.26 25.51 -25.50
N GLY D 18 -44.05 25.18 -25.96
CA GLY D 18 -43.63 25.71 -27.24
C GLY D 18 -44.46 25.21 -28.41
N TRP D 19 -45.24 24.15 -28.24
CA TRP D 19 -45.99 23.56 -29.34
C TRP D 19 -47.40 24.09 -29.45
N MET D 20 -48.01 24.45 -28.32
CA MET D 20 -49.45 24.69 -28.31
C MET D 20 -49.95 25.66 -29.37
N PRO D 21 -49.26 26.76 -29.72
CA PRO D 21 -49.77 27.60 -30.79
C PRO D 21 -49.78 26.91 -32.14
N VAL D 22 -48.64 26.34 -32.55
CA VAL D 22 -48.56 25.66 -33.85
C VAL D 22 -49.28 24.33 -33.84
N ALA D 23 -49.84 23.92 -32.70
CA ALA D 23 -50.54 22.65 -32.57
C ALA D 23 -51.96 22.78 -33.14
N ASN D 24 -52.07 22.58 -34.45
CA ASN D 24 -53.38 22.75 -35.07
C ASN D 24 -54.33 21.60 -34.72
N CYS D 25 -53.81 20.48 -34.23
CA CYS D 25 -54.65 19.37 -33.82
C CYS D 25 -55.76 19.87 -32.89
N PRO D 26 -56.92 19.25 -32.94
CA PRO D 26 -58.05 19.74 -32.12
C PRO D 26 -57.71 19.88 -30.65
N MET D 27 -57.37 18.78 -30.00
CA MET D 27 -57.27 18.75 -28.55
C MET D 27 -55.94 18.16 -28.14
N PRO D 28 -55.48 18.45 -26.94
CA PRO D 28 -54.37 17.70 -26.34
C PRO D 28 -54.91 16.52 -25.54
N LEU D 29 -53.98 15.79 -24.95
CA LEU D 29 -54.34 14.78 -23.96
C LEU D 29 -54.35 15.45 -22.60
N ALA D 30 -55.47 15.35 -21.88
CA ALA D 30 -55.51 15.81 -20.51
C ALA D 30 -54.38 15.15 -19.72
N PRO D 31 -53.83 15.82 -18.70
CA PRO D 31 -52.61 15.32 -18.05
C PRO D 31 -52.83 14.04 -17.29
N ALA D 32 -51.81 13.57 -16.59
CA ALA D 32 -51.89 12.31 -15.85
C ALA D 32 -52.03 12.53 -14.35
N ASP D 33 -52.79 13.54 -13.94
CA ASP D 33 -52.85 13.90 -12.53
C ASP D 33 -53.47 12.78 -11.71
N LYS D 34 -52.99 12.64 -10.48
CA LYS D 34 -53.52 11.68 -9.52
C LYS D 34 -53.28 12.21 -8.11
N ASN D 35 -53.35 11.33 -7.11
CA ASN D 35 -53.11 11.74 -5.74
C ASN D 35 -51.74 12.38 -5.60
N LYS D 36 -51.64 13.31 -4.66
CA LYS D 36 -50.42 14.09 -4.47
C LYS D 36 -50.05 14.11 -2.99
N ARG D 37 -48.74 14.07 -2.72
CA ARG D 37 -48.26 14.24 -1.36
C ARG D 37 -46.76 14.52 -1.41
N GLN D 38 -46.29 15.26 -0.41
CA GLN D 38 -44.95 15.81 -0.41
C GLN D 38 -43.91 14.74 -0.07
N ASP D 39 -42.65 15.14 -0.16
CA ASP D 39 -41.56 14.27 0.25
C ASP D 39 -41.43 14.26 1.76
N GLU D 40 -40.76 13.24 2.27
CA GLU D 40 -40.56 13.11 3.70
C GLU D 40 -39.25 12.38 3.93
N LEU D 41 -38.66 12.63 5.09
CA LEU D 41 -37.39 12.02 5.45
C LEU D 41 -37.65 10.62 5.99
N ILE D 42 -37.39 9.62 5.17
CA ILE D 42 -37.37 8.25 5.66
C ILE D 42 -36.16 8.09 6.56
N VAL D 43 -36.35 7.45 7.70
CA VAL D 43 -35.33 7.31 8.73
C VAL D 43 -34.82 5.89 8.79
N LEU D 44 -33.80 5.58 8.01
CA LEU D 44 -33.21 4.27 8.08
C LEU D 44 -32.40 4.20 9.37
N ASN D 45 -32.50 3.10 10.09
CA ASN D 45 -31.81 3.02 11.38
C ASN D 45 -30.96 1.77 11.33
N VAL D 46 -29.79 1.88 10.71
CA VAL D 46 -28.97 0.72 10.45
C VAL D 46 -28.10 0.47 11.66
N SER D 47 -28.44 -0.54 12.45
CA SER D 47 -27.68 -0.95 13.62
C SER D 47 -27.32 0.23 14.50
N GLY D 48 -28.35 0.93 14.96
CA GLY D 48 -28.12 2.03 15.86
C GLY D 48 -27.77 3.31 15.14
N ARG D 49 -27.05 3.22 14.05
CA ARG D 49 -26.62 4.43 13.35
C ARG D 49 -27.72 4.88 12.42
N ARG D 50 -28.18 6.11 12.57
CA ARG D 50 -29.34 6.58 11.86
C ARG D 50 -28.94 7.30 10.59
N PHE D 51 -29.40 6.80 9.44
CA PHE D 51 -29.30 7.47 8.15
C PHE D 51 -30.65 8.05 7.79
N GLN D 52 -30.65 9.09 6.98
CA GLN D 52 -31.89 9.73 6.60
C GLN D 52 -31.87 10.07 5.12
N THR D 53 -33.04 10.04 4.49
CA THR D 53 -33.04 10.37 3.07
C THR D 53 -34.45 10.67 2.60
N TRP D 54 -34.59 11.49 1.56
CA TRP D 54 -35.88 11.74 0.98
C TRP D 54 -36.44 10.47 0.36
N ARG D 55 -37.73 10.22 0.56
CA ARG D 55 -38.29 8.98 0.06
C ARG D 55 -38.08 8.85 -1.44
N THR D 56 -38.21 9.94 -2.17
CA THR D 56 -37.99 9.92 -3.61
C THR D 56 -36.56 9.65 -4.00
N THR D 57 -35.62 9.72 -3.06
CA THR D 57 -34.30 9.19 -3.33
C THR D 57 -34.35 7.68 -3.33
N LEU D 58 -35.05 7.09 -2.37
CA LEU D 58 -35.09 5.64 -2.26
C LEU D 58 -35.81 5.01 -3.43
N GLU D 59 -36.84 5.65 -3.96
CA GLU D 59 -37.59 4.96 -5.01
C GLU D 59 -37.08 5.23 -6.41
N ARG D 60 -35.79 5.46 -6.59
CA ARG D 60 -35.25 5.57 -7.94
C ARG D 60 -34.89 4.24 -8.54
N TYR D 61 -34.79 3.18 -7.74
CA TYR D 61 -34.44 1.85 -8.25
C TYR D 61 -35.36 0.84 -7.59
N PRO D 62 -36.38 0.39 -8.29
CA PRO D 62 -37.48 -0.35 -7.65
C PRO D 62 -37.41 -1.87 -7.77
N ASP D 63 -36.36 -2.43 -8.34
CA ASP D 63 -36.12 -3.86 -8.23
C ASP D 63 -35.08 -4.19 -7.16
N THR D 64 -35.10 -3.47 -6.04
CA THR D 64 -34.14 -3.66 -4.97
C THR D 64 -34.88 -3.81 -3.65
N LEU D 65 -34.14 -3.89 -2.55
CA LEU D 65 -34.81 -3.99 -1.26
C LEU D 65 -35.31 -2.62 -0.83
N LEU D 66 -34.41 -1.68 -0.63
CA LEU D 66 -34.81 -0.39 -0.10
C LEU D 66 -35.78 0.32 -1.02
N GLY D 67 -35.70 0.08 -2.32
CA GLY D 67 -36.61 0.76 -3.24
C GLY D 67 -37.97 0.14 -3.30
N SER D 68 -38.06 -1.18 -3.25
CA SER D 68 -39.32 -1.87 -3.47
C SER D 68 -40.19 -1.75 -2.24
N THR D 69 -41.25 -2.55 -2.20
CA THR D 69 -42.17 -2.54 -1.08
C THR D 69 -41.93 -3.68 -0.13
N GLU D 70 -40.74 -4.28 -0.17
CA GLU D 70 -40.43 -5.34 0.76
C GLU D 70 -39.41 -4.91 1.78
N LYS D 71 -39.12 -3.62 1.85
CA LYS D 71 -38.51 -3.10 3.06
C LYS D 71 -39.54 -2.82 4.11
N GLU D 72 -40.75 -3.32 3.96
CA GLU D 72 -41.76 -3.20 4.99
C GLU D 72 -41.72 -4.35 5.97
N PHE D 73 -40.93 -5.37 5.69
CA PHE D 73 -40.69 -6.38 6.71
C PHE D 73 -39.72 -5.90 7.76
N PHE D 74 -39.13 -4.71 7.60
CA PHE D 74 -38.16 -4.19 8.54
C PHE D 74 -38.66 -2.93 9.22
N PHE D 75 -39.94 -2.62 9.08
CA PHE D 75 -40.54 -1.45 9.69
C PHE D 75 -40.90 -1.76 11.13
N ASN D 76 -40.61 -0.83 12.02
CA ASN D 76 -40.84 -1.02 13.44
C ASN D 76 -41.81 0.05 13.93
N GLU D 77 -43.10 -0.14 13.67
CA GLU D 77 -44.03 0.97 13.77
C GLU D 77 -44.26 1.42 15.20
N ASP D 78 -43.67 0.75 16.18
CA ASP D 78 -43.60 1.34 17.51
C ASP D 78 -42.73 2.58 17.52
N THR D 79 -41.94 2.79 16.46
CA THR D 79 -41.03 3.92 16.38
C THR D 79 -41.04 4.61 15.03
N LYS D 80 -41.60 4.01 13.99
CA LYS D 80 -41.62 4.58 12.65
C LYS D 80 -40.21 4.71 12.09
N GLU D 81 -39.39 3.70 12.34
CA GLU D 81 -38.02 3.69 11.88
C GLU D 81 -37.71 2.33 11.30
N TYR D 82 -37.10 2.31 10.13
CA TYR D 82 -36.63 1.05 9.58
C TYR D 82 -35.39 0.62 10.31
N PHE D 83 -35.42 -0.54 10.96
CA PHE D 83 -34.26 -1.03 11.69
C PHE D 83 -33.71 -2.24 10.97
N PHE D 84 -32.52 -2.10 10.41
CA PHE D 84 -31.77 -3.19 9.83
C PHE D 84 -30.69 -3.63 10.79
N ASP D 85 -30.61 -4.93 11.04
CA ASP D 85 -29.59 -5.47 11.93
C ASP D 85 -28.34 -5.84 11.15
N ARG D 86 -27.86 -4.91 10.34
CA ARG D 86 -26.79 -5.17 9.39
C ARG D 86 -25.59 -4.33 9.75
N ASP D 87 -24.65 -4.27 8.85
CA ASP D 87 -23.43 -3.49 9.05
C ASP D 87 -23.67 -2.02 8.71
N PRO D 88 -23.26 -1.09 9.56
CA PRO D 88 -23.45 0.33 9.26
C PRO D 88 -22.29 1.02 8.56
N GLU D 89 -21.29 0.33 8.07
CA GLU D 89 -20.23 0.95 7.30
C GLU D 89 -20.29 0.59 5.84
N VAL D 90 -21.16 -0.32 5.46
CA VAL D 90 -21.40 -0.65 4.06
C VAL D 90 -22.78 -0.24 3.60
N PHE D 91 -23.69 0.07 4.51
CA PHE D 91 -24.91 0.74 4.11
C PHE D 91 -24.63 2.12 3.59
N ARG D 92 -23.50 2.72 3.94
CA ARG D 92 -23.19 4.04 3.41
C ARG D 92 -23.01 4.00 1.90
N CYS D 93 -22.20 3.06 1.41
CA CYS D 93 -21.97 2.98 -0.03
C CYS D 93 -23.23 2.59 -0.78
N VAL D 94 -23.98 1.63 -0.24
CA VAL D 94 -25.27 1.30 -0.82
C VAL D 94 -26.13 2.52 -0.93
N LEU D 95 -26.16 3.35 0.09
CA LEU D 95 -27.05 4.49 0.04
C LEU D 95 -26.57 5.51 -0.97
N ASN D 96 -25.27 5.74 -1.03
CA ASN D 96 -24.77 6.69 -2.00
C ASN D 96 -24.95 6.18 -3.41
N PHE D 97 -25.19 4.89 -3.60
CA PHE D 97 -25.62 4.45 -4.92
C PHE D 97 -26.96 5.02 -5.26
N TYR D 98 -27.91 4.96 -4.33
CA TYR D 98 -29.24 5.46 -4.59
C TYR D 98 -29.25 6.97 -4.79
N ARG D 99 -28.35 7.67 -4.11
CA ARG D 99 -28.33 9.12 -4.27
C ARG D 99 -27.80 9.51 -5.64
N THR D 100 -26.55 9.18 -5.93
CA THR D 100 -26.00 9.54 -7.23
C THR D 100 -26.47 8.57 -8.30
N GLY D 101 -25.98 7.35 -8.26
CA GLY D 101 -26.28 6.41 -9.31
C GLY D 101 -25.11 5.51 -9.62
N LYS D 102 -23.97 5.76 -9.00
CA LYS D 102 -22.78 4.96 -9.19
C LYS D 102 -22.36 4.36 -7.87
N LEU D 103 -22.21 3.04 -7.84
CA LEU D 103 -21.84 2.33 -6.64
C LEU D 103 -20.34 2.30 -6.50
N HIS D 104 -19.86 2.43 -5.28
CA HIS D 104 -18.45 2.62 -5.02
C HIS D 104 -17.87 1.45 -4.24
N TYR D 105 -16.57 1.51 -4.02
CA TYR D 105 -15.87 0.49 -3.25
C TYR D 105 -14.84 1.14 -2.33
N PRO D 106 -15.00 1.04 -1.01
CA PRO D 106 -14.00 1.60 -0.11
C PRO D 106 -12.76 0.70 -0.09
N ARG D 107 -11.59 1.34 -0.14
CA ARG D 107 -10.36 0.58 -0.37
C ARG D 107 -10.17 -0.55 0.65
N TYR D 108 -10.84 -0.49 1.80
CA TYR D 108 -10.39 -1.27 2.95
C TYR D 108 -11.45 -2.20 3.52
N GLU D 109 -12.41 -2.64 2.73
CA GLU D 109 -13.41 -3.56 3.25
C GLU D 109 -13.07 -5.00 2.89
N CYS D 110 -13.25 -5.90 3.86
CA CYS D 110 -13.03 -7.31 3.58
C CYS D 110 -14.02 -7.76 2.53
N ILE D 111 -13.54 -7.91 1.29
CA ILE D 111 -14.38 -8.10 0.10
C ILE D 111 -15.53 -9.05 0.33
N SER D 112 -15.37 -10.03 1.22
CA SER D 112 -16.49 -10.91 1.53
C SER D 112 -17.62 -10.12 2.17
N ALA D 113 -17.28 -9.26 3.13
CA ALA D 113 -18.29 -8.43 3.76
C ALA D 113 -18.98 -7.55 2.75
N TYR D 114 -18.25 -7.00 1.81
CA TYR D 114 -18.90 -6.14 0.84
C TYR D 114 -19.84 -6.92 -0.05
N ASP D 115 -19.39 -8.06 -0.55
CA ASP D 115 -20.23 -8.83 -1.45
C ASP D 115 -21.52 -9.26 -0.79
N ASP D 116 -21.48 -9.70 0.46
CA ASP D 116 -22.76 -10.19 0.96
C ASP D 116 -23.68 -9.08 1.41
N GLU D 117 -23.16 -7.89 1.72
CA GLU D 117 -24.07 -6.75 1.89
C GLU D 117 -24.77 -6.46 0.58
N LEU D 118 -24.01 -6.34 -0.50
CA LEU D 118 -24.63 -6.13 -1.79
C LEU D 118 -25.67 -7.19 -2.08
N ALA D 119 -25.39 -8.42 -1.69
CA ALA D 119 -26.37 -9.48 -1.90
C ALA D 119 -27.63 -9.20 -1.12
N PHE D 120 -27.49 -8.82 0.14
CA PHE D 120 -28.66 -8.69 0.98
C PHE D 120 -29.56 -7.56 0.51
N TYR D 121 -28.98 -6.45 0.06
CA TYR D 121 -29.80 -5.28 -0.26
C TYR D 121 -30.44 -5.35 -1.62
N GLY D 122 -30.08 -6.30 -2.45
CA GLY D 122 -30.61 -6.39 -3.78
C GLY D 122 -29.67 -5.92 -4.86
N ILE D 123 -28.68 -5.12 -4.52
CA ILE D 123 -27.75 -4.63 -5.51
C ILE D 123 -26.94 -5.79 -6.07
N LEU D 124 -26.53 -5.67 -7.32
CA LEU D 124 -25.67 -6.60 -8.03
C LEU D 124 -24.29 -6.01 -8.18
N PRO D 125 -23.24 -6.79 -7.96
CA PRO D 125 -21.88 -6.27 -8.12
C PRO D 125 -21.54 -5.90 -9.54
N GLU D 126 -22.32 -6.35 -10.53
CA GLU D 126 -22.10 -5.93 -11.91
C GLU D 126 -22.06 -4.42 -12.06
N ILE D 127 -22.83 -3.69 -11.25
CA ILE D 127 -23.11 -2.30 -11.56
C ILE D 127 -22.10 -1.35 -10.94
N ILE D 128 -21.00 -1.87 -10.40
CA ILE D 128 -20.05 -1.00 -9.72
C ILE D 128 -19.54 0.05 -10.70
N GLY D 129 -19.45 1.29 -10.24
CA GLY D 129 -18.95 2.34 -11.10
C GLY D 129 -17.53 2.06 -11.54
N ASP D 130 -17.22 2.43 -12.76
CA ASP D 130 -15.92 2.07 -13.32
C ASP D 130 -14.78 2.77 -12.63
N CYS D 131 -15.04 3.93 -12.04
CA CYS D 131 -14.01 4.67 -11.31
C CYS D 131 -13.31 3.78 -10.31
N CYS D 132 -14.07 2.93 -9.63
CA CYS D 132 -13.52 1.95 -8.70
C CYS D 132 -14.14 0.61 -9.04
N TYR D 133 -13.63 -0.03 -10.09
CA TYR D 133 -14.15 -1.31 -10.55
C TYR D 133 -13.11 -2.40 -10.51
N GLU D 134 -11.93 -2.15 -11.06
CA GLU D 134 -11.00 -3.25 -11.21
C GLU D 134 -10.24 -3.57 -9.94
N GLU D 135 -10.12 -2.62 -9.01
CA GLU D 135 -9.56 -2.96 -7.70
C GLU D 135 -10.52 -3.86 -6.94
N TYR D 136 -11.82 -3.70 -7.17
CA TYR D 136 -12.76 -4.70 -6.73
C TYR D 136 -12.42 -6.05 -7.31
N LYS D 137 -12.02 -6.11 -8.58
CA LYS D 137 -11.67 -7.39 -9.19
C LYS D 137 -10.37 -7.94 -8.62
N ASP D 138 -9.42 -7.07 -8.29
CA ASP D 138 -8.18 -7.54 -7.68
C ASP D 138 -8.46 -8.18 -6.34
N ARG D 139 -9.22 -7.48 -5.49
CA ARG D 139 -9.61 -8.07 -4.22
C ARG D 139 -10.40 -9.35 -4.44
N LYS D 140 -11.25 -9.36 -5.46
CA LYS D 140 -12.04 -10.54 -5.74
C LYS D 140 -11.14 -11.74 -6.02
N ARG D 141 -10.20 -11.57 -6.95
CA ARG D 141 -9.35 -12.71 -7.34
C ARG D 141 -8.47 -13.15 -6.20
N GLU D 142 -7.87 -12.20 -5.47
CA GLU D 142 -7.02 -12.58 -4.35
C GLU D 142 -7.82 -13.33 -3.29
N ASN D 143 -9.04 -12.87 -3.01
CA ASN D 143 -9.87 -13.54 -2.02
C ASN D 143 -10.24 -14.95 -2.47
N ALA D 144 -10.68 -15.08 -3.72
CA ALA D 144 -11.03 -16.40 -4.24
C ALA D 144 -9.86 -17.35 -4.10
N GLU D 145 -8.68 -16.94 -4.59
CA GLU D 145 -7.47 -17.74 -4.46
C GLU D 145 -7.22 -18.12 -3.00
N ARG D 146 -7.35 -17.16 -2.09
CA ARG D 146 -7.18 -17.47 -0.66
C ARG D 146 -8.16 -18.53 -0.21
N LEU D 147 -9.34 -18.58 -0.81
CA LEU D 147 -10.30 -19.61 -0.46
C LEU D 147 -9.90 -20.97 -1.05
N MET D 148 -9.38 -20.97 -2.28
CA MET D 148 -9.02 -22.21 -2.97
C MET D 148 -8.06 -23.07 -2.17
N LEU D 163 -10.76 -49.36 -5.03
CA LEU D 163 -10.48 -48.48 -3.89
C LEU D 163 -9.77 -49.24 -2.79
N SER D 164 -9.99 -50.55 -2.76
CA SER D 164 -9.29 -51.39 -1.79
C SER D 164 -7.81 -51.47 -2.11
N PHE D 165 -7.47 -51.99 -3.28
CA PHE D 165 -6.08 -52.20 -3.67
C PHE D 165 -5.73 -51.61 -5.03
N ARG D 166 -6.60 -51.78 -6.03
CA ARG D 166 -6.24 -51.43 -7.39
C ARG D 166 -6.16 -49.91 -7.58
N GLN D 167 -6.82 -49.15 -6.72
CA GLN D 167 -6.70 -47.70 -6.75
C GLN D 167 -5.92 -47.15 -5.56
N THR D 168 -5.67 -47.97 -4.53
CA THR D 168 -4.81 -47.52 -3.44
C THR D 168 -3.37 -47.34 -3.93
N MET D 169 -2.96 -48.16 -4.90
CA MET D 169 -1.66 -47.95 -5.52
C MET D 169 -1.59 -46.61 -6.23
N TRP D 170 -2.64 -46.26 -6.96
CA TRP D 170 -2.72 -44.94 -7.58
C TRP D 170 -2.66 -43.84 -6.54
N ARG D 171 -3.45 -43.97 -5.47
CA ARG D 171 -3.48 -42.93 -4.44
C ARG D 171 -2.12 -42.77 -3.77
N ALA D 172 -1.41 -43.88 -3.55
CA ALA D 172 -0.11 -43.80 -2.90
C ALA D 172 0.97 -43.24 -3.80
N PHE D 173 0.93 -43.53 -5.11
CA PHE D 173 1.99 -43.08 -6.00
C PHE D 173 2.08 -41.56 -6.01
N GLU D 174 1.03 -40.90 -6.50
CA GLU D 174 1.06 -39.46 -6.74
C GLU D 174 1.27 -38.65 -5.48
N ASN D 175 1.40 -39.30 -4.32
CA ASN D 175 1.81 -38.64 -3.09
C ASN D 175 2.59 -39.66 -2.28
N PRO D 176 3.91 -39.75 -2.50
CA PRO D 176 4.71 -40.68 -1.69
C PRO D 176 4.53 -40.49 -0.20
N HIS D 177 4.15 -39.29 0.25
CA HIS D 177 3.99 -39.00 1.66
C HIS D 177 2.67 -39.50 2.23
N THR D 178 1.93 -40.32 1.48
CA THR D 178 0.74 -40.97 2.04
C THR D 178 1.14 -42.05 3.03
N SER D 179 1.87 -43.06 2.57
CA SER D 179 2.31 -44.16 3.40
C SER D 179 3.83 -44.27 3.32
N THR D 180 4.36 -45.34 3.90
CA THR D 180 5.80 -45.59 3.87
C THR D 180 6.20 -46.46 2.68
N LEU D 181 5.33 -47.37 2.24
CA LEU D 181 5.65 -48.18 1.07
C LEU D 181 5.82 -47.30 -0.17
N ALA D 182 4.96 -46.29 -0.34
CA ALA D 182 5.14 -45.35 -1.44
C ALA D 182 6.42 -44.54 -1.26
N LEU D 183 6.78 -44.21 -0.01
CA LEU D 183 8.02 -43.50 0.23
C LEU D 183 9.22 -44.29 -0.25
N VAL D 184 9.28 -45.58 0.11
CA VAL D 184 10.42 -46.37 -0.33
C VAL D 184 10.35 -46.63 -1.83
N PHE D 185 9.15 -46.75 -2.40
CA PHE D 185 9.07 -46.90 -3.85
C PHE D 185 9.62 -45.66 -4.54
N TYR D 186 9.34 -44.48 -4.00
CA TYR D 186 9.83 -43.24 -4.58
C TYR D 186 11.34 -43.14 -4.44
N TYR D 187 11.86 -43.39 -3.24
CA TYR D 187 13.29 -43.34 -3.02
C TYR D 187 14.04 -44.44 -3.75
N VAL D 188 13.36 -45.44 -4.28
CA VAL D 188 14.02 -46.47 -5.06
C VAL D 188 13.80 -46.30 -6.56
N THR D 189 12.80 -45.53 -6.98
CA THR D 189 12.71 -45.23 -8.39
C THR D 189 13.56 -44.00 -8.74
N GLY D 190 13.80 -43.12 -7.78
CA GLY D 190 14.75 -42.05 -8.00
C GLY D 190 16.18 -42.52 -8.13
N PHE D 191 16.44 -43.77 -7.77
CA PHE D 191 17.77 -44.36 -7.80
C PHE D 191 18.18 -44.74 -9.21
N PHE D 192 17.28 -45.30 -10.00
CA PHE D 192 17.68 -45.92 -11.25
C PHE D 192 17.71 -44.94 -12.43
N ILE D 193 16.85 -43.92 -12.41
CA ILE D 193 17.05 -42.79 -13.31
C ILE D 193 18.46 -42.24 -13.11
N ALA D 194 18.86 -42.04 -11.87
CA ALA D 194 20.19 -41.51 -11.58
C ALA D 194 21.27 -42.48 -12.03
N VAL D 195 21.06 -43.77 -11.84
CA VAL D 195 22.06 -44.75 -12.26
C VAL D 195 22.23 -44.70 -13.77
N SER D 196 21.12 -44.60 -14.51
CA SER D 196 21.24 -44.53 -15.96
C SER D 196 21.89 -43.23 -16.39
N VAL D 197 21.57 -42.13 -15.71
CA VAL D 197 22.20 -40.86 -16.05
C VAL D 197 23.71 -40.95 -15.86
N ILE D 198 24.12 -41.44 -14.70
CA ILE D 198 25.55 -41.50 -14.40
C ILE D 198 26.26 -42.43 -15.37
N THR D 199 25.65 -43.57 -15.70
CA THR D 199 26.35 -44.47 -16.61
C THR D 199 26.38 -43.92 -18.02
N ASN D 200 25.31 -43.24 -18.46
CA ASN D 200 25.33 -42.63 -19.78
C ASN D 200 26.40 -41.55 -19.85
N VAL D 201 26.64 -40.87 -18.73
CA VAL D 201 27.74 -39.93 -18.66
C VAL D 201 29.07 -40.65 -18.83
N VAL D 202 29.30 -41.67 -18.01
CA VAL D 202 30.62 -42.30 -17.94
C VAL D 202 30.97 -43.11 -19.17
N GLU D 203 29.98 -43.62 -19.91
CA GLU D 203 30.29 -44.50 -21.04
C GLU D 203 31.23 -43.90 -22.07
N THR D 204 31.56 -42.62 -21.94
CA THR D 204 32.41 -41.96 -22.92
C THR D 204 33.81 -41.69 -22.42
N VAL D 205 34.06 -41.85 -21.13
CA VAL D 205 35.35 -41.54 -20.52
C VAL D 205 36.42 -42.46 -21.09
N PRO D 206 37.41 -41.95 -21.77
CA PRO D 206 38.50 -42.82 -22.22
C PRO D 206 39.38 -43.24 -21.05
N CYS D 207 39.23 -44.49 -20.60
CA CYS D 207 40.00 -45.00 -19.47
C CYS D 207 40.30 -46.48 -19.70
N GLY D 208 41.50 -46.87 -19.28
CA GLY D 208 42.01 -48.19 -19.59
C GLY D 208 42.97 -48.11 -20.76
N THR D 209 44.27 -48.10 -20.48
CA THR D 209 45.25 -47.88 -21.54
C THR D 209 45.23 -49.00 -22.57
N VAL D 210 44.74 -50.18 -22.20
CA VAL D 210 44.66 -51.34 -23.09
C VAL D 210 46.04 -51.54 -23.72
N PRO D 211 47.02 -52.06 -22.97
CA PRO D 211 48.38 -52.17 -23.53
C PRO D 211 48.49 -53.00 -24.79
N GLY D 212 47.39 -53.59 -25.27
CA GLY D 212 47.42 -54.36 -26.50
C GLY D 212 46.96 -53.58 -27.73
N SER D 213 45.99 -52.68 -27.55
CA SER D 213 45.48 -51.91 -28.67
C SER D 213 45.31 -50.44 -28.29
N LYS D 214 44.67 -49.66 -29.14
CA LYS D 214 44.45 -48.26 -28.85
C LYS D 214 43.48 -48.09 -27.68
N GLU D 215 43.36 -46.87 -27.20
CA GLU D 215 42.50 -46.60 -26.05
C GLU D 215 41.05 -46.44 -26.47
N LEU D 216 40.16 -47.08 -25.71
CA LEU D 216 38.74 -47.17 -26.00
C LEU D 216 37.94 -46.44 -24.92
N PRO D 217 36.77 -45.92 -25.27
CA PRO D 217 35.84 -45.47 -24.24
C PRO D 217 35.44 -46.63 -23.35
N CYS D 218 35.36 -46.35 -22.05
CA CYS D 218 34.94 -47.37 -21.09
C CYS D 218 33.64 -48.03 -21.51
N GLY D 219 32.74 -47.26 -22.12
CA GLY D 219 31.41 -47.77 -22.42
C GLY D 219 31.41 -48.96 -23.37
N GLU D 220 32.41 -49.06 -24.24
CA GLU D 220 32.46 -50.14 -25.21
C GLU D 220 33.48 -51.22 -24.87
N ARG D 221 34.61 -50.86 -24.28
CA ARG D 221 35.56 -51.87 -23.86
C ARG D 221 34.92 -52.84 -22.87
N TYR D 222 34.09 -52.34 -21.97
CA TYR D 222 33.30 -53.19 -21.09
C TYR D 222 31.87 -53.29 -21.66
N SER D 223 31.80 -53.86 -22.86
CA SER D 223 30.54 -53.84 -23.62
C SER D 223 29.40 -54.46 -22.83
N VAL D 224 29.59 -55.69 -22.35
CA VAL D 224 28.52 -56.37 -21.62
C VAL D 224 28.20 -55.65 -20.33
N ALA D 225 29.22 -55.08 -19.69
CA ALA D 225 29.00 -54.39 -18.43
C ALA D 225 27.94 -53.30 -18.55
N PHE D 226 28.04 -52.47 -19.59
CA PHE D 226 27.08 -51.39 -19.76
C PHE D 226 25.83 -51.84 -20.49
N PHE D 227 25.92 -52.87 -21.33
CA PHE D 227 24.72 -53.40 -21.96
C PHE D 227 23.74 -53.91 -20.90
N CYS D 228 24.25 -54.63 -19.91
CA CYS D 228 23.39 -55.14 -18.85
C CYS D 228 22.76 -54.00 -18.06
N LEU D 229 23.56 -52.99 -17.71
CA LEU D 229 23.03 -51.84 -16.97
C LEU D 229 21.91 -51.16 -17.74
N ASP D 230 22.14 -50.88 -19.02
CA ASP D 230 21.14 -50.17 -19.80
C ASP D 230 19.85 -50.99 -19.93
N THR D 231 19.99 -52.28 -20.28
CA THR D 231 18.80 -53.11 -20.40
C THR D 231 18.04 -53.18 -19.09
N ALA D 232 18.75 -53.29 -17.97
CA ALA D 232 18.10 -53.43 -16.67
C ALA D 232 17.33 -52.17 -16.31
N CYS D 233 17.94 -51.00 -16.50
CA CYS D 233 17.22 -49.77 -16.15
C CYS D 233 16.04 -49.55 -17.09
N VAL D 234 16.17 -49.94 -18.36
CA VAL D 234 15.01 -49.95 -19.26
C VAL D 234 13.89 -50.78 -18.65
N MET D 235 14.23 -51.96 -18.14
CA MET D 235 13.24 -52.82 -17.50
C MET D 235 12.55 -52.10 -16.35
N ILE D 236 13.34 -51.44 -15.49
CA ILE D 236 12.75 -50.79 -14.32
C ILE D 236 11.79 -49.69 -14.74
N PHE D 237 12.18 -48.90 -15.73
CA PHE D 237 11.32 -47.81 -16.19
C PHE D 237 10.04 -48.35 -16.80
N THR D 238 10.11 -49.45 -17.54
CA THR D 238 8.91 -50.02 -18.14
C THR D 238 7.97 -50.54 -17.07
N VAL D 239 8.53 -51.22 -16.07
CA VAL D 239 7.70 -51.78 -15.00
C VAL D 239 7.01 -50.67 -14.22
N GLU D 240 7.70 -49.55 -14.02
CA GLU D 240 7.04 -48.40 -13.39
C GLU D 240 5.94 -47.85 -14.28
N TYR D 241 6.23 -47.74 -15.59
CA TYR D 241 5.29 -47.09 -16.50
C TYR D 241 3.97 -47.85 -16.59
N LEU D 242 4.03 -49.18 -16.59
CA LEU D 242 2.81 -49.97 -16.72
C LEU D 242 1.85 -49.69 -15.57
N LEU D 243 2.31 -49.91 -14.34
CA LEU D 243 1.48 -49.66 -13.17
C LEU D 243 1.07 -48.20 -13.07
N ARG D 244 1.87 -47.28 -13.63
CA ARG D 244 1.43 -45.89 -13.68
C ARG D 244 0.22 -45.73 -14.58
N LEU D 245 0.29 -46.28 -15.80
CA LEU D 245 -0.80 -46.14 -16.75
C LEU D 245 -2.08 -46.81 -16.24
N PHE D 246 -1.95 -47.98 -15.63
CA PHE D 246 -3.12 -48.83 -15.43
C PHE D 246 -4.15 -48.18 -14.51
N ALA D 247 -3.75 -47.24 -13.68
CA ALA D 247 -4.66 -46.70 -12.68
C ALA D 247 -5.15 -45.28 -13.00
N ALA D 248 -5.07 -44.87 -14.26
CA ALA D 248 -5.48 -43.52 -14.61
C ALA D 248 -7.00 -43.48 -14.81
N PRO D 249 -7.67 -42.43 -14.34
CA PRO D 249 -9.09 -42.26 -14.67
C PRO D 249 -9.32 -42.32 -16.17
N SER D 250 -8.62 -41.50 -16.92
CA SER D 250 -8.58 -41.62 -18.38
C SER D 250 -7.27 -42.31 -18.73
N ARG D 251 -7.37 -43.59 -19.10
CA ARG D 251 -6.22 -44.28 -19.68
C ARG D 251 -5.76 -43.63 -20.98
N TYR D 252 -6.44 -42.58 -21.43
CA TYR D 252 -5.99 -41.78 -22.57
C TYR D 252 -5.37 -40.46 -22.14
N ARG D 253 -6.06 -39.67 -21.32
CA ARG D 253 -5.51 -38.37 -20.93
C ARG D 253 -4.16 -38.53 -20.24
N PHE D 254 -3.91 -39.70 -19.67
CA PHE D 254 -2.58 -40.04 -19.20
C PHE D 254 -1.60 -40.19 -20.35
N ILE D 255 -2.06 -40.49 -21.56
CA ILE D 255 -1.13 -40.65 -22.67
C ILE D 255 -0.78 -39.31 -23.29
N ARG D 256 -1.68 -38.33 -23.21
CA ARG D 256 -1.33 -36.98 -23.62
C ARG D 256 -0.63 -36.21 -22.51
N SER D 257 -0.12 -36.89 -21.49
CA SER D 257 0.43 -36.20 -20.33
C SER D 257 1.80 -35.61 -20.65
N VAL D 258 2.27 -34.77 -19.73
CA VAL D 258 3.56 -34.13 -19.92
C VAL D 258 4.69 -35.13 -19.68
N MET D 259 4.45 -36.14 -18.86
CA MET D 259 5.46 -37.16 -18.59
C MET D 259 5.25 -38.44 -19.39
N SER D 260 4.08 -38.59 -20.01
CA SER D 260 3.84 -39.73 -20.88
C SER D 260 4.90 -39.82 -21.96
N ILE D 261 5.00 -38.77 -22.79
CA ILE D 261 5.99 -38.74 -23.85
C ILE D 261 7.40 -38.76 -23.26
N ILE D 262 7.55 -38.22 -22.04
CA ILE D 262 8.84 -38.31 -21.36
C ILE D 262 9.29 -39.75 -21.26
N ASP D 263 8.50 -40.60 -20.60
CA ASP D 263 8.91 -42.00 -20.44
C ASP D 263 8.94 -42.73 -21.77
N VAL D 264 8.05 -42.36 -22.70
CA VAL D 264 8.02 -43.01 -24.01
C VAL D 264 9.35 -42.82 -24.73
N VAL D 265 9.77 -41.57 -24.88
CA VAL D 265 11.04 -41.29 -25.55
C VAL D 265 12.23 -41.61 -24.66
N ALA D 266 11.98 -41.83 -23.36
CA ALA D 266 13.04 -42.33 -22.51
C ALA D 266 13.37 -43.78 -22.84
N ILE D 267 12.33 -44.58 -23.12
CA ILE D 267 12.56 -46.01 -23.33
C ILE D 267 12.85 -46.34 -24.78
N MET D 268 12.15 -45.70 -25.72
CA MET D 268 12.16 -46.15 -27.11
C MET D 268 13.55 -46.25 -27.73
N PRO D 269 14.45 -45.26 -27.55
CA PRO D 269 15.80 -45.38 -28.15
C PRO D 269 16.60 -46.57 -27.64
N TYR D 270 16.02 -47.36 -26.74
CA TYR D 270 16.60 -48.66 -26.49
C TYR D 270 15.98 -49.74 -27.38
N TYR D 271 14.67 -49.71 -27.54
CA TYR D 271 14.02 -50.73 -28.37
C TYR D 271 14.50 -50.63 -29.81
N ILE D 272 14.73 -49.41 -30.30
CA ILE D 272 15.31 -49.31 -31.62
C ILE D 272 16.78 -49.72 -31.61
N GLY D 273 17.43 -49.67 -30.45
CA GLY D 273 18.80 -50.12 -30.34
C GLY D 273 18.89 -51.64 -30.40
N LEU D 274 17.78 -52.28 -30.03
CA LEU D 274 17.66 -53.72 -30.26
C LEU D 274 17.28 -54.04 -31.69
N VAL D 275 16.23 -53.42 -32.21
CA VAL D 275 15.76 -53.74 -33.57
C VAL D 275 16.87 -53.50 -34.58
N MET D 276 17.67 -52.46 -34.36
CA MET D 276 18.69 -52.01 -35.31
C MET D 276 20.09 -52.12 -34.74
N THR D 277 20.41 -53.25 -34.10
CA THR D 277 21.74 -53.48 -33.55
C THR D 277 22.79 -53.27 -34.64
N ASN D 278 24.05 -53.06 -34.27
CA ASN D 278 25.09 -52.52 -35.15
C ASN D 278 25.28 -53.28 -36.46
N ASN D 279 24.63 -54.43 -36.63
CA ASN D 279 24.70 -55.14 -37.89
C ASN D 279 24.19 -54.27 -39.04
N GLU D 280 23.00 -53.70 -38.89
CA GLU D 280 22.41 -52.77 -39.87
C GLU D 280 22.50 -51.38 -39.27
N ASP D 281 23.63 -50.71 -39.50
CA ASP D 281 23.86 -49.41 -38.89
C ASP D 281 24.96 -48.68 -39.65
N VAL D 282 24.82 -47.36 -39.73
CA VAL D 282 25.82 -46.48 -40.32
C VAL D 282 26.03 -45.30 -39.38
N SER D 283 27.26 -44.81 -39.31
CA SER D 283 27.63 -43.78 -38.33
C SER D 283 26.68 -42.60 -38.33
N GLY D 284 26.06 -42.29 -39.48
CA GLY D 284 25.18 -41.16 -39.57
C GLY D 284 23.72 -41.48 -39.32
N ALA D 285 23.46 -42.52 -38.52
CA ALA D 285 22.07 -42.93 -38.29
C ALA D 285 21.73 -43.29 -36.85
N PHE D 286 22.69 -43.42 -35.96
CA PHE D 286 22.40 -43.96 -34.64
C PHE D 286 22.53 -42.95 -33.50
N VAL D 287 23.48 -42.01 -33.57
CA VAL D 287 23.56 -41.01 -32.52
C VAL D 287 22.33 -40.14 -32.49
N THR D 288 21.65 -40.00 -33.63
CA THR D 288 20.44 -39.18 -33.68
C THR D 288 19.37 -39.71 -32.76
N LEU D 289 19.46 -40.98 -32.36
CA LEU D 289 18.57 -41.52 -31.34
C LEU D 289 19.30 -41.82 -30.04
N ARG D 290 20.62 -42.00 -30.10
CA ARG D 290 21.39 -42.19 -28.88
C ARG D 290 21.38 -40.94 -28.02
N VAL D 291 21.31 -39.76 -28.65
CA VAL D 291 21.30 -38.51 -27.92
C VAL D 291 20.11 -38.46 -26.98
N PHE D 292 18.97 -38.97 -27.43
CA PHE D 292 17.75 -38.91 -26.64
C PHE D 292 17.89 -39.57 -25.29
N ARG D 293 18.94 -40.37 -25.08
CA ARG D 293 19.04 -41.12 -23.83
C ARG D 293 19.01 -40.21 -22.61
N VAL D 294 19.60 -39.01 -22.71
CA VAL D 294 19.55 -38.06 -21.61
C VAL D 294 18.14 -37.57 -21.35
N PHE D 295 17.20 -37.81 -22.26
CA PHE D 295 15.86 -37.26 -22.10
C PHE D 295 15.14 -37.96 -20.96
N ARG D 296 15.76 -38.99 -20.39
CA ARG D 296 15.17 -39.64 -19.23
C ARG D 296 15.47 -38.90 -17.95
N ILE D 297 16.39 -37.95 -17.98
CA ILE D 297 16.70 -37.21 -16.77
C ILE D 297 15.50 -36.39 -16.30
N PHE D 298 14.56 -36.11 -17.20
CA PHE D 298 13.41 -35.30 -16.83
C PHE D 298 12.49 -36.02 -15.87
N LYS D 299 12.63 -37.33 -15.71
CA LYS D 299 11.78 -38.04 -14.75
C LYS D 299 11.96 -37.52 -13.34
N PHE D 300 13.06 -36.83 -13.07
CA PHE D 300 13.24 -36.17 -11.78
C PHE D 300 12.15 -35.16 -11.48
N SER D 301 11.26 -34.89 -12.44
CA SER D 301 10.27 -33.83 -12.25
C SER D 301 9.42 -34.08 -11.02
N ARG D 302 8.80 -35.25 -10.92
CA ARG D 302 7.92 -35.52 -9.79
C ARG D 302 8.67 -35.55 -8.48
N HIS D 303 9.99 -35.72 -8.53
CA HIS D 303 10.79 -35.71 -7.31
C HIS D 303 10.89 -34.30 -6.74
N SER D 304 11.23 -33.33 -7.57
CA SER D 304 11.47 -31.96 -7.12
C SER D 304 10.33 -31.05 -7.55
N GLN D 305 9.78 -30.31 -6.59
CA GLN D 305 8.79 -29.30 -6.94
C GLN D 305 9.38 -28.23 -7.84
N GLY D 306 10.71 -28.11 -7.83
CA GLY D 306 11.35 -27.03 -8.57
C GLY D 306 11.19 -27.17 -10.08
N LEU D 307 11.54 -28.33 -10.63
CA LEU D 307 11.45 -28.47 -12.07
C LEU D 307 10.02 -28.29 -12.55
N ARG D 308 9.05 -28.83 -11.83
CA ARG D 308 7.68 -28.70 -12.27
C ARG D 308 7.22 -27.24 -12.19
N ILE D 309 7.58 -26.54 -11.12
CA ILE D 309 7.15 -25.15 -11.01
C ILE D 309 7.84 -24.29 -12.07
N LEU D 310 9.09 -24.63 -12.41
CA LEU D 310 9.76 -23.90 -13.47
C LEU D 310 9.09 -24.15 -14.81
N GLY D 311 8.64 -25.39 -15.05
CA GLY D 311 7.88 -25.65 -16.25
C GLY D 311 6.58 -24.87 -16.28
N TYR D 312 5.90 -24.80 -15.14
CA TYR D 312 4.61 -24.12 -15.12
C TYR D 312 4.79 -22.62 -15.35
N THR D 313 5.88 -22.05 -14.85
CA THR D 313 6.12 -20.64 -15.10
C THR D 313 6.72 -20.37 -16.48
N LEU D 314 7.33 -21.37 -17.10
CA LEU D 314 7.63 -21.22 -18.52
C LEU D 314 6.35 -21.18 -19.34
N LYS D 315 5.38 -22.00 -18.95
CA LYS D 315 4.10 -21.99 -19.67
C LYS D 315 3.34 -20.70 -19.42
N SER D 316 3.39 -20.18 -18.20
CA SER D 316 2.66 -18.97 -17.88
C SER D 316 3.22 -17.75 -18.57
N CYS D 317 4.52 -17.75 -18.91
CA CYS D 317 5.16 -16.62 -19.56
C CYS D 317 5.29 -16.81 -21.05
N ALA D 318 4.49 -17.70 -21.64
CA ALA D 318 4.69 -18.09 -23.03
C ALA D 318 4.58 -16.92 -23.98
N SER D 319 3.95 -15.83 -23.56
CA SER D 319 3.80 -14.68 -24.44
C SER D 319 5.12 -13.94 -24.62
N GLU D 320 5.98 -13.98 -23.61
CA GLU D 320 7.21 -13.18 -23.60
C GLU D 320 8.34 -13.85 -24.35
N LEU D 321 8.44 -15.18 -24.27
CA LEU D 321 9.51 -15.87 -24.97
C LEU D 321 9.34 -15.77 -26.47
N GLY D 322 8.11 -15.68 -26.96
CA GLY D 322 7.91 -15.46 -28.39
C GLY D 322 8.51 -14.14 -28.84
N PHE D 323 8.22 -13.07 -28.11
CA PHE D 323 8.77 -11.78 -28.47
C PHE D 323 10.27 -11.77 -28.31
N LEU D 324 10.79 -12.43 -27.28
CA LEU D 324 12.23 -12.53 -27.12
C LEU D 324 12.86 -13.21 -28.33
N LEU D 325 12.26 -14.32 -28.78
CA LEU D 325 12.81 -15.04 -29.91
C LEU D 325 12.78 -14.19 -31.17
N PHE D 326 11.67 -13.49 -31.38
CA PHE D 326 11.57 -12.67 -32.58
C PHE D 326 12.59 -11.53 -32.55
N SER D 327 12.69 -10.83 -31.42
CA SER D 327 13.62 -9.73 -31.31
C SER D 327 15.05 -10.21 -31.50
N LEU D 328 15.41 -11.30 -30.82
CA LEU D 328 16.74 -11.87 -31.00
C LEU D 328 17.01 -12.20 -32.45
N THR D 329 16.04 -12.80 -33.15
CA THR D 329 16.28 -13.22 -34.52
C THR D 329 16.50 -12.03 -35.45
N MET D 330 15.62 -11.03 -35.36
CA MET D 330 15.83 -9.89 -36.24
C MET D 330 17.08 -9.11 -35.86
N ALA D 331 17.42 -9.04 -34.57
CA ALA D 331 18.61 -8.30 -34.19
C ALA D 331 19.86 -8.99 -34.69
N ILE D 332 19.89 -10.32 -34.59
CA ILE D 332 20.96 -11.08 -35.21
C ILE D 332 21.04 -10.76 -36.69
N ILE D 333 19.89 -10.72 -37.38
CA ILE D 333 19.91 -10.45 -38.80
C ILE D 333 20.55 -9.11 -39.10
N ILE D 334 20.05 -8.06 -38.44
CA ILE D 334 20.53 -6.71 -38.71
C ILE D 334 22.02 -6.62 -38.45
N PHE D 335 22.45 -7.03 -37.25
CA PHE D 335 23.84 -6.83 -36.91
C PHE D 335 24.75 -7.74 -37.70
N ALA D 336 24.27 -8.92 -38.11
CA ALA D 336 25.06 -9.79 -38.94
C ALA D 336 25.29 -9.16 -40.31
N THR D 337 24.24 -8.58 -40.89
CA THR D 337 24.41 -7.91 -42.17
C THR D 337 25.40 -6.76 -42.05
N VAL D 338 25.24 -5.94 -41.02
CA VAL D 338 26.09 -4.76 -40.88
C VAL D 338 27.55 -5.17 -40.70
N MET D 339 27.82 -6.10 -39.78
CA MET D 339 29.19 -6.53 -39.57
C MET D 339 29.74 -7.22 -40.81
N PHE D 340 28.89 -7.97 -41.51
CA PHE D 340 29.32 -8.66 -42.71
C PHE D 340 29.81 -7.68 -43.75
N TYR D 341 28.99 -6.68 -44.07
CA TYR D 341 29.36 -5.71 -45.09
C TYR D 341 30.48 -4.79 -44.64
N ALA D 342 30.59 -4.53 -43.34
CA ALA D 342 31.70 -3.71 -42.86
C ALA D 342 33.02 -4.45 -42.99
N GLU D 343 33.10 -5.63 -42.38
CA GLU D 343 34.37 -6.34 -42.26
C GLU D 343 34.54 -7.37 -43.37
N LYS D 344 33.77 -7.28 -44.44
CA LYS D 344 33.88 -8.31 -45.49
C LYS D 344 35.25 -8.28 -46.15
N GLY D 345 35.66 -7.12 -46.67
CA GLY D 345 36.91 -7.07 -47.39
C GLY D 345 38.12 -6.86 -46.51
N SER D 346 38.74 -7.96 -46.11
CA SER D 346 39.96 -7.92 -45.30
C SER D 346 40.82 -9.13 -45.68
N SER D 347 41.96 -9.25 -45.00
CA SER D 347 42.97 -10.23 -45.38
C SER D 347 42.43 -11.66 -45.37
N ALA D 348 42.12 -12.17 -44.19
CA ALA D 348 41.53 -13.48 -44.02
C ALA D 348 40.21 -13.36 -43.27
N SER D 349 39.46 -12.32 -43.60
CA SER D 349 38.24 -11.97 -42.88
C SER D 349 37.33 -13.18 -42.76
N LYS D 350 37.23 -13.74 -41.57
CA LYS D 350 36.42 -14.93 -41.35
C LYS D 350 34.94 -14.63 -41.38
N PHE D 351 34.54 -13.44 -41.83
CA PHE D 351 33.13 -13.11 -42.05
C PHE D 351 32.76 -13.39 -43.51
N THR D 352 32.80 -14.67 -43.88
CA THR D 352 32.58 -15.03 -45.28
C THR D 352 31.11 -14.99 -45.68
N SER D 353 30.18 -14.83 -44.74
CA SER D 353 28.79 -14.91 -45.10
C SER D 353 27.92 -14.37 -43.97
N ILE D 354 26.68 -14.05 -44.31
CA ILE D 354 25.68 -13.74 -43.30
C ILE D 354 25.43 -15.00 -42.46
N PRO D 355 25.39 -16.19 -43.04
CA PRO D 355 25.42 -17.39 -42.20
C PRO D 355 26.71 -17.56 -41.43
N ALA D 356 27.77 -16.83 -41.81
CA ALA D 356 29.00 -16.88 -41.06
C ALA D 356 29.12 -15.79 -40.02
N SER D 357 28.12 -14.91 -39.94
CA SER D 357 28.11 -13.86 -38.94
C SER D 357 26.88 -13.93 -38.07
N PHE D 358 26.21 -15.07 -38.03
CA PHE D 358 25.29 -15.31 -36.95
C PHE D 358 26.03 -15.79 -35.72
N TRP D 359 27.06 -16.61 -35.92
CA TRP D 359 27.86 -17.08 -34.80
C TRP D 359 28.44 -15.91 -34.03
N TYR D 360 29.16 -15.04 -34.72
CA TYR D 360 29.78 -13.90 -34.04
C TYR D 360 28.75 -13.03 -33.35
N THR D 361 27.60 -12.84 -33.95
CA THR D 361 26.68 -11.89 -33.36
C THR D 361 25.93 -12.48 -32.18
N ILE D 362 25.65 -13.78 -32.19
CA ILE D 362 25.04 -14.33 -30.99
C ILE D 362 26.07 -14.51 -29.90
N VAL D 363 27.35 -14.62 -30.24
CA VAL D 363 28.39 -14.59 -29.22
C VAL D 363 28.47 -13.21 -28.59
N THR D 364 28.54 -12.17 -29.40
CA THR D 364 28.68 -10.82 -28.87
C THR D 364 27.43 -10.40 -28.11
N MET D 365 26.26 -10.47 -28.74
CA MET D 365 25.03 -10.01 -28.10
C MET D 365 24.81 -10.62 -26.74
N THR D 366 25.39 -11.79 -26.49
CA THR D 366 25.19 -12.47 -25.22
C THR D 366 26.35 -12.23 -24.27
N THR D 367 27.32 -11.42 -24.66
CA THR D 367 28.48 -11.11 -23.84
C THR D 367 29.27 -12.35 -23.50
N LEU D 368 29.38 -13.29 -24.43
CA LEU D 368 30.39 -14.33 -24.28
C LEU D 368 31.74 -13.84 -24.76
N GLY D 369 31.87 -13.56 -26.03
CA GLY D 369 33.14 -13.11 -26.53
C GLY D 369 34.18 -14.21 -26.45
N TYR D 370 34.07 -15.21 -27.31
CA TYR D 370 35.10 -16.24 -27.37
C TYR D 370 36.41 -15.67 -27.88
N GLY D 371 36.34 -14.82 -28.90
CA GLY D 371 37.52 -14.23 -29.47
C GLY D 371 38.00 -14.88 -30.73
N ASP D 372 37.28 -15.87 -31.24
CA ASP D 372 37.68 -16.54 -32.47
C ASP D 372 37.49 -15.63 -33.67
N MET D 373 36.42 -14.84 -33.69
CA MET D 373 36.17 -13.87 -34.74
C MET D 373 35.99 -12.50 -34.10
N VAL D 374 36.87 -11.56 -34.43
CA VAL D 374 36.75 -10.19 -33.95
C VAL D 374 36.96 -9.22 -35.11
N PRO D 375 36.20 -8.14 -35.19
CA PRO D 375 36.41 -7.20 -36.29
C PRO D 375 37.76 -6.53 -36.20
N LYS D 376 38.26 -6.11 -37.35
CA LYS D 376 39.55 -5.43 -37.40
C LYS D 376 39.52 -4.19 -38.27
N THR D 377 38.33 -3.70 -38.62
CA THR D 377 38.21 -2.42 -39.30
C THR D 377 38.17 -1.30 -38.27
N ILE D 378 37.74 -0.12 -38.68
CA ILE D 378 37.32 0.92 -37.76
C ILE D 378 35.82 1.12 -37.78
N ALA D 379 35.11 0.44 -38.67
CA ALA D 379 33.66 0.43 -38.65
C ALA D 379 33.11 -0.81 -37.97
N GLY D 380 33.76 -1.95 -38.21
CA GLY D 380 33.33 -3.18 -37.55
C GLY D 380 33.38 -3.06 -36.04
N LYS D 381 34.40 -2.39 -35.52
CA LYS D 381 34.50 -2.20 -34.08
C LYS D 381 33.32 -1.40 -33.55
N ILE D 382 32.92 -0.36 -34.28
CA ILE D 382 31.80 0.45 -33.83
C ILE D 382 30.53 -0.38 -33.77
N PHE D 383 30.27 -1.14 -34.83
CA PHE D 383 29.05 -1.92 -34.87
C PHE D 383 29.06 -3.07 -33.88
N GLY D 384 30.21 -3.64 -33.56
CA GLY D 384 30.25 -4.65 -32.52
C GLY D 384 29.98 -4.06 -31.14
N SER D 385 30.59 -2.90 -30.87
CA SER D 385 30.33 -2.25 -29.60
C SER D 385 28.87 -1.90 -29.45
N ILE D 386 28.23 -1.49 -30.54
CA ILE D 386 26.79 -1.24 -30.47
C ILE D 386 26.05 -2.56 -30.29
N CYS D 387 26.54 -3.61 -30.94
CA CYS D 387 25.82 -4.88 -30.90
C CYS D 387 25.75 -5.44 -29.50
N SER D 388 26.84 -5.32 -28.75
CA SER D 388 26.87 -5.90 -27.42
C SER D 388 25.85 -5.24 -26.50
N LEU D 389 25.84 -3.91 -26.49
CA LEU D 389 24.84 -3.19 -25.71
C LEU D 389 23.44 -3.55 -26.18
N SER D 390 23.25 -3.68 -27.49
CA SER D 390 21.92 -4.01 -27.99
C SER D 390 21.47 -5.38 -27.51
N GLY D 391 22.41 -6.31 -27.40
CA GLY D 391 22.07 -7.62 -26.87
C GLY D 391 21.75 -7.58 -25.40
N VAL D 392 22.57 -6.89 -24.62
CA VAL D 392 22.27 -6.68 -23.20
C VAL D 392 20.87 -6.13 -23.04
N LEU D 393 20.49 -5.19 -23.89
CA LEU D 393 19.15 -4.61 -23.82
C LEU D 393 18.09 -5.62 -24.19
N VAL D 394 18.22 -6.28 -25.35
CA VAL D 394 17.15 -7.12 -25.86
C VAL D 394 16.92 -8.32 -24.95
N ILE D 395 17.99 -8.95 -24.49
CA ILE D 395 17.83 -10.13 -23.65
C ILE D 395 17.33 -9.80 -22.25
N ALA D 396 17.52 -8.57 -21.79
CA ALA D 396 17.11 -8.23 -20.44
C ALA D 396 15.64 -7.88 -20.35
N LEU D 397 14.85 -8.17 -21.37
CA LEU D 397 13.41 -7.95 -21.33
C LEU D 397 12.64 -9.11 -20.69
N PRO D 398 12.92 -10.37 -21.05
CA PRO D 398 12.19 -11.45 -20.38
C PRO D 398 12.64 -11.69 -18.95
N VAL D 399 13.93 -11.63 -18.68
CA VAL D 399 14.46 -12.03 -17.39
C VAL D 399 13.87 -11.23 -16.23
N PRO D 400 13.27 -10.05 -16.41
CA PRO D 400 12.44 -9.54 -15.32
C PRO D 400 11.22 -10.42 -15.08
N VAL D 401 10.41 -10.60 -16.12
CA VAL D 401 9.10 -11.21 -15.91
C VAL D 401 9.25 -12.68 -15.55
N ILE D 402 10.24 -13.36 -16.14
CA ILE D 402 10.37 -14.79 -15.89
C ILE D 402 10.73 -15.05 -14.44
N VAL D 403 11.71 -14.32 -13.92
CA VAL D 403 12.07 -14.53 -12.52
C VAL D 403 10.97 -14.04 -11.60
N SER D 404 10.26 -12.98 -12.00
CA SER D 404 9.17 -12.49 -11.16
C SER D 404 8.09 -13.55 -11.02
N ASN D 405 7.73 -14.18 -12.13
CA ASN D 405 6.69 -15.20 -12.09
C ASN D 405 7.18 -16.48 -11.44
N PHE D 406 8.46 -16.81 -11.55
CA PHE D 406 8.98 -17.94 -10.78
C PHE D 406 8.79 -17.70 -9.30
N SER D 407 9.28 -16.57 -8.80
CA SER D 407 9.05 -16.22 -7.41
C SER D 407 7.56 -16.22 -7.08
N ARG D 408 6.75 -15.73 -8.00
CA ARG D 408 5.32 -15.59 -7.75
C ARG D 408 4.68 -16.95 -7.55
N ILE D 409 4.92 -17.87 -8.47
CA ILE D 409 4.32 -19.19 -8.36
C ILE D 409 4.87 -19.92 -7.15
N TYR D 410 6.14 -19.75 -6.83
CA TYR D 410 6.68 -20.48 -5.69
C TYR D 410 6.08 -19.97 -4.39
N HIS D 411 5.94 -18.65 -4.24
CA HIS D 411 5.29 -18.14 -3.04
C HIS D 411 3.82 -18.49 -3.01
N GLN D 412 3.17 -18.55 -4.16
CA GLN D 412 1.78 -18.98 -4.20
C GLN D 412 1.65 -20.40 -3.68
N ASN D 413 2.48 -21.31 -4.16
CA ASN D 413 2.43 -22.69 -3.66
C ASN D 413 2.83 -22.75 -2.19
N GLN D 414 3.72 -21.87 -1.75
CA GLN D 414 4.10 -21.87 -0.34
C GLN D 414 2.93 -21.51 0.55
N ARG D 415 2.24 -20.41 0.23
CA ARG D 415 1.06 -20.07 1.01
C ARG D 415 -0.04 -21.12 0.83
N ALA D 416 -0.07 -21.80 -0.30
CA ALA D 416 -1.04 -22.89 -0.48
C ALA D 416 -0.78 -24.02 0.51
N ASP D 417 0.46 -24.47 0.60
CA ASP D 417 0.75 -25.57 1.52
C ASP D 417 0.50 -25.14 2.96
N LYS D 418 0.88 -23.92 3.31
CA LYS D 418 0.66 -23.48 4.67
C LYS D 418 -0.83 -23.31 4.97
N ARG D 419 -1.61 -22.89 3.97
CA ARG D 419 -3.05 -22.79 4.17
C ARG D 419 -3.67 -24.15 4.40
N ARG D 420 -3.26 -25.14 3.60
CA ARG D 420 -3.77 -26.48 3.81
C ARG D 420 -3.37 -27.01 5.19
N ALA D 421 -2.14 -26.70 5.63
CA ALA D 421 -1.72 -27.14 6.95
C ALA D 421 -2.52 -26.47 8.06
N GLN D 422 -2.79 -25.17 7.92
CA GLN D 422 -3.63 -24.49 8.88
C GLN D 422 -5.04 -25.05 8.89
N LYS D 423 -5.50 -25.52 7.72
CA LYS D 423 -6.76 -26.26 7.68
C LYS D 423 -6.65 -27.60 8.41
N LYS D 424 -5.49 -28.25 8.32
CA LYS D 424 -5.29 -29.50 9.04
C LYS D 424 -5.12 -29.28 10.53
N ALA D 425 -4.84 -28.05 10.95
CA ALA D 425 -4.95 -27.73 12.37
C ALA D 425 -6.38 -27.96 12.85
N ARG D 426 -7.33 -27.25 12.26
CA ARG D 426 -8.76 -27.44 12.52
C ARG D 426 -9.17 -28.90 12.43
N SER D 470 -31.54 -25.44 29.06
CA SER D 470 -30.87 -24.53 28.15
C SER D 470 -31.87 -23.79 27.28
N LEU D 471 -33.13 -24.24 27.32
CA LEU D 471 -34.28 -23.72 26.59
C LEU D 471 -34.08 -23.71 25.08
N ILE D 472 -33.00 -24.32 24.59
CA ILE D 472 -32.83 -24.64 23.18
C ILE D 472 -32.58 -26.11 22.97
N GLU D 473 -31.66 -26.69 23.75
CA GLU D 473 -31.45 -28.13 23.65
C GLU D 473 -32.69 -28.90 24.06
N SER D 474 -33.53 -28.31 24.91
CA SER D 474 -34.81 -28.94 25.20
C SER D 474 -35.64 -29.04 23.94
N GLN D 475 -35.82 -27.91 23.24
CA GLN D 475 -36.63 -27.91 22.02
C GLN D 475 -35.98 -28.70 20.91
N HIS D 476 -34.65 -28.72 20.86
CA HIS D 476 -33.99 -29.46 19.80
C HIS D 476 -34.07 -30.96 20.05
N HIS D 477 -33.82 -31.39 21.28
CA HIS D 477 -33.84 -32.82 21.58
C HIS D 477 -35.27 -33.34 21.65
N HIS D 478 -36.24 -32.44 21.80
CA HIS D 478 -37.63 -32.87 21.74
C HIS D 478 -37.94 -33.50 20.41
N LEU D 479 -37.39 -32.95 19.32
CA LEU D 479 -37.57 -33.59 18.03
C LEU D 479 -36.94 -34.96 18.02
N LEU D 480 -35.72 -35.07 18.56
CA LEU D 480 -35.03 -36.34 18.53
C LEU D 480 -35.79 -37.41 19.29
N HIS D 481 -36.31 -37.07 20.46
CA HIS D 481 -37.29 -37.92 21.12
C HIS D 481 -38.40 -38.29 20.17
N CYS D 482 -39.02 -37.27 19.55
CA CYS D 482 -40.17 -37.49 18.70
C CYS D 482 -39.86 -38.32 17.47
N LEU D 483 -38.59 -38.62 17.22
CA LEU D 483 -38.22 -39.54 16.17
C LEU D 483 -38.13 -40.98 16.65
N GLU D 484 -37.81 -41.19 17.92
CA GLU D 484 -37.85 -42.56 18.42
C GLU D 484 -39.27 -43.06 18.63
N LYS D 485 -40.29 -42.35 18.13
CA LYS D 485 -41.56 -43.02 17.94
C LYS D 485 -41.41 -44.20 17.00
N THR D 486 -40.49 -44.12 16.04
CA THR D 486 -40.04 -45.31 15.33
C THR D 486 -39.23 -46.15 16.29
N THR D 487 -39.23 -47.45 16.06
CA THR D 487 -38.53 -48.32 16.99
C THR D 487 -37.56 -49.24 16.27
N GLY E 50 -46.20 -8.86 -0.38
CA GLY E 50 -46.39 -7.71 0.50
C GLY E 50 -46.80 -8.16 1.87
N LEU E 51 -46.19 -7.59 2.91
CA LEU E 51 -46.42 -8.06 4.27
C LEU E 51 -47.90 -8.16 4.59
N GLU E 52 -48.71 -7.23 4.10
CA GLU E 52 -50.13 -7.29 4.40
C GLU E 52 -50.88 -8.25 3.48
N GLN E 53 -50.48 -8.39 2.22
CA GLN E 53 -51.14 -9.37 1.38
C GLN E 53 -50.88 -10.77 1.87
N LEU E 54 -49.87 -10.94 2.72
CA LEU E 54 -49.47 -12.26 3.19
C LEU E 54 -50.01 -12.50 4.59
N GLU E 55 -50.10 -11.46 5.40
CA GLU E 55 -50.70 -11.60 6.72
C GLU E 55 -52.12 -12.14 6.63
N ALA E 56 -52.90 -11.67 5.66
CA ALA E 56 -54.29 -12.07 5.53
C ALA E 56 -54.47 -13.40 4.85
N GLN E 57 -53.39 -14.17 4.64
CA GLN E 57 -53.49 -15.52 4.11
C GLN E 57 -53.05 -16.54 5.15
N THR E 58 -51.86 -16.35 5.71
CA THR E 58 -51.32 -17.25 6.71
C THR E 58 -51.90 -16.92 8.07
N ASN E 59 -51.69 -17.85 9.01
CA ASN E 59 -52.24 -17.70 10.34
C ASN E 59 -51.36 -16.86 11.26
N PHE E 60 -50.12 -16.61 10.87
CA PHE E 60 -49.23 -15.82 11.69
C PHE E 60 -49.77 -14.40 11.85
N THR E 61 -49.14 -13.67 12.74
CA THR E 61 -49.45 -12.27 12.96
C THR E 61 -48.54 -11.41 12.10
N LYS E 62 -48.44 -10.12 12.40
CA LYS E 62 -47.45 -9.31 11.73
C LYS E 62 -46.06 -9.54 12.31
N ARG E 63 -45.95 -9.45 13.64
CA ARG E 63 -44.64 -9.59 14.28
C ARG E 63 -44.01 -10.92 13.97
N GLU E 64 -44.79 -11.98 13.93
CA GLU E 64 -44.23 -13.28 13.65
C GLU E 64 -43.94 -13.50 12.18
N LEU E 65 -44.34 -12.58 11.32
CA LEU E 65 -43.89 -12.62 9.94
C LEU E 65 -42.60 -11.84 9.77
N GLN E 66 -42.48 -10.70 10.44
CA GLN E 66 -41.20 -10.02 10.45
C GLN E 66 -40.11 -10.90 11.04
N VAL E 67 -40.40 -11.52 12.18
CA VAL E 67 -39.38 -12.24 12.94
C VAL E 67 -38.86 -13.44 12.21
N LEU E 68 -39.55 -13.91 11.18
CA LEU E 68 -39.00 -14.99 10.40
C LEU E 68 -38.64 -14.62 8.98
N TYR E 69 -39.14 -13.52 8.43
CA TYR E 69 -38.50 -13.02 7.23
C TYR E 69 -37.08 -12.66 7.54
N ARG E 70 -36.84 -12.06 8.70
CA ARG E 70 -35.46 -11.77 9.09
C ARG E 70 -34.62 -13.03 9.12
N GLY E 71 -35.12 -14.08 9.77
CA GLY E 71 -34.33 -15.30 9.88
C GLY E 71 -34.13 -15.99 8.54
N PHE E 72 -35.18 -16.10 7.74
CA PHE E 72 -35.06 -16.64 6.39
C PHE E 72 -34.02 -15.87 5.60
N LYS E 73 -34.25 -14.58 5.40
CA LYS E 73 -33.33 -13.79 4.58
C LYS E 73 -31.92 -13.78 5.12
N ASN E 74 -31.73 -13.96 6.42
CA ASN E 74 -30.39 -13.82 6.97
C ASN E 74 -29.46 -14.92 6.52
N GLU E 75 -29.98 -16.11 6.23
CA GLU E 75 -29.12 -17.21 5.80
C GLU E 75 -29.12 -17.40 4.29
N CYS E 76 -30.25 -17.29 3.62
CA CYS E 76 -30.27 -17.24 2.17
C CYS E 76 -30.82 -15.88 1.76
N PRO E 77 -29.98 -14.95 1.30
CA PRO E 77 -30.48 -13.59 1.03
C PRO E 77 -31.47 -13.57 -0.11
N SER E 78 -32.54 -14.32 0.09
CA SER E 78 -33.72 -14.38 -0.76
C SER E 78 -33.34 -14.39 -2.24
N GLY E 79 -32.49 -15.34 -2.60
CA GLY E 79 -32.61 -15.77 -3.97
C GLY E 79 -33.90 -16.57 -4.04
N VAL E 80 -33.85 -17.82 -3.56
CA VAL E 80 -34.92 -18.62 -2.98
C VAL E 80 -34.19 -19.89 -2.53
N VAL E 81 -34.72 -20.60 -1.53
CA VAL E 81 -34.10 -21.88 -1.17
C VAL E 81 -34.23 -22.88 -2.31
N ASN E 82 -33.12 -23.55 -2.61
CA ASN E 82 -33.06 -24.72 -3.47
C ASN E 82 -32.67 -25.92 -2.62
N GLU E 83 -32.74 -27.12 -3.20
CA GLU E 83 -32.46 -28.32 -2.43
C GLU E 83 -31.15 -28.19 -1.68
N ASP E 84 -30.11 -27.72 -2.35
CA ASP E 84 -28.81 -27.63 -1.71
C ASP E 84 -28.83 -26.77 -0.45
N THR E 85 -29.93 -26.06 -0.19
CA THR E 85 -30.07 -25.36 1.08
C THR E 85 -30.93 -26.14 2.07
N PHE E 86 -31.95 -26.86 1.60
CA PHE E 86 -32.69 -27.75 2.51
C PHE E 86 -31.80 -28.86 3.04
N LYS E 87 -31.12 -29.57 2.15
CA LYS E 87 -30.31 -30.72 2.52
C LYS E 87 -29.25 -30.39 3.54
N GLN E 88 -29.01 -29.12 3.83
CA GLN E 88 -28.09 -28.74 4.89
C GLN E 88 -28.74 -27.99 6.02
N ILE E 89 -29.82 -27.25 5.78
CA ILE E 89 -30.55 -26.62 6.86
C ILE E 89 -31.27 -27.67 7.69
N TYR E 90 -31.85 -28.68 7.05
CA TYR E 90 -32.44 -29.79 7.76
C TYR E 90 -31.37 -30.64 8.43
N ALA E 91 -30.30 -30.93 7.71
CA ALA E 91 -29.26 -31.82 8.22
C ALA E 91 -28.58 -31.29 9.47
N GLN E 92 -28.54 -29.98 9.66
CA GLN E 92 -27.98 -29.43 10.88
C GLN E 92 -28.85 -29.75 12.10
N PHE E 93 -30.05 -30.29 11.88
CA PHE E 93 -30.90 -30.73 12.97
C PHE E 93 -30.80 -32.22 13.24
N PHE E 94 -30.30 -33.00 12.28
CA PHE E 94 -30.20 -34.45 12.41
C PHE E 94 -28.76 -34.88 12.20
N PRO E 95 -27.91 -34.71 13.19
CA PRO E 95 -26.61 -35.37 13.15
C PRO E 95 -26.81 -36.87 13.26
N HIS E 96 -25.72 -37.64 13.27
CA HIS E 96 -25.78 -39.09 13.37
C HIS E 96 -26.92 -39.65 12.52
N GLY E 97 -26.97 -39.27 11.26
CA GLY E 97 -28.03 -39.72 10.38
C GLY E 97 -27.97 -38.98 9.07
N ASP E 98 -28.71 -39.51 8.11
CA ASP E 98 -28.80 -38.90 6.79
C ASP E 98 -30.13 -38.18 6.66
N ALA E 99 -30.08 -36.89 6.34
CA ALA E 99 -31.27 -36.08 6.21
C ALA E 99 -31.56 -35.71 4.76
N SER E 100 -30.69 -36.04 3.82
CA SER E 100 -30.88 -35.60 2.45
C SER E 100 -32.05 -36.30 1.80
N THR E 101 -32.09 -37.62 1.88
CA THR E 101 -33.06 -38.36 1.09
C THR E 101 -34.48 -38.16 1.57
N TYR E 102 -34.69 -37.75 2.81
CA TYR E 102 -36.04 -37.39 3.21
C TYR E 102 -36.36 -35.95 2.84
N ALA E 103 -35.41 -35.03 3.10
CA ALA E 103 -35.61 -33.65 2.70
C ALA E 103 -36.00 -33.56 1.24
N HIS E 104 -35.52 -34.50 0.43
CA HIS E 104 -35.86 -34.53 -0.98
C HIS E 104 -37.27 -35.00 -1.26
N TYR E 105 -38.14 -35.09 -0.25
CA TYR E 105 -39.55 -35.29 -0.52
C TYR E 105 -40.38 -34.11 -0.08
N LEU E 106 -40.11 -33.56 1.09
CA LEU E 106 -40.86 -32.37 1.42
C LEU E 106 -40.32 -31.15 0.71
N PHE E 107 -39.14 -31.20 0.08
CA PHE E 107 -38.79 -30.13 -0.83
C PHE E 107 -39.74 -30.13 -2.00
N ASN E 108 -40.08 -31.31 -2.49
CA ASN E 108 -41.07 -31.41 -3.56
C ASN E 108 -42.47 -31.11 -3.03
N ALA E 109 -42.69 -31.26 -1.73
CA ALA E 109 -44.00 -30.97 -1.17
C ALA E 109 -44.23 -29.47 -1.03
N PHE E 110 -43.35 -28.79 -0.30
CA PHE E 110 -43.43 -27.34 -0.13
C PHE E 110 -43.67 -26.64 -1.47
N ASP E 111 -42.97 -27.09 -2.50
CA ASP E 111 -42.94 -26.44 -3.80
C ASP E 111 -44.24 -26.67 -4.57
N THR E 112 -45.23 -25.80 -4.38
CA THR E 112 -46.50 -25.97 -5.07
C THR E 112 -46.34 -25.92 -6.58
N THR E 113 -45.65 -24.91 -7.10
CA THR E 113 -45.31 -24.89 -8.51
C THR E 113 -44.23 -25.94 -8.76
N GLN E 114 -43.76 -26.05 -9.99
CA GLN E 114 -42.78 -27.08 -10.34
C GLN E 114 -41.43 -26.48 -10.66
N THR E 115 -41.10 -25.35 -10.07
CA THR E 115 -39.79 -24.75 -10.23
C THR E 115 -38.75 -25.57 -9.50
N GLY E 116 -37.53 -25.07 -9.47
CA GLY E 116 -36.47 -25.71 -8.72
C GLY E 116 -36.21 -24.97 -7.41
N SER E 117 -36.92 -23.86 -7.23
CA SER E 117 -36.84 -23.08 -6.00
C SER E 117 -38.02 -22.14 -6.02
N VAL E 118 -38.90 -22.20 -5.02
CA VAL E 118 -40.17 -21.52 -5.22
C VAL E 118 -40.17 -20.07 -4.76
N LYS E 119 -40.13 -19.80 -3.45
CA LYS E 119 -40.31 -18.44 -2.99
C LYS E 119 -40.18 -18.39 -1.48
N PHE E 120 -40.43 -17.23 -0.87
CA PHE E 120 -40.70 -17.10 0.55
C PHE E 120 -42.19 -17.10 0.85
N GLU E 121 -42.99 -16.46 0.01
CA GLU E 121 -44.42 -16.42 0.27
C GLU E 121 -45.00 -17.82 0.29
N ASP E 122 -44.63 -18.65 -0.68
CA ASP E 122 -45.09 -20.03 -0.71
C ASP E 122 -44.33 -20.92 0.26
N PHE E 123 -43.42 -20.35 1.03
CA PHE E 123 -42.77 -21.06 2.13
C PHE E 123 -43.58 -20.91 3.40
N VAL E 124 -43.83 -19.66 3.79
CA VAL E 124 -44.66 -19.42 4.96
C VAL E 124 -46.10 -19.82 4.71
N THR E 125 -46.56 -19.82 3.46
CA THR E 125 -47.91 -20.28 3.23
C THR E 125 -48.08 -21.74 3.60
N ALA E 126 -47.02 -22.53 3.57
CA ALA E 126 -47.11 -23.91 4.04
C ALA E 126 -46.69 -24.10 5.48
N LEU E 127 -45.76 -23.29 5.98
CA LEU E 127 -45.50 -23.26 7.41
C LEU E 127 -46.76 -22.97 8.21
N SER E 128 -47.52 -21.96 7.81
CA SER E 128 -48.72 -21.62 8.57
C SER E 128 -49.70 -22.77 8.57
N ILE E 129 -49.83 -23.46 7.44
CA ILE E 129 -50.74 -24.60 7.38
C ILE E 129 -50.25 -25.73 8.28
N LEU E 130 -48.98 -26.13 8.13
CA LEU E 130 -48.46 -27.26 8.88
C LEU E 130 -48.47 -27.01 10.38
N LEU E 131 -48.27 -25.76 10.81
CA LEU E 131 -48.29 -25.53 12.25
C LEU E 131 -49.68 -25.20 12.76
N ARG E 132 -50.28 -24.12 12.28
CA ARG E 132 -51.55 -23.67 12.86
C ARG E 132 -52.72 -23.87 11.92
N GLY E 133 -52.58 -24.70 10.90
CA GLY E 133 -53.68 -24.98 10.02
C GLY E 133 -54.68 -25.93 10.64
N THR E 134 -55.73 -26.22 9.88
CA THR E 134 -56.74 -27.16 10.33
C THR E 134 -56.29 -28.60 10.09
N VAL E 135 -56.76 -29.49 10.96
CA VAL E 135 -56.38 -30.89 10.85
C VAL E 135 -56.75 -31.43 9.49
N HIS E 136 -57.93 -31.07 8.98
CA HIS E 136 -58.36 -31.51 7.67
C HIS E 136 -57.50 -30.90 6.55
N GLU E 137 -56.75 -29.85 6.85
CA GLU E 137 -55.85 -29.29 5.87
C GLU E 137 -54.43 -29.84 6.04
N LYS E 138 -53.97 -29.98 7.29
CA LYS E 138 -52.69 -30.61 7.54
C LYS E 138 -52.65 -31.99 6.92
N LEU E 139 -53.73 -32.75 7.10
CA LEU E 139 -53.76 -34.11 6.58
C LEU E 139 -53.66 -34.12 5.07
N ARG E 140 -54.34 -33.19 4.42
CA ARG E 140 -54.21 -33.09 2.98
C ARG E 140 -52.78 -32.78 2.58
N TRP E 141 -52.12 -31.89 3.32
CA TRP E 141 -50.75 -31.53 2.98
C TRP E 141 -49.83 -32.74 3.09
N THR E 142 -49.86 -33.42 4.23
CA THR E 142 -49.04 -34.62 4.40
C THR E 142 -49.37 -35.63 3.31
N PHE E 143 -50.64 -35.73 2.94
CA PHE E 143 -51.03 -36.66 1.89
C PHE E 143 -50.34 -36.31 0.58
N ASN E 144 -50.36 -35.03 0.22
CA ASN E 144 -49.66 -34.61 -0.98
C ASN E 144 -48.16 -34.88 -0.87
N LEU E 145 -47.63 -34.91 0.35
CA LEU E 145 -46.24 -35.33 0.48
C LEU E 145 -46.08 -36.81 0.18
N TYR E 146 -47.00 -37.64 0.67
CA TYR E 146 -46.86 -39.08 0.51
C TYR E 146 -47.07 -39.51 -0.92
N ASP E 147 -47.83 -38.76 -1.70
CA ASP E 147 -48.18 -39.14 -3.07
C ASP E 147 -47.02 -38.83 -4.00
N ILE E 148 -46.00 -39.69 -3.98
CA ILE E 148 -44.75 -39.40 -4.67
C ILE E 148 -44.95 -39.28 -6.18
N ASN E 149 -45.80 -40.10 -6.78
CA ASN E 149 -46.05 -40.00 -8.21
C ASN E 149 -46.93 -38.81 -8.59
N LYS E 150 -47.22 -37.92 -7.64
CA LYS E 150 -47.92 -36.66 -7.84
C LYS E 150 -49.31 -36.84 -8.45
N ASP E 151 -49.78 -38.07 -8.59
CA ASP E 151 -51.01 -38.33 -9.33
C ASP E 151 -52.24 -38.41 -8.44
N GLY E 152 -52.10 -38.98 -7.25
CA GLY E 152 -53.22 -39.13 -6.34
C GLY E 152 -53.35 -40.54 -5.80
N TYR E 153 -52.28 -41.32 -5.88
CA TYR E 153 -52.29 -42.71 -5.47
C TYR E 153 -50.96 -43.04 -4.81
N ILE E 154 -51.02 -43.67 -3.63
CA ILE E 154 -49.84 -44.14 -2.93
C ILE E 154 -49.83 -45.66 -3.04
N ASN E 155 -48.72 -46.21 -3.54
CA ASN E 155 -48.55 -47.65 -3.54
C ASN E 155 -47.72 -48.05 -2.32
N LYS E 156 -47.91 -49.31 -1.91
CA LYS E 156 -47.22 -49.80 -0.72
C LYS E 156 -45.71 -49.60 -0.82
N GLU E 157 -45.11 -49.99 -1.94
CA GLU E 157 -43.70 -49.69 -2.12
C GLU E 157 -43.43 -48.21 -2.29
N GLU E 158 -44.40 -47.44 -2.80
CA GLU E 158 -44.18 -46.01 -2.93
C GLU E 158 -43.95 -45.37 -1.56
N MET E 159 -44.92 -45.50 -0.65
CA MET E 159 -44.71 -44.96 0.68
C MET E 159 -43.58 -45.71 1.39
N MET E 160 -43.28 -46.93 0.96
CA MET E 160 -42.06 -47.56 1.43
C MET E 160 -40.85 -46.72 1.09
N ASP E 161 -40.89 -46.02 -0.04
CA ASP E 161 -39.79 -45.13 -0.37
C ASP E 161 -39.65 -43.98 0.64
N ILE E 162 -40.72 -43.65 1.37
CA ILE E 162 -40.64 -42.60 2.38
C ILE E 162 -40.17 -43.19 3.71
N VAL E 163 -40.64 -44.39 4.03
CA VAL E 163 -40.24 -44.99 5.30
C VAL E 163 -38.79 -45.46 5.27
N LYS E 164 -38.32 -45.93 4.11
CA LYS E 164 -36.90 -46.22 3.97
C LYS E 164 -36.05 -44.97 4.02
N ALA E 165 -36.68 -43.80 3.95
CA ALA E 165 -35.99 -42.53 4.11
C ALA E 165 -35.93 -42.11 5.57
N ILE E 166 -37.06 -42.18 6.26
CA ILE E 166 -37.04 -41.88 7.69
C ILE E 166 -36.09 -42.83 8.41
N TYR E 167 -36.31 -44.14 8.26
CA TYR E 167 -35.46 -45.12 8.95
C TYR E 167 -33.99 -44.92 8.62
N ASP E 168 -33.70 -44.40 7.42
CA ASP E 168 -32.36 -43.98 7.09
C ASP E 168 -31.93 -42.79 7.96
N MET E 169 -32.84 -41.85 8.16
CA MET E 169 -32.56 -40.70 9.01
C MET E 169 -32.37 -41.09 10.46
N MET E 170 -32.78 -42.29 10.84
CA MET E 170 -32.71 -42.72 12.24
C MET E 170 -31.27 -42.71 12.73
N GLY E 171 -30.36 -43.33 11.99
CA GLY E 171 -28.98 -43.33 12.40
C GLY E 171 -28.21 -44.45 11.74
N LYS E 172 -26.92 -44.54 12.11
CA LYS E 172 -26.08 -45.57 11.54
C LYS E 172 -26.43 -46.94 12.10
N TYR E 173 -26.64 -47.04 13.41
CA TYR E 173 -26.98 -48.29 14.07
C TYR E 173 -28.32 -48.11 14.77
N THR E 174 -29.25 -49.01 14.52
CA THR E 174 -30.53 -48.92 15.19
C THR E 174 -30.35 -49.22 16.67
N TYR E 175 -31.02 -48.43 17.50
CA TYR E 175 -30.84 -48.58 18.95
C TYR E 175 -31.20 -49.99 19.42
N PRO E 176 -32.38 -50.55 19.11
CA PRO E 176 -32.56 -51.99 19.28
C PRO E 176 -32.08 -52.72 18.04
N VAL E 177 -32.38 -54.01 17.95
CA VAL E 177 -31.96 -54.78 16.79
C VAL E 177 -32.51 -54.16 15.51
N LEU E 178 -31.71 -54.23 14.45
CA LEU E 178 -32.08 -53.67 13.15
C LEU E 178 -32.57 -54.79 12.25
N LYS E 179 -33.70 -54.55 11.58
CA LYS E 179 -34.29 -55.52 10.67
C LYS E 179 -34.76 -54.81 9.41
N GLU E 180 -34.34 -55.32 8.26
CA GLU E 180 -34.66 -54.68 6.99
C GLU E 180 -36.02 -55.11 6.45
N ASP E 181 -36.59 -56.19 6.99
CA ASP E 181 -37.94 -56.58 6.58
C ASP E 181 -38.99 -55.84 7.36
N THR E 182 -38.61 -55.24 8.49
CA THR E 182 -39.52 -54.51 9.35
C THR E 182 -39.99 -53.16 8.77
N PRO E 183 -39.20 -52.48 7.94
CA PRO E 183 -39.79 -51.37 7.18
C PRO E 183 -40.83 -51.88 6.21
N ARG E 184 -40.85 -53.20 6.05
CA ARG E 184 -41.83 -53.85 5.19
C ARG E 184 -43.12 -54.15 5.93
N GLN E 185 -43.08 -54.29 7.25
CA GLN E 185 -44.34 -54.37 8.00
C GLN E 185 -44.83 -52.98 8.35
N HIS E 186 -43.92 -52.08 8.70
CA HIS E 186 -44.32 -50.73 9.12
C HIS E 186 -45.08 -50.02 8.02
N VAL E 187 -44.85 -50.42 6.76
CA VAL E 187 -45.67 -49.87 5.69
C VAL E 187 -47.00 -50.60 5.61
N ASP E 188 -46.99 -51.93 5.66
CA ASP E 188 -48.25 -52.65 5.52
C ASP E 188 -49.18 -52.42 6.69
N VAL E 189 -48.65 -52.35 7.92
CA VAL E 189 -49.46 -51.99 9.07
C VAL E 189 -50.17 -50.66 8.83
N PHE E 190 -49.61 -49.82 7.95
CA PHE E 190 -50.32 -48.65 7.50
C PHE E 190 -51.66 -49.02 6.89
N PHE E 191 -51.63 -49.75 5.76
CA PHE E 191 -52.83 -50.11 5.04
C PHE E 191 -53.87 -50.77 5.95
N GLN E 192 -53.43 -51.53 6.95
CA GLN E 192 -54.36 -52.22 7.84
C GLN E 192 -55.44 -51.28 8.37
N LYS E 193 -55.12 -50.00 8.53
CA LYS E 193 -56.14 -48.98 8.79
C LYS E 193 -56.51 -48.21 7.54
N MET E 194 -55.52 -47.85 6.72
CA MET E 194 -55.69 -46.87 5.67
C MET E 194 -56.37 -47.41 4.41
N ASP E 195 -56.91 -48.62 4.45
CA ASP E 195 -57.51 -49.22 3.26
C ASP E 195 -58.88 -49.77 3.62
N LYS E 196 -59.91 -48.96 3.43
CA LYS E 196 -61.29 -49.45 3.58
C LYS E 196 -61.76 -50.20 2.34
N ASN E 197 -60.91 -50.33 1.33
CA ASN E 197 -61.16 -51.19 0.19
C ASN E 197 -60.48 -52.55 0.31
N LYS E 198 -59.45 -52.65 1.15
CA LYS E 198 -58.66 -53.87 1.31
C LYS E 198 -58.10 -54.35 -0.03
N ASP E 199 -57.68 -53.39 -0.85
CA ASP E 199 -57.09 -53.69 -2.14
C ASP E 199 -55.58 -53.49 -2.17
N GLY E 200 -55.06 -52.54 -1.41
CA GLY E 200 -53.66 -52.21 -1.46
C GLY E 200 -53.34 -50.94 -2.21
N ILE E 201 -54.32 -50.07 -2.43
CA ILE E 201 -54.11 -48.78 -3.08
C ILE E 201 -54.97 -47.75 -2.36
N VAL E 202 -54.41 -46.56 -2.15
CA VAL E 202 -55.00 -45.56 -1.26
C VAL E 202 -55.06 -44.21 -1.95
N THR E 203 -56.20 -43.53 -1.81
CA THR E 203 -56.40 -42.17 -2.26
C THR E 203 -56.77 -41.29 -1.08
N LEU E 204 -56.97 -39.99 -1.37
CA LEU E 204 -57.06 -38.99 -0.30
C LEU E 204 -58.22 -39.29 0.65
N ASP E 205 -59.40 -39.55 0.10
CA ASP E 205 -60.50 -39.93 0.97
C ASP E 205 -60.20 -41.27 1.62
N GLU E 206 -59.67 -42.22 0.85
CA GLU E 206 -59.33 -43.53 1.37
C GLU E 206 -58.16 -43.46 2.34
N PHE E 207 -57.41 -42.36 2.35
CA PHE E 207 -56.38 -42.17 3.36
C PHE E 207 -56.92 -41.51 4.61
N LEU E 208 -57.82 -40.52 4.45
CA LEU E 208 -58.29 -39.78 5.62
C LEU E 208 -59.34 -40.56 6.41
N GLU E 209 -60.21 -41.31 5.73
CA GLU E 209 -61.36 -41.88 6.40
C GLU E 209 -60.98 -42.90 7.46
N SER E 210 -59.68 -43.12 7.63
CA SER E 210 -59.16 -43.95 8.71
C SER E 210 -58.27 -43.19 9.66
N CYS E 211 -57.97 -41.93 9.38
CA CYS E 211 -56.94 -41.18 10.08
C CYS E 211 -57.52 -40.04 10.92
N GLN E 212 -58.83 -40.06 11.14
CA GLN E 212 -59.52 -39.03 11.91
C GLN E 212 -59.95 -39.51 13.29
N GLU E 213 -59.81 -40.80 13.58
CA GLU E 213 -60.18 -41.33 14.88
C GLU E 213 -58.99 -41.79 15.71
N ASP E 214 -57.81 -41.90 15.12
CA ASP E 214 -56.62 -42.29 15.85
C ASP E 214 -56.21 -41.16 16.78
N ASP E 215 -56.85 -41.09 17.95
CA ASP E 215 -56.77 -39.92 18.82
C ASP E 215 -55.33 -39.45 19.02
N ASN E 216 -54.39 -40.39 19.08
CA ASN E 216 -53.03 -40.02 19.43
C ASN E 216 -52.43 -39.08 18.39
N ILE E 217 -52.76 -39.25 17.12
CA ILE E 217 -52.19 -38.33 16.13
C ILE E 217 -52.98 -37.03 16.10
N MET E 218 -54.29 -37.09 16.28
CA MET E 218 -55.02 -35.83 16.39
C MET E 218 -54.64 -35.06 17.65
N ARG E 219 -53.83 -35.65 18.53
CA ARG E 219 -53.13 -34.90 19.56
C ARG E 219 -51.66 -34.69 19.24
N SER E 220 -51.11 -35.41 18.25
CA SER E 220 -49.78 -35.14 17.76
C SER E 220 -49.77 -34.54 16.36
N LEU E 221 -50.93 -34.35 15.74
CA LEU E 221 -51.03 -33.37 14.68
C LEU E 221 -51.24 -31.98 15.23
N GLN E 222 -51.28 -31.84 16.55
CA GLN E 222 -51.50 -30.56 17.21
C GLN E 222 -50.47 -30.33 18.28
N LEU E 223 -49.22 -30.74 18.02
CA LEU E 223 -48.17 -30.50 19.01
C LEU E 223 -47.83 -29.02 19.08
N PHE E 224 -47.29 -28.48 17.99
CA PHE E 224 -46.69 -27.16 17.99
C PHE E 224 -47.67 -26.04 17.74
N GLN E 225 -48.94 -26.30 17.68
CA GLN E 225 -49.75 -25.16 17.31
C GLN E 225 -49.95 -24.19 18.43
N ASN E 226 -49.10 -24.18 19.45
CA ASN E 226 -49.13 -23.11 20.44
C ASN E 226 -47.73 -22.58 20.72
N VAL E 227 -46.71 -23.41 20.51
CA VAL E 227 -45.35 -23.00 20.80
C VAL E 227 -44.89 -22.02 19.73
N MET E 228 -44.09 -21.04 20.14
CA MET E 228 -43.57 -20.02 19.25
C MET E 228 -42.42 -19.31 19.89
N MET F 1 -42.62 -16.51 15.65
CA MET F 1 -41.98 -17.56 16.44
C MET F 1 -40.59 -17.15 16.86
N ALA F 2 -39.80 -18.12 17.29
CA ALA F 2 -38.48 -17.84 17.85
C ALA F 2 -37.56 -17.28 16.77
N ALA F 3 -36.56 -16.51 17.22
CA ALA F 3 -35.63 -15.82 16.34
C ALA F 3 -34.20 -16.14 16.70
N GLY F 4 -33.27 -15.55 15.98
CA GLY F 4 -31.87 -15.62 16.34
C GLY F 4 -31.22 -16.97 16.12
N VAL F 5 -30.89 -17.67 17.20
CA VAL F 5 -30.21 -18.95 17.07
C VAL F 5 -31.20 -20.05 16.72
N ALA F 6 -32.37 -20.03 17.33
CA ALA F 6 -33.39 -21.01 16.99
C ALA F 6 -34.33 -20.47 15.93
N ALA F 7 -33.77 -19.94 14.84
CA ALA F 7 -34.60 -19.22 13.89
C ALA F 7 -35.18 -20.12 12.83
N TRP F 8 -34.52 -21.23 12.54
CA TRP F 8 -35.00 -22.20 11.57
C TRP F 8 -35.70 -23.37 12.22
N LEU F 9 -35.85 -23.35 13.52
CA LEU F 9 -36.45 -24.46 14.22
C LEU F 9 -37.95 -24.53 13.93
N PRO F 10 -38.64 -23.45 13.59
CA PRO F 10 -40.00 -23.62 13.08
C PRO F 10 -40.06 -24.47 11.84
N PHE F 11 -39.06 -24.36 10.98
CA PHE F 11 -39.05 -25.15 9.76
C PHE F 11 -38.98 -26.63 10.08
N ALA F 12 -38.13 -27.01 11.04
CA ALA F 12 -38.05 -28.42 11.39
C ALA F 12 -39.28 -28.87 12.16
N ARG F 13 -39.82 -28.02 13.01
CA ARG F 13 -41.08 -28.35 13.68
C ARG F 13 -42.17 -28.61 12.65
N ALA F 14 -42.16 -27.88 11.54
CA ALA F 14 -43.15 -28.12 10.51
C ALA F 14 -42.88 -29.42 9.78
N ALA F 15 -41.64 -29.62 9.36
CA ALA F 15 -41.29 -30.86 8.67
C ALA F 15 -41.64 -32.08 9.51
N ALA F 16 -41.54 -31.97 10.82
CA ALA F 16 -41.83 -33.11 11.69
C ALA F 16 -43.22 -33.66 11.45
N ILE F 17 -44.18 -32.81 11.10
CA ILE F 17 -45.54 -33.27 10.88
C ILE F 17 -45.62 -34.26 9.73
N GLY F 18 -44.56 -34.40 8.94
CA GLY F 18 -44.56 -35.46 7.95
C GLY F 18 -44.59 -36.85 8.55
N TRP F 19 -44.29 -37.01 9.84
CA TRP F 19 -44.20 -38.32 10.46
C TRP F 19 -45.49 -38.76 11.11
N MET F 20 -46.26 -37.81 11.63
CA MET F 20 -47.36 -38.16 12.53
C MET F 20 -48.32 -39.23 11.99
N PRO F 21 -48.68 -39.26 10.70
CA PRO F 21 -49.54 -40.35 10.25
C PRO F 21 -48.88 -41.71 10.32
N VAL F 22 -47.68 -41.84 9.75
CA VAL F 22 -46.98 -43.13 9.77
C VAL F 22 -46.41 -43.45 11.14
N ALA F 23 -46.57 -42.55 12.11
CA ALA F 23 -46.04 -42.74 13.45
C ALA F 23 -46.99 -43.66 14.25
N ASN F 24 -46.77 -44.96 14.10
CA ASN F 24 -47.66 -45.89 14.78
C ASN F 24 -47.42 -45.93 16.29
N CYS F 25 -46.28 -45.43 16.75
CA CYS F 25 -46.01 -45.37 18.18
C CYS F 25 -47.19 -44.74 18.91
N PRO F 26 -47.44 -45.15 20.14
CA PRO F 26 -48.61 -44.63 20.87
C PRO F 26 -48.66 -43.12 20.93
N MET F 27 -47.67 -42.51 21.56
CA MET F 27 -47.73 -41.10 21.89
C MET F 27 -46.47 -40.40 21.42
N PRO F 28 -46.53 -39.09 21.22
CA PRO F 28 -45.31 -38.30 21.05
C PRO F 28 -44.83 -37.79 22.41
N LEU F 29 -43.74 -37.04 22.36
CA LEU F 29 -43.30 -36.29 23.53
C LEU F 29 -43.96 -34.92 23.48
N ALA F 30 -44.66 -34.55 24.55
CA ALA F 30 -45.18 -33.21 24.65
C ALA F 30 -44.04 -32.20 24.47
N PRO F 31 -44.32 -31.02 23.92
CA PRO F 31 -43.23 -30.11 23.53
C PRO F 31 -42.46 -29.57 24.70
N ALA F 32 -41.52 -28.66 24.45
CA ALA F 32 -40.68 -28.10 25.51
C ALA F 32 -41.09 -26.68 25.87
N ASP F 33 -42.39 -26.40 25.89
CA ASP F 33 -42.85 -25.02 26.09
C ASP F 33 -42.47 -24.52 27.48
N LYS F 34 -42.18 -23.22 27.54
CA LYS F 34 -41.88 -22.54 28.80
C LYS F 34 -42.27 -21.08 28.66
N ASN F 35 -41.75 -20.23 29.55
CA ASN F 35 -42.05 -18.81 29.49
C ASN F 35 -41.69 -18.23 28.12
N LYS F 36 -42.44 -17.21 27.71
CA LYS F 36 -42.28 -16.63 26.39
C LYS F 36 -42.21 -15.12 26.52
N ARG F 37 -41.39 -14.51 25.66
CA ARG F 37 -41.35 -13.05 25.56
C ARG F 37 -40.62 -12.66 24.29
N GLN F 38 -40.98 -11.50 23.75
CA GLN F 38 -40.55 -11.09 22.43
C GLN F 38 -39.11 -10.58 22.45
N ASP F 39 -38.60 -10.30 21.25
CA ASP F 39 -37.29 -9.69 21.12
C ASP F 39 -37.36 -8.20 21.45
N GLU F 40 -36.20 -7.63 21.75
CA GLU F 40 -36.12 -6.22 22.07
C GLU F 40 -34.76 -5.71 21.64
N LEU F 41 -34.70 -4.42 21.37
CA LEU F 41 -33.46 -3.79 20.94
C LEU F 41 -32.61 -3.48 22.15
N ILE F 42 -31.59 -4.29 22.39
CA ILE F 42 -30.58 -3.95 23.37
C ILE F 42 -29.78 -2.77 22.83
N VAL F 43 -29.52 -1.79 23.69
CA VAL F 43 -28.88 -0.54 23.32
C VAL F 43 -27.47 -0.49 23.86
N LEU F 44 -26.51 -0.98 23.10
CA LEU F 44 -25.13 -0.88 23.54
C LEU F 44 -24.70 0.56 23.34
N ASN F 45 -24.00 1.12 24.31
CA ASN F 45 -23.63 2.53 24.21
C ASN F 45 -22.13 2.59 24.37
N VAL F 46 -21.41 2.33 23.28
CA VAL F 46 -19.97 2.20 23.36
C VAL F 46 -19.36 3.57 23.21
N SER F 47 -18.88 4.13 24.31
CA SER F 47 -18.20 5.42 24.33
C SER F 47 -18.97 6.47 23.56
N GLY F 48 -20.19 6.69 23.98
CA GLY F 48 -20.99 7.72 23.37
C GLY F 48 -21.68 7.26 22.11
N ARG F 49 -21.04 6.40 21.34
CA ARG F 49 -21.62 5.97 20.08
C ARG F 49 -22.57 4.82 20.34
N ARG F 50 -23.82 4.97 19.93
CA ARG F 50 -24.84 4.01 20.28
C ARG F 50 -25.02 2.97 19.20
N PHE F 51 -24.80 1.70 19.53
CA PHE F 51 -25.13 0.55 18.69
C PHE F 51 -26.39 -0.10 19.20
N GLN F 52 -27.10 -0.78 18.32
CA GLN F 52 -28.34 -1.42 18.71
C GLN F 52 -28.43 -2.79 18.09
N THR F 53 -29.09 -3.72 18.78
CA THR F 53 -29.19 -5.04 18.19
C THR F 53 -30.27 -5.85 18.90
N TRP F 54 -30.86 -6.80 18.19
CA TRP F 54 -31.83 -7.69 18.82
C TRP F 54 -31.15 -8.55 19.86
N ARG F 55 -31.79 -8.73 21.00
CA ARG F 55 -31.15 -9.49 22.06
C ARG F 55 -30.76 -10.88 21.59
N THR F 56 -31.60 -11.51 20.79
CA THR F 56 -31.31 -12.83 20.26
C THR F 56 -30.14 -12.85 19.29
N THR F 57 -29.71 -11.68 18.82
CA THR F 57 -28.43 -11.63 18.13
C THR F 57 -27.30 -11.79 19.12
N LEU F 58 -27.39 -11.12 20.26
CA LEU F 58 -26.32 -11.17 21.24
C LEU F 58 -26.17 -12.54 21.84
N GLU F 59 -27.26 -13.27 22.04
CA GLU F 59 -27.10 -14.54 22.74
C GLU F 59 -26.84 -15.71 21.81
N ARG F 60 -26.18 -15.51 20.69
CA ARG F 60 -25.79 -16.65 19.87
C ARG F 60 -24.48 -17.26 20.28
N TYR F 61 -23.68 -16.57 21.10
CA TYR F 61 -22.39 -17.09 21.55
C TYR F 61 -22.26 -16.80 23.03
N PRO F 62 -22.49 -17.80 23.88
CA PRO F 62 -22.69 -17.55 25.31
C PRO F 62 -21.47 -17.80 26.19
N ASP F 63 -20.31 -18.11 25.63
CA ASP F 63 -19.08 -18.07 26.40
C ASP F 63 -18.27 -16.80 26.14
N THR F 64 -18.95 -15.67 26.00
CA THR F 64 -18.31 -14.40 25.71
C THR F 64 -18.80 -13.35 26.70
N LEU F 65 -18.38 -12.10 26.52
CA LEU F 65 -18.86 -11.06 27.41
C LEU F 65 -20.26 -10.65 27.03
N LEU F 66 -20.44 -10.12 25.83
CA LEU F 66 -21.73 -9.60 25.44
C LEU F 66 -22.80 -10.67 25.45
N GLY F 67 -22.43 -11.93 25.18
CA GLY F 67 -23.43 -12.98 25.17
C GLY F 67 -23.82 -13.48 26.54
N SER F 68 -22.87 -13.57 27.45
CA SER F 68 -23.11 -14.20 28.74
C SER F 68 -23.88 -13.26 29.63
N THR F 69 -23.95 -13.57 30.91
CA THR F 69 -24.66 -12.75 31.87
C THR F 69 -23.72 -11.88 32.68
N GLU F 70 -22.51 -11.66 32.19
CA GLU F 70 -21.58 -10.79 32.88
C GLU F 70 -21.37 -9.49 32.14
N LYS F 71 -22.20 -9.21 31.14
CA LYS F 71 -22.33 -7.85 30.69
C LYS F 71 -23.31 -7.09 31.55
N GLU F 72 -23.68 -7.61 32.71
CA GLU F 72 -24.51 -6.89 33.63
C GLU F 72 -23.70 -6.05 34.60
N PHE F 73 -22.38 -6.20 34.60
CA PHE F 73 -21.57 -5.26 35.34
C PHE F 73 -21.42 -3.94 34.62
N PHE F 74 -21.95 -3.82 33.39
CA PHE F 74 -21.83 -2.61 32.61
C PHE F 74 -23.18 -1.97 32.35
N PHE F 75 -24.21 -2.42 33.05
CA PHE F 75 -25.56 -1.89 32.91
C PHE F 75 -25.70 -0.64 33.75
N ASN F 76 -26.31 0.38 33.19
CA ASN F 76 -26.46 1.67 33.86
C ASN F 76 -27.95 1.97 34.02
N GLU F 77 -28.58 1.35 35.00
CA GLU F 77 -30.04 1.30 35.00
C GLU F 77 -30.68 2.65 35.27
N ASP F 78 -29.90 3.69 35.53
CA ASP F 78 -30.44 5.03 35.46
C ASP F 78 -30.84 5.40 34.04
N THR F 79 -30.39 4.62 33.06
CA THR F 79 -30.67 4.90 31.66
C THR F 79 -31.07 3.68 30.87
N LYS F 80 -30.86 2.47 31.38
CA LYS F 80 -31.16 1.23 30.67
C LYS F 80 -30.32 1.10 29.41
N GLU F 81 -29.04 1.46 29.52
CA GLU F 81 -28.12 1.39 28.41
C GLU F 81 -26.83 0.79 28.89
N TYR F 82 -26.30 -0.17 28.15
CA TYR F 82 -24.99 -0.69 28.46
C TYR F 82 -23.95 0.31 28.03
N PHE F 83 -23.14 0.81 28.96
CA PHE F 83 -22.10 1.77 28.64
C PHE F 83 -20.75 1.12 28.80
N PHE F 84 -20.05 0.92 27.70
CA PHE F 84 -18.68 0.46 27.69
C PHE F 84 -17.76 1.63 27.45
N ASP F 85 -16.74 1.77 28.28
CA ASP F 85 -15.77 2.85 28.13
C ASP F 85 -14.61 2.40 27.24
N ARG F 86 -14.94 1.84 26.09
CA ARG F 86 -13.97 1.20 25.23
C ARG F 86 -13.89 1.96 23.92
N ASP F 87 -13.25 1.36 22.95
CA ASP F 87 -13.09 1.96 21.63
C ASP F 87 -14.34 1.71 20.78
N PRO F 88 -14.87 2.72 20.12
CA PRO F 88 -16.05 2.52 19.28
C PRO F 88 -15.78 2.23 17.81
N GLU F 89 -14.56 1.97 17.39
CA GLU F 89 -14.29 1.58 16.02
C GLU F 89 -13.90 0.13 15.90
N VAL F 90 -13.73 -0.57 17.02
CA VAL F 90 -13.47 -1.99 17.01
C VAL F 90 -14.61 -2.77 17.63
N PHE F 91 -15.53 -2.11 18.34
CA PHE F 91 -16.76 -2.78 18.69
C PHE F 91 -17.60 -3.06 17.47
N ARG F 92 -17.38 -2.37 16.37
CA ARG F 92 -18.14 -2.65 15.16
C ARG F 92 -17.83 -4.05 14.65
N CYS F 93 -16.55 -4.39 14.53
CA CYS F 93 -16.20 -5.72 14.02
C CYS F 93 -16.62 -6.82 14.98
N VAL F 94 -16.42 -6.60 16.27
CA VAL F 94 -16.92 -7.54 17.26
C VAL F 94 -18.39 -7.76 17.08
N LEU F 95 -19.15 -6.71 16.85
CA LEU F 95 -20.58 -6.88 16.76
C LEU F 95 -20.96 -7.62 15.49
N ASN F 96 -20.30 -7.29 14.39
CA ASN F 96 -20.62 -8.01 13.17
C ASN F 96 -20.19 -9.45 13.24
N PHE F 97 -19.33 -9.82 14.18
CA PHE F 97 -19.13 -11.25 14.41
C PHE F 97 -20.39 -11.89 14.93
N TYR F 98 -21.04 -11.25 15.91
CA TYR F 98 -22.24 -11.82 16.48
C TYR F 98 -23.38 -11.86 15.48
N ARG F 99 -23.42 -10.90 14.57
CA ARG F 99 -24.50 -10.91 13.59
C ARG F 99 -24.33 -12.05 12.59
N THR F 100 -23.25 -12.01 11.81
CA THR F 100 -23.05 -13.07 10.84
C THR F 100 -22.49 -14.32 11.50
N GLY F 101 -21.25 -14.27 11.93
CA GLY F 101 -20.61 -15.44 12.47
C GLY F 101 -19.14 -15.51 12.10
N LYS F 102 -18.68 -14.58 11.28
CA LYS F 102 -17.29 -14.52 10.88
C LYS F 102 -16.70 -13.20 11.31
N LEU F 103 -15.59 -13.25 12.04
CA LEU F 103 -14.95 -12.07 12.56
C LEU F 103 -13.98 -11.53 11.52
N HIS F 104 -13.90 -10.22 11.42
CA HIS F 104 -13.18 -9.57 10.35
C HIS F 104 -11.99 -8.78 10.88
N TYR F 105 -11.24 -8.21 9.96
CA TYR F 105 -10.10 -7.38 10.31
C TYR F 105 -10.04 -6.16 9.40
N PRO F 106 -10.20 -4.95 9.93
CA PRO F 106 -10.08 -3.76 9.10
C PRO F 106 -8.62 -3.50 8.77
N ARG F 107 -8.35 -3.16 7.51
CA ARG F 107 -6.97 -3.11 7.04
C ARG F 107 -6.08 -2.20 7.89
N TYR F 108 -6.68 -1.27 8.64
CA TYR F 108 -5.91 -0.13 9.13
C TYR F 108 -5.92 0.04 10.64
N GLU F 109 -6.12 -1.02 11.40
CA GLU F 109 -6.09 -0.88 12.86
C GLU F 109 -4.74 -1.27 13.42
N CYS F 110 -4.27 -0.48 14.38
CA CYS F 110 -3.01 -0.82 15.04
C CYS F 110 -3.18 -2.15 15.76
N ILE F 111 -2.64 -3.21 15.18
CA ILE F 111 -2.91 -4.60 15.58
C ILE F 111 -2.93 -4.79 17.09
N SER F 112 -2.17 -3.99 17.83
CA SER F 112 -2.23 -4.07 19.28
C SER F 112 -3.62 -3.68 19.78
N ALA F 113 -4.16 -2.60 19.24
CA ALA F 113 -5.50 -2.19 19.61
C ALA F 113 -6.51 -3.26 19.28
N TYR F 114 -6.38 -3.91 18.15
CA TYR F 114 -7.35 -4.93 17.81
C TYR F 114 -7.25 -6.12 18.75
N ASP F 115 -6.04 -6.58 19.01
CA ASP F 115 -5.89 -7.75 19.86
C ASP F 115 -6.45 -7.51 21.25
N ASP F 116 -6.21 -6.34 21.84
CA ASP F 116 -6.70 -6.26 23.21
C ASP F 116 -8.18 -5.97 23.29
N GLU F 117 -8.80 -5.41 22.25
CA GLU F 117 -10.26 -5.39 22.23
C GLU F 117 -10.79 -6.81 22.20
N LEU F 118 -10.29 -7.62 21.29
CA LEU F 118 -10.71 -9.01 21.25
C LEU F 118 -10.53 -9.67 22.60
N ALA F 119 -9.45 -9.34 23.28
CA ALA F 119 -9.23 -9.91 24.60
C ALA F 119 -10.33 -9.48 25.55
N PHE F 120 -10.66 -8.20 25.55
CA PHE F 120 -11.59 -7.70 26.54
C PHE F 120 -12.98 -8.29 26.34
N TYR F 121 -13.41 -8.45 25.10
CA TYR F 121 -14.79 -8.86 24.87
C TYR F 121 -15.02 -10.35 25.01
N GLY F 122 -13.97 -11.14 25.13
CA GLY F 122 -14.10 -12.57 25.20
C GLY F 122 -13.76 -13.30 23.94
N ILE F 123 -13.78 -12.63 22.81
CA ILE F 123 -13.46 -13.27 21.55
C ILE F 123 -12.01 -13.70 21.56
N LEU F 124 -11.71 -14.78 20.84
CA LEU F 124 -10.38 -15.31 20.62
C LEU F 124 -9.93 -15.02 19.20
N PRO F 125 -8.70 -14.60 18.99
CA PRO F 125 -8.22 -14.33 17.64
C PRO F 125 -8.14 -15.57 16.77
N GLU F 126 -8.19 -16.76 17.35
CA GLU F 126 -8.23 -17.98 16.56
C GLU F 126 -9.35 -17.97 15.53
N ILE F 127 -10.48 -17.34 15.84
CA ILE F 127 -11.69 -17.58 15.08
C ILE F 127 -11.84 -16.62 13.92
N ILE F 128 -10.80 -15.85 13.59
CA ILE F 128 -10.94 -14.85 12.53
C ILE F 128 -11.32 -15.55 11.24
N GLY F 129 -12.26 -14.97 10.51
CA GLY F 129 -12.66 -15.55 9.25
C GLY F 129 -11.50 -15.61 8.28
N ASP F 130 -11.46 -16.67 7.49
CA ASP F 130 -10.31 -16.89 6.63
C ASP F 130 -10.19 -15.84 5.55
N CYS F 131 -11.31 -15.24 5.15
CA CYS F 131 -11.30 -14.19 4.14
C CYS F 131 -10.27 -13.12 4.47
N CYS F 132 -10.17 -12.76 5.74
CA CYS F 132 -9.17 -11.82 6.21
C CYS F 132 -8.50 -12.44 7.42
N TYR F 133 -7.58 -13.37 7.17
CA TYR F 133 -6.88 -14.07 8.24
C TYR F 133 -5.39 -13.86 8.18
N GLU F 134 -4.77 -14.04 7.02
CA GLU F 134 -3.32 -14.03 7.01
C GLU F 134 -2.73 -12.65 7.00
N GLU F 135 -3.48 -11.63 6.56
CA GLU F 135 -2.99 -10.26 6.73
C GLU F 135 -2.99 -9.88 8.20
N TYR F 136 -3.91 -10.44 8.97
CA TYR F 136 -3.79 -10.37 10.41
C TYR F 136 -2.48 -10.96 10.87
N LYS F 137 -2.05 -12.08 10.26
CA LYS F 137 -0.78 -12.69 10.66
C LYS F 137 0.40 -11.85 10.22
N ASP F 138 0.31 -11.18 9.07
CA ASP F 138 1.39 -10.30 8.64
C ASP F 138 1.56 -9.16 9.61
N ARG F 139 0.46 -8.49 9.95
CA ARG F 139 0.54 -7.44 10.95
C ARG F 139 1.03 -7.98 12.27
N LYS F 140 0.61 -9.19 12.62
CA LYS F 140 1.05 -9.79 13.86
C LYS F 140 2.57 -9.93 13.89
N ARG F 141 3.13 -10.55 12.85
CA ARG F 141 4.57 -10.80 12.85
C ARG F 141 5.36 -9.51 12.80
N GLU F 142 4.94 -8.56 11.97
CA GLU F 142 5.65 -7.29 11.89
C GLU F 142 5.61 -6.57 13.23
N ASN F 143 4.46 -6.59 13.90
CA ASN F 143 4.34 -5.93 15.20
C ASN F 143 5.23 -6.60 16.23
N ALA F 144 5.18 -7.93 16.30
CA ALA F 144 6.03 -8.65 17.25
C ALA F 144 7.49 -8.29 17.04
N GLU F 145 7.96 -8.40 15.79
CA GLU F 145 9.33 -8.01 15.46
C GLU F 145 9.64 -6.59 15.91
N ARG F 146 8.72 -5.66 15.64
CA ARG F 146 8.92 -4.28 16.10
C ARG F 146 9.06 -4.21 17.61
N LEU F 147 8.41 -5.12 18.33
CA LEU F 147 8.57 -5.14 19.78
C LEU F 147 9.92 -5.72 20.19
N MET F 148 10.38 -6.76 19.48
CA MET F 148 11.63 -7.44 19.82
C MET F 148 12.82 -6.50 19.89
N LEU F 163 31.56 -12.51 37.74
CA LEU F 163 30.95 -11.27 37.29
C LEU F 163 31.87 -10.09 37.55
N SER F 164 32.73 -10.25 38.56
CA SER F 164 33.72 -9.21 38.84
C SER F 164 34.75 -9.12 37.73
N PHE F 165 35.49 -10.20 37.50
CA PHE F 165 36.56 -10.22 36.52
C PHE F 165 36.47 -11.37 35.53
N ARG F 166 36.15 -12.58 35.99
CA ARG F 166 36.26 -13.75 35.14
C ARG F 166 35.16 -13.76 34.07
N GLN F 167 34.07 -13.04 34.30
CA GLN F 167 33.04 -12.90 33.28
C GLN F 167 32.99 -11.50 32.69
N THR F 168 33.67 -10.52 33.31
CA THR F 168 33.76 -9.20 32.70
C THR F 168 34.58 -9.26 31.41
N MET F 169 35.57 -10.15 31.36
CA MET F 169 36.30 -10.37 30.13
C MET F 169 35.39 -10.91 29.03
N TRP F 170 34.52 -11.86 29.37
CA TRP F 170 33.53 -12.35 28.43
C TRP F 170 32.61 -11.23 27.97
N ARG F 171 32.10 -10.42 28.91
CA ARG F 171 31.18 -9.35 28.55
C ARG F 171 31.85 -8.32 27.65
N ALA F 172 33.13 -8.03 27.89
CA ALA F 172 33.82 -7.04 27.08
C ALA F 172 34.17 -7.56 25.69
N PHE F 173 34.50 -8.85 25.56
CA PHE F 173 34.92 -9.37 24.26
C PHE F 173 33.81 -9.21 23.23
N GLU F 174 32.69 -9.90 23.43
CA GLU F 174 31.63 -9.98 22.43
C GLU F 174 31.01 -8.64 22.12
N ASN F 175 31.48 -7.56 22.75
CA ASN F 175 31.10 -6.21 22.36
C ASN F 175 32.30 -5.31 22.66
N PRO F 176 33.22 -5.18 21.71
CA PRO F 176 34.36 -4.28 21.93
C PRO F 176 33.95 -2.87 22.34
N HIS F 177 32.74 -2.44 21.98
CA HIS F 177 32.27 -1.10 22.30
C HIS F 177 31.76 -0.96 23.72
N THR F 178 32.00 -1.96 24.58
CA THR F 178 31.69 -1.81 26.00
C THR F 178 32.67 -0.85 26.66
N SER F 179 33.95 -1.20 26.65
CA SER F 179 34.99 -0.39 27.25
C SER F 179 36.04 -0.07 26.20
N THR F 180 37.14 0.54 26.65
CA THR F 180 38.25 0.87 25.76
C THR F 180 39.29 -0.24 25.69
N LEU F 181 39.48 -0.99 26.79
CA LEU F 181 40.42 -2.10 26.75
C LEU F 181 39.99 -3.16 25.74
N ALA F 182 38.68 -3.46 25.67
CA ALA F 182 38.19 -4.36 24.65
C ALA F 182 38.36 -3.77 23.26
N LEU F 183 38.21 -2.45 23.12
CA LEU F 183 38.42 -1.81 21.84
C LEU F 183 39.84 -2.02 21.34
N VAL F 184 40.83 -1.78 22.21
CA VAL F 184 42.19 -1.97 21.77
C VAL F 184 42.51 -3.45 21.58
N PHE F 185 41.91 -4.33 22.37
CA PHE F 185 42.11 -5.76 22.14
C PHE F 185 41.58 -6.15 20.77
N TYR F 186 40.45 -5.59 20.37
CA TYR F 186 39.86 -5.89 19.07
C TYR F 186 40.72 -5.34 17.95
N TYR F 187 41.12 -4.07 18.05
CA TYR F 187 41.97 -3.47 17.05
C TYR F 187 43.36 -4.07 17.00
N VAL F 188 43.76 -4.86 17.98
CA VAL F 188 45.04 -5.53 17.95
C VAL F 188 44.93 -7.01 17.59
N THR F 189 43.75 -7.61 17.73
CA THR F 189 43.60 -8.95 17.21
C THR F 189 43.23 -8.94 15.73
N GLY F 190 42.61 -7.87 15.25
CA GLY F 190 42.42 -7.72 13.83
C GLY F 190 43.69 -7.50 13.05
N PHE F 191 44.78 -7.20 13.76
CA PHE F 191 46.08 -6.93 13.16
C PHE F 191 46.78 -8.20 12.72
N PHE F 192 46.71 -9.26 13.52
CA PHE F 192 47.58 -10.41 13.28
C PHE F 192 46.96 -11.43 12.32
N ILE F 193 45.63 -11.55 12.30
CA ILE F 193 44.98 -12.24 11.19
C ILE F 193 45.44 -11.62 9.88
N ALA F 194 45.41 -10.30 9.79
CA ALA F 194 45.81 -9.61 8.57
C ALA F 194 47.29 -9.84 8.28
N VAL F 195 48.12 -9.85 9.31
CA VAL F 195 49.55 -10.07 9.09
C VAL F 195 49.78 -11.46 8.52
N SER F 196 49.08 -12.46 9.07
CA SER F 196 49.24 -13.81 8.55
C SER F 196 48.71 -13.92 7.14
N VAL F 197 47.59 -13.25 6.85
CA VAL F 197 47.04 -13.29 5.50
C VAL F 197 48.05 -12.70 4.52
N ILE F 198 48.57 -11.52 4.84
CA ILE F 198 49.49 -10.85 3.92
C ILE F 198 50.75 -11.68 3.73
N THR F 199 51.27 -12.27 4.81
CA THR F 199 52.50 -13.04 4.63
C THR F 199 52.24 -14.33 3.88
N ASN F 200 51.09 -14.98 4.10
CA ASN F 200 50.77 -16.17 3.34
C ASN F 200 50.63 -15.84 1.87
N VAL F 201 50.14 -14.64 1.57
CA VAL F 201 50.11 -14.18 0.19
C VAL F 201 51.52 -14.06 -0.36
N VAL F 202 52.36 -13.30 0.34
CA VAL F 202 53.67 -12.94 -0.20
C VAL F 202 54.64 -14.10 -0.27
N GLU F 203 54.49 -15.13 0.57
CA GLU F 203 55.47 -16.21 0.61
C GLU F 203 55.72 -16.87 -0.74
N THR F 204 54.93 -16.55 -1.76
CA THR F 204 55.06 -17.19 -3.05
C THR F 204 55.69 -16.30 -4.11
N VAL F 205 55.84 -15.01 -3.84
CA VAL F 205 56.35 -14.05 -4.81
C VAL F 205 57.80 -14.38 -5.15
N PRO F 206 58.10 -14.73 -6.38
CA PRO F 206 59.51 -14.94 -6.73
C PRO F 206 60.26 -13.62 -6.79
N CYS F 207 61.08 -13.36 -5.77
CA CYS F 207 61.84 -12.12 -5.69
C CYS F 207 63.19 -12.39 -5.04
N GLY F 208 64.21 -11.70 -5.54
CA GLY F 208 65.58 -11.99 -5.16
C GLY F 208 66.24 -12.84 -6.22
N THR F 209 67.03 -12.22 -7.09
CA THR F 209 67.59 -12.95 -8.23
C THR F 209 68.54 -14.05 -7.78
N VAL F 210 69.10 -13.94 -6.58
CA VAL F 210 70.03 -14.93 -6.03
C VAL F 210 71.12 -15.18 -7.07
N PRO F 211 72.06 -14.24 -7.25
CA PRO F 211 73.07 -14.41 -8.32
C PRO F 211 73.90 -15.68 -8.20
N GLY F 212 73.71 -16.49 -7.17
CA GLY F 212 74.44 -17.73 -7.03
C GLY F 212 73.68 -18.96 -7.52
N SER F 213 72.36 -18.97 -7.34
CA SER F 213 71.56 -20.11 -7.76
C SER F 213 70.29 -19.63 -8.46
N LYS F 214 69.37 -20.56 -8.73
CA LYS F 214 68.12 -20.20 -9.39
C LYS F 214 67.27 -19.32 -8.47
N GLU F 215 66.19 -18.78 -9.02
CA GLU F 215 65.33 -17.89 -8.27
C GLU F 215 64.33 -18.67 -7.43
N LEU F 216 64.18 -18.25 -6.17
CA LEU F 216 63.38 -18.92 -5.17
C LEU F 216 62.20 -18.04 -4.76
N PRO F 217 61.10 -18.64 -4.33
CA PRO F 217 60.06 -17.86 -3.67
C PRO F 217 60.60 -17.23 -2.40
N CYS F 218 60.21 -15.98 -2.17
CA CYS F 218 60.63 -15.27 -0.96
C CYS F 218 60.35 -16.09 0.29
N GLY F 219 59.25 -16.84 0.29
CA GLY F 219 58.84 -17.54 1.49
C GLY F 219 59.84 -18.57 1.99
N GLU F 220 60.64 -19.14 1.09
CA GLU F 220 61.60 -20.16 1.48
C GLU F 220 63.04 -19.66 1.52
N ARG F 221 63.42 -18.75 0.63
CA ARG F 221 64.76 -18.19 0.70
C ARG F 221 65.00 -17.51 2.04
N TYR F 222 63.99 -16.82 2.56
CA TYR F 222 64.05 -16.28 3.92
C TYR F 222 63.29 -17.22 4.86
N SER F 223 63.79 -18.45 4.95
CA SER F 223 63.06 -19.52 5.65
C SER F 223 62.73 -19.13 7.08
N VAL F 224 63.75 -18.74 7.85
CA VAL F 224 63.52 -18.40 9.25
C VAL F 224 62.63 -17.17 9.38
N ALA F 225 62.77 -16.23 8.45
CA ALA F 225 61.98 -15.01 8.51
C ALA F 225 60.48 -15.32 8.56
N PHE F 226 60.02 -16.20 7.68
CA PHE F 226 58.60 -16.53 7.64
C PHE F 226 58.22 -17.61 8.64
N PHE F 227 59.16 -18.48 9.00
CA PHE F 227 58.87 -19.47 10.03
C PHE F 227 58.53 -18.77 11.35
N CYS F 228 59.30 -17.75 11.71
CA CYS F 228 59.04 -17.02 12.94
C CYS F 228 57.68 -16.32 12.88
N LEU F 229 57.38 -15.67 11.76
CA LEU F 229 56.09 -15.00 11.61
C LEU F 229 54.94 -15.97 11.79
N ASP F 230 55.00 -17.11 11.10
CA ASP F 230 53.89 -18.07 11.16
C ASP F 230 53.73 -18.62 12.58
N THR F 231 54.83 -19.04 13.20
CA THR F 231 54.74 -19.56 14.56
C THR F 231 54.17 -18.52 15.51
N ALA F 232 54.60 -17.25 15.37
CA ALA F 232 54.15 -16.21 16.27
C ALA F 232 52.67 -15.95 16.13
N CYS F 233 52.17 -15.86 14.89
CA CYS F 233 50.74 -15.59 14.73
C CYS F 233 49.91 -16.80 15.19
N VAL F 234 50.43 -18.02 15.00
CA VAL F 234 49.79 -19.19 15.61
C VAL F 234 49.65 -18.99 17.11
N MET F 235 50.73 -18.52 17.75
CA MET F 235 50.70 -18.27 19.18
C MET F 235 49.58 -17.28 19.54
N ILE F 236 49.49 -16.18 18.78
CA ILE F 236 48.50 -15.15 19.11
C ILE F 236 47.09 -15.71 19.00
N PHE F 237 46.83 -16.48 17.94
CA PHE F 237 45.50 -17.05 17.75
C PHE F 237 45.16 -18.04 18.85
N THR F 238 46.13 -18.83 19.30
CA THR F 238 45.87 -19.78 20.37
C THR F 238 45.57 -19.07 21.67
N VAL F 239 46.33 -18.02 21.97
CA VAL F 239 46.13 -17.28 23.22
C VAL F 239 44.76 -16.61 23.22
N GLU F 240 44.32 -16.12 22.06
CA GLU F 240 42.96 -15.58 21.98
C GLU F 240 41.93 -16.69 22.18
N TYR F 241 42.16 -17.85 21.56
CA TYR F 241 41.17 -18.92 21.58
C TYR F 241 40.92 -19.43 22.99
N LEU F 242 41.97 -19.54 23.79
CA LEU F 242 41.82 -20.08 25.14
C LEU F 242 40.88 -19.21 25.98
N LEU F 243 41.22 -17.93 26.11
CA LEU F 243 40.38 -17.01 26.87
C LEU F 243 38.99 -16.89 26.27
N ARG F 244 38.85 -17.11 24.96
CA ARG F 244 37.51 -17.15 24.37
C ARG F 244 36.71 -18.33 24.91
N LEU F 245 37.30 -19.52 24.88
CA LEU F 245 36.60 -20.71 25.32
C LEU F 245 36.25 -20.64 26.81
N PHE F 246 37.17 -20.14 27.62
CA PHE F 246 37.06 -20.34 29.06
C PHE F 246 35.81 -19.69 29.65
N ALA F 247 35.26 -18.69 28.99
CA ALA F 247 34.17 -17.92 29.57
C ALA F 247 32.81 -18.23 28.94
N ALA F 248 32.67 -19.37 28.28
CA ALA F 248 31.41 -19.69 27.63
C ALA F 248 30.44 -20.29 28.65
N PRO F 249 29.15 -19.92 28.59
CA PRO F 249 28.16 -20.61 29.43
C PRO F 249 28.21 -22.11 29.23
N SER F 250 28.10 -22.56 28.00
CA SER F 250 28.37 -23.96 27.65
C SER F 250 29.77 -24.00 27.05
N ARG F 251 30.72 -24.51 27.83
CA ARG F 251 32.04 -24.82 27.28
C ARG F 251 31.96 -25.87 26.18
N TYR F 252 30.78 -26.39 25.88
CA TYR F 252 30.57 -27.28 24.75
C TYR F 252 29.90 -26.57 23.57
N ARG F 253 28.77 -25.90 23.79
CA ARG F 253 28.09 -25.25 22.68
C ARG F 253 28.99 -24.24 21.99
N PHE F 254 29.99 -23.74 22.70
CA PHE F 254 31.04 -22.96 22.09
C PHE F 254 31.90 -23.81 21.15
N ILE F 255 31.96 -25.12 21.36
CA ILE F 255 32.79 -25.95 20.48
C ILE F 255 32.04 -26.31 19.21
N ARG F 256 30.71 -26.39 19.26
CA ARG F 256 29.94 -26.56 18.04
C ARG F 256 29.68 -25.22 17.35
N SER F 257 30.42 -24.17 17.68
CA SER F 257 30.12 -22.85 17.16
C SER F 257 30.57 -22.73 15.71
N VAL F 258 30.13 -21.64 15.08
CA VAL F 258 30.48 -21.41 13.69
C VAL F 258 31.93 -20.97 13.57
N MET F 259 32.48 -20.34 14.61
CA MET F 259 33.87 -19.91 14.60
C MET F 259 34.79 -20.85 15.35
N SER F 260 34.23 -21.78 16.12
CA SER F 260 35.05 -22.79 16.78
C SER F 260 35.90 -23.54 15.77
N ILE F 261 35.24 -24.21 14.82
CA ILE F 261 35.95 -24.95 13.80
C ILE F 261 36.79 -24.01 12.94
N ILE F 262 36.36 -22.75 12.82
CA ILE F 262 37.17 -21.75 12.13
C ILE F 262 38.55 -21.68 12.75
N ASP F 263 38.64 -21.34 14.04
CA ASP F 263 39.95 -21.21 14.66
C ASP F 263 40.66 -22.55 14.75
N VAL F 264 39.91 -23.64 14.91
CA VAL F 264 40.53 -24.97 14.99
C VAL F 264 41.30 -25.28 13.71
N VAL F 265 40.62 -25.19 12.57
CA VAL F 265 41.28 -25.46 11.29
C VAL F 265 42.19 -24.31 10.88
N ALA F 266 42.07 -23.16 11.54
CA ALA F 266 43.04 -22.10 11.32
C ALA F 266 44.39 -22.47 11.92
N ILE F 267 44.37 -23.10 13.10
CA ILE F 267 45.63 -23.37 13.79
C ILE F 267 46.22 -24.72 13.40
N MET F 268 45.38 -25.74 13.24
CA MET F 268 45.87 -27.12 13.14
C MET F 268 46.89 -27.34 12.03
N PRO F 269 46.69 -26.83 10.80
CA PRO F 269 47.70 -27.05 9.74
C PRO F 269 49.06 -26.45 10.05
N TYR F 270 49.22 -25.83 11.22
CA TYR F 270 50.56 -25.56 11.68
C TYR F 270 51.08 -26.68 12.58
N TYR F 271 50.24 -27.19 13.47
CA TYR F 271 50.69 -28.25 14.36
C TYR F 271 51.07 -29.49 13.56
N ILE F 272 50.33 -29.78 12.49
CA ILE F 272 50.76 -30.88 11.65
C ILE F 272 52.00 -30.51 10.84
N GLY F 273 52.26 -29.22 10.65
CA GLY F 273 53.46 -28.78 9.98
C GLY F 273 54.68 -28.96 10.86
N LEU F 274 54.44 -28.98 12.17
CA LEU F 274 55.49 -29.36 13.11
C LEU F 274 55.64 -30.87 13.21
N VAL F 275 54.55 -31.59 13.43
CA VAL F 275 54.64 -33.05 13.61
C VAL F 275 55.26 -33.70 12.38
N MET F 276 54.95 -33.17 11.19
CA MET F 276 55.35 -33.75 9.92
C MET F 276 56.26 -32.84 9.13
N THR F 277 57.26 -32.25 9.78
CA THR F 277 58.23 -31.38 9.11
C THR F 277 58.84 -32.13 7.93
N ASN F 278 59.44 -31.40 6.99
CA ASN F 278 59.78 -31.91 5.65
C ASN F 278 60.61 -33.18 5.63
N ASN F 279 61.11 -33.63 6.79
CA ASN F 279 61.82 -34.90 6.85
C ASN F 279 60.94 -36.05 6.36
N GLU F 280 59.74 -36.18 6.89
CA GLU F 280 58.76 -37.18 6.47
C GLU F 280 57.68 -36.45 5.69
N ASP F 281 57.90 -36.29 4.39
CA ASP F 281 57.00 -35.52 3.55
C ASP F 281 57.21 -35.88 2.09
N VAL F 282 56.12 -35.87 1.33
CA VAL F 282 56.13 -36.08 -0.11
C VAL F 282 55.26 -35.01 -0.76
N SER F 283 55.66 -34.56 -1.94
CA SER F 283 55.01 -33.42 -2.60
C SER F 283 53.49 -33.57 -2.66
N GLY F 284 52.99 -34.80 -2.71
CA GLY F 284 51.57 -35.02 -2.81
C GLY F 284 50.87 -35.21 -1.48
N ALA F 285 51.42 -34.61 -0.42
CA ALA F 285 50.83 -34.81 0.90
C ALA F 285 50.74 -33.56 1.77
N PHE F 286 51.36 -32.45 1.40
CA PHE F 286 51.45 -31.32 2.30
C PHE F 286 50.65 -30.11 1.88
N VAL F 287 50.53 -29.82 0.58
CA VAL F 287 49.71 -28.69 0.15
C VAL F 287 48.26 -28.92 0.52
N THR F 288 47.84 -30.18 0.61
CA THR F 288 46.45 -30.47 0.95
C THR F 288 46.08 -29.94 2.32
N LEU F 289 47.07 -29.65 3.16
CA LEU F 289 46.82 -28.97 4.42
C LEU F 289 47.38 -27.56 4.43
N ARG F 290 48.36 -27.28 3.57
CA ARG F 290 48.87 -25.92 3.46
C ARG F 290 47.81 -24.98 2.91
N VAL F 291 46.93 -25.48 2.05
CA VAL F 291 45.89 -24.66 1.46
C VAL F 291 45.00 -24.08 2.54
N PHE F 292 44.72 -24.87 3.57
CA PHE F 292 43.82 -24.44 4.63
C PHE F 292 44.27 -23.18 5.31
N ARG F 293 45.53 -22.76 5.12
CA ARG F 293 46.04 -21.61 5.85
C ARG F 293 45.20 -20.37 5.62
N VAL F 294 44.66 -20.19 4.41
CA VAL F 294 43.79 -19.06 4.14
C VAL F 294 42.49 -19.14 4.92
N PHE F 295 42.17 -20.29 5.51
CA PHE F 295 40.89 -20.45 6.17
C PHE F 295 40.85 -19.63 7.45
N ARG F 296 41.98 -19.00 7.80
CA ARG F 296 41.99 -18.12 8.96
C ARG F 296 41.48 -16.74 8.63
N ILE F 297 41.33 -16.43 7.34
CA ILE F 297 40.83 -15.11 6.97
C ILE F 297 39.40 -14.91 7.45
N PHE F 298 38.68 -16.00 7.71
CA PHE F 298 37.29 -15.88 8.13
C PHE F 298 37.16 -15.28 9.52
N LYS F 299 38.24 -15.21 10.29
CA LYS F 299 38.15 -14.60 11.61
C LYS F 299 37.72 -13.15 11.53
N PHE F 300 37.86 -12.52 10.37
CA PHE F 300 37.34 -11.18 10.17
C PHE F 300 35.84 -11.09 10.39
N SER F 301 35.16 -12.22 10.61
CA SER F 301 33.71 -12.21 10.71
C SER F 301 33.24 -11.29 11.81
N ARG F 302 33.73 -11.47 13.03
CA ARG F 302 33.26 -10.66 14.15
C ARG F 302 33.63 -9.20 13.98
N HIS F 303 34.60 -8.91 13.11
CA HIS F 303 34.97 -7.52 12.86
C HIS F 303 33.90 -6.81 12.05
N SER F 304 33.45 -7.42 10.96
CA SER F 304 32.51 -6.79 10.03
C SER F 304 31.13 -7.42 10.17
N GLN F 305 30.12 -6.58 10.36
CA GLN F 305 28.75 -7.09 10.35
C GLN F 305 28.40 -7.69 8.99
N GLY F 306 29.15 -7.30 7.96
CA GLY F 306 28.80 -7.73 6.61
C GLY F 306 28.96 -9.22 6.40
N LEU F 307 30.13 -9.78 6.75
CA LEU F 307 30.32 -11.19 6.51
C LEU F 307 29.33 -12.03 7.30
N ARG F 308 29.06 -11.65 8.54
CA ARG F 308 28.13 -12.43 9.32
C ARG F 308 26.72 -12.34 8.75
N ILE F 309 26.29 -11.15 8.33
CA ILE F 309 24.95 -11.03 7.79
C ILE F 309 24.84 -11.77 6.46
N LEU F 310 25.92 -11.80 5.68
CA LEU F 310 25.90 -12.56 4.44
C LEU F 310 25.80 -14.04 4.73
N GLY F 311 26.49 -14.50 5.78
CA GLY F 311 26.33 -15.90 6.17
C GLY F 311 24.91 -16.20 6.61
N TYR F 312 24.31 -15.30 7.37
CA TYR F 312 22.97 -15.56 7.88
C TYR F 312 21.96 -15.59 6.74
N THR F 313 22.16 -14.76 5.72
CA THR F 313 21.25 -14.79 4.58
C THR F 313 21.57 -15.92 3.61
N LEU F 314 22.78 -16.45 3.63
CA LEU F 314 23.01 -17.71 2.93
C LEU F 314 22.25 -18.84 3.61
N LYS F 315 22.22 -18.81 4.94
CA LYS F 315 21.48 -19.85 5.67
C LYS F 315 19.98 -19.69 5.47
N SER F 316 19.49 -18.46 5.44
CA SER F 316 18.06 -18.23 5.28
C SER F 316 17.56 -18.62 3.90
N CYS F 317 18.42 -18.59 2.88
CA CYS F 317 18.02 -18.93 1.52
C CYS F 317 18.40 -20.35 1.15
N ALA F 318 18.64 -21.21 2.14
CA ALA F 318 19.21 -22.52 1.86
C ALA F 318 18.34 -23.35 0.94
N SER F 319 17.06 -23.01 0.82
CA SER F 319 16.18 -23.79 -0.04
C SER F 319 16.46 -23.53 -1.51
N GLU F 320 16.93 -22.33 -1.84
CA GLU F 320 17.09 -21.91 -3.23
C GLU F 320 18.40 -22.38 -3.83
N LEU F 321 19.47 -22.41 -3.03
CA LEU F 321 20.75 -22.86 -3.56
C LEU F 321 20.73 -24.33 -3.91
N GLY F 322 19.92 -25.12 -3.21
CA GLY F 322 19.78 -26.52 -3.59
C GLY F 322 19.19 -26.66 -4.98
N PHE F 323 18.10 -25.94 -5.25
CA PHE F 323 17.50 -26.01 -6.57
C PHE F 323 18.43 -25.45 -7.62
N LEU F 324 19.16 -24.39 -7.30
CA LEU F 324 20.14 -23.86 -8.23
C LEU F 324 21.18 -24.91 -8.58
N LEU F 325 21.70 -25.60 -7.57
CA LEU F 325 22.72 -26.60 -7.81
C LEU F 325 22.17 -27.74 -8.67
N PHE F 326 20.95 -28.18 -8.37
CA PHE F 326 20.38 -29.27 -9.14
C PHE F 326 20.15 -28.86 -10.59
N SER F 327 19.57 -27.68 -10.80
CA SER F 327 19.30 -27.21 -12.15
C SER F 327 20.59 -27.05 -12.93
N LEU F 328 21.59 -26.41 -12.32
CA LEU F 328 22.89 -26.28 -12.97
C LEU F 328 23.46 -27.62 -13.35
N THR F 329 23.38 -28.62 -12.45
CA THR F 329 23.99 -29.90 -12.73
C THR F 329 23.30 -30.61 -13.89
N MET F 330 21.98 -30.67 -13.86
CA MET F 330 21.33 -31.34 -14.98
C MET F 330 21.47 -30.57 -16.28
N ALA F 331 21.50 -29.24 -16.22
CA ALA F 331 21.65 -28.47 -17.45
C ALA F 331 23.03 -28.69 -18.05
N ILE F 332 24.06 -28.70 -17.20
CA ILE F 332 25.38 -29.08 -17.66
C ILE F 332 25.34 -30.45 -18.32
N ILE F 333 24.65 -31.41 -17.70
CA ILE F 333 24.60 -32.75 -18.27
C ILE F 333 24.00 -32.73 -19.66
N ILE F 334 22.82 -32.13 -19.79
CA ILE F 334 22.11 -32.13 -21.07
C ILE F 334 22.96 -31.46 -22.13
N PHE F 335 23.42 -30.24 -21.86
CA PHE F 335 24.12 -29.51 -22.91
C PHE F 335 25.48 -30.11 -23.20
N ALA F 336 26.11 -30.75 -22.21
CA ALA F 336 27.37 -31.42 -22.46
C ALA F 336 27.17 -32.60 -23.38
N THR F 337 26.12 -33.39 -23.16
CA THR F 337 25.84 -34.50 -24.05
C THR F 337 25.58 -34.01 -25.46
N VAL F 338 24.74 -32.98 -25.59
CA VAL F 338 24.37 -32.50 -26.92
C VAL F 338 25.58 -31.98 -27.66
N MET F 339 26.37 -31.11 -27.02
CA MET F 339 27.55 -30.58 -27.69
C MET F 339 28.55 -31.69 -27.98
N PHE F 340 28.66 -32.66 -27.08
CA PHE F 340 29.58 -33.76 -27.28
C PHE F 340 29.25 -34.52 -28.54
N TYR F 341 28.00 -34.95 -28.66
CA TYR F 341 27.59 -35.73 -29.82
C TYR F 341 27.55 -34.91 -31.09
N ALA F 342 27.29 -33.61 -30.99
CA ALA F 342 27.32 -32.78 -32.18
C ALA F 342 28.73 -32.61 -32.70
N GLU F 343 29.63 -32.12 -31.85
CA GLU F 343 30.96 -31.73 -32.29
C GLU F 343 31.98 -32.84 -32.05
N LYS F 344 31.53 -34.07 -31.85
CA LYS F 344 32.48 -35.14 -31.55
C LYS F 344 33.40 -35.40 -32.74
N GLY F 345 32.83 -35.67 -33.92
CA GLY F 345 33.66 -36.02 -35.04
C GLY F 345 34.17 -34.82 -35.82
N SER F 346 35.37 -34.38 -35.46
CA SER F 346 36.03 -33.27 -36.15
C SER F 346 37.53 -33.51 -36.11
N SER F 347 38.28 -32.57 -36.68
CA SER F 347 39.71 -32.75 -36.89
C SER F 347 40.46 -33.03 -35.59
N ALA F 348 40.54 -32.03 -34.73
CA ALA F 348 41.15 -32.16 -33.42
C ALA F 348 40.15 -31.78 -32.33
N SER F 349 38.91 -32.20 -32.54
CA SER F 349 37.79 -31.81 -31.69
C SER F 349 38.13 -32.06 -30.23
N LYS F 350 38.37 -31.00 -29.47
CA LYS F 350 38.75 -31.13 -28.08
C LYS F 350 37.59 -31.54 -27.20
N PHE F 351 36.47 -31.96 -27.80
CA PHE F 351 35.35 -32.52 -27.04
C PHE F 351 35.48 -34.04 -26.99
N THR F 352 36.52 -34.51 -26.30
CA THR F 352 36.80 -35.94 -26.29
C THR F 352 35.88 -36.72 -25.36
N SER F 353 35.07 -36.06 -24.54
CA SER F 353 34.28 -36.79 -23.57
C SER F 353 33.21 -35.89 -22.98
N ILE F 354 32.22 -36.53 -22.37
CA ILE F 354 31.24 -35.80 -21.57
C ILE F 354 31.96 -35.19 -20.37
N PRO F 355 32.91 -35.86 -19.75
CA PRO F 355 33.76 -35.18 -18.78
C PRO F 355 34.63 -34.10 -19.40
N ALA F 356 34.78 -34.10 -20.72
CA ALA F 356 35.52 -33.05 -21.39
C ALA F 356 34.65 -31.93 -21.88
N SER F 357 33.33 -32.03 -21.69
CA SER F 357 32.42 -30.98 -22.09
C SER F 357 31.61 -30.48 -20.92
N PHE F 358 32.05 -30.74 -19.70
CA PHE F 358 31.55 -29.98 -18.58
C PHE F 358 32.26 -28.65 -18.48
N TRP F 359 33.56 -28.64 -18.77
CA TRP F 359 34.31 -27.39 -18.75
C TRP F 359 33.70 -26.38 -19.70
N TYR F 360 33.56 -26.76 -20.97
CA TYR F 360 33.02 -25.84 -21.95
C TYR F 360 31.62 -25.37 -21.57
N THR F 361 30.80 -26.25 -21.02
CA THR F 361 29.43 -25.84 -20.80
C THR F 361 29.29 -24.96 -19.55
N ILE F 362 30.12 -25.17 -18.53
CA ILE F 362 30.02 -24.25 -17.41
C ILE F 362 30.70 -22.94 -17.75
N VAL F 363 31.62 -22.94 -18.71
CA VAL F 363 32.17 -21.67 -19.20
C VAL F 363 31.10 -20.91 -19.97
N THR F 364 30.42 -21.56 -20.89
CA THR F 364 29.42 -20.88 -21.70
C THR F 364 28.23 -20.46 -20.86
N MET F 365 27.60 -21.38 -20.14
CA MET F 365 26.41 -21.06 -19.37
C MET F 365 26.60 -19.88 -18.46
N THR F 366 27.84 -19.60 -18.06
CA THR F 366 28.11 -18.50 -17.15
C THR F 366 28.56 -17.26 -17.88
N THR F 367 28.59 -17.28 -19.21
CA THR F 367 29.00 -16.15 -20.02
C THR F 367 30.42 -15.73 -19.71
N LEU F 368 31.30 -16.69 -19.45
CA LEU F 368 32.72 -16.37 -19.48
C LEU F 368 33.25 -16.41 -20.90
N GLY F 369 33.25 -17.57 -21.51
CA GLY F 369 33.76 -17.66 -22.85
C GLY F 369 35.26 -17.40 -22.90
N TYR F 370 36.04 -18.35 -22.41
CA TYR F 370 37.49 -18.23 -22.52
C TYR F 370 37.93 -18.32 -23.97
N GLY F 371 37.34 -19.22 -24.72
CA GLY F 371 37.69 -19.38 -26.11
C GLY F 371 38.62 -20.54 -26.39
N ASP F 372 38.98 -21.30 -25.36
CA ASP F 372 39.87 -22.43 -25.57
C ASP F 372 39.19 -23.56 -26.33
N MET F 373 37.90 -23.78 -26.07
CA MET F 373 37.10 -24.76 -26.79
C MET F 373 35.87 -24.06 -27.36
N VAL F 374 35.74 -24.05 -28.68
CA VAL F 374 34.56 -23.49 -29.34
C VAL F 374 34.08 -24.45 -30.40
N PRO F 375 32.77 -24.63 -30.57
CA PRO F 375 32.30 -25.54 -31.60
C PRO F 375 32.64 -25.02 -32.99
N LYS F 376 32.74 -25.94 -33.93
CA LYS F 376 33.05 -25.57 -35.30
C LYS F 376 32.16 -26.29 -36.31
N THR F 377 31.07 -26.91 -35.85
CA THR F 377 30.09 -27.47 -36.76
C THR F 377 29.09 -26.38 -37.16
N ILE F 378 27.95 -26.78 -37.70
CA ILE F 378 26.80 -25.91 -37.82
C ILE F 378 25.70 -26.32 -36.86
N ALA F 379 25.87 -27.42 -36.15
CA ALA F 379 24.95 -27.80 -35.09
C ALA F 379 25.48 -27.43 -33.73
N GLY F 380 26.79 -27.59 -33.53
CA GLY F 380 27.40 -27.19 -32.27
C GLY F 380 27.18 -25.72 -31.97
N LYS F 381 27.26 -24.88 -33.00
CA LYS F 381 27.03 -23.45 -32.80
C LYS F 381 25.61 -23.20 -32.30
N ILE F 382 24.64 -23.90 -32.87
CA ILE F 382 23.26 -23.70 -32.46
C ILE F 382 23.10 -24.07 -31.00
N PHE F 383 23.61 -25.23 -30.61
CA PHE F 383 23.44 -25.67 -29.24
C PHE F 383 24.23 -24.84 -28.25
N GLY F 384 25.37 -24.27 -28.64
CA GLY F 384 26.05 -23.36 -27.74
C GLY F 384 25.29 -22.05 -27.55
N SER F 385 24.76 -21.52 -28.65
CA SER F 385 23.96 -20.30 -28.54
C SER F 385 22.75 -20.53 -27.66
N ILE F 386 22.15 -21.70 -27.75
CA ILE F 386 21.04 -22.01 -26.85
C ILE F 386 21.56 -22.16 -25.42
N CYS F 387 22.75 -22.74 -25.28
CA CYS F 387 23.27 -23.03 -23.95
C CYS F 387 23.51 -21.76 -23.17
N SER F 388 24.02 -20.74 -23.84
CA SER F 388 24.35 -19.52 -23.12
C SER F 388 23.11 -18.85 -22.56
N LEU F 389 22.08 -18.71 -23.39
CA LEU F 389 20.82 -18.16 -22.91
C LEU F 389 20.24 -19.03 -21.80
N SER F 390 20.36 -20.35 -21.93
CA SER F 390 19.82 -21.22 -20.89
C SER F 390 20.54 -21.02 -19.57
N GLY F 391 21.84 -20.74 -19.63
CA GLY F 391 22.57 -20.47 -18.41
C GLY F 391 22.19 -19.13 -17.81
N VAL F 392 22.10 -18.10 -18.63
CA VAL F 392 21.61 -16.80 -18.15
C VAL F 392 20.28 -16.98 -17.45
N LEU F 393 19.40 -17.81 -18.00
CA LEU F 393 18.11 -18.05 -17.38
C LEU F 393 18.25 -18.78 -16.07
N VAL F 394 18.95 -19.92 -16.06
CA VAL F 394 18.98 -20.79 -14.89
C VAL F 394 19.65 -20.09 -13.72
N ILE F 395 20.77 -19.42 -13.96
CA ILE F 395 21.48 -18.77 -12.87
C ILE F 395 20.78 -17.54 -12.35
N ALA F 396 19.91 -16.92 -13.14
CA ALA F 396 19.24 -15.72 -12.69
C ALA F 396 18.04 -16.00 -11.82
N LEU F 397 17.86 -17.22 -11.34
CA LEU F 397 16.77 -17.54 -10.43
C LEU F 397 17.12 -17.25 -8.96
N PRO F 398 18.30 -17.64 -8.46
CA PRO F 398 18.59 -17.31 -7.07
C PRO F 398 18.92 -15.84 -6.86
N VAL F 399 19.66 -15.22 -7.76
CA VAL F 399 20.17 -13.88 -7.54
C VAL F 399 19.06 -12.85 -7.31
N PRO F 400 17.80 -13.07 -7.67
CA PRO F 400 16.76 -12.21 -7.10
C PRO F 400 16.65 -12.40 -5.60
N VAL F 401 16.38 -13.62 -5.17
CA VAL F 401 15.99 -13.84 -3.78
C VAL F 401 17.18 -13.60 -2.86
N ILE F 402 18.38 -13.96 -3.30
CA ILE F 402 19.55 -13.83 -2.42
C ILE F 402 19.82 -12.36 -2.13
N VAL F 403 19.83 -11.53 -3.16
CA VAL F 403 20.08 -10.11 -2.90
C VAL F 403 18.91 -9.48 -2.17
N SER F 404 17.68 -9.94 -2.44
CA SER F 404 16.53 -9.40 -1.74
C SER F 404 16.65 -9.66 -0.25
N ASN F 405 17.01 -10.88 0.12
CA ASN F 405 17.14 -11.23 1.53
C ASN F 405 18.36 -10.59 2.17
N PHE F 406 19.43 -10.38 1.41
CA PHE F 406 20.55 -9.62 1.96
C PHE F 406 20.10 -8.23 2.36
N SER F 407 19.48 -7.50 1.42
CA SER F 407 18.93 -6.20 1.73
C SER F 407 17.96 -6.29 2.91
N ARG F 408 17.16 -7.35 2.92
CA ARG F 408 16.12 -7.48 3.93
C ARG F 408 16.72 -7.59 5.32
N ILE F 409 17.68 -8.50 5.49
CA ILE F 409 18.31 -8.68 6.79
C ILE F 409 19.09 -7.44 7.18
N TYR F 410 19.74 -6.78 6.23
CA TYR F 410 20.52 -5.61 6.61
C TYR F 410 19.63 -4.48 7.08
N HIS F 411 18.51 -4.24 6.38
CA HIS F 411 17.58 -3.22 6.85
C HIS F 411 16.91 -3.63 8.16
N GLN F 412 16.67 -4.92 8.35
CA GLN F 412 16.11 -5.37 9.62
C GLN F 412 17.06 -5.05 10.77
N ASN F 413 18.34 -5.38 10.60
CA ASN F 413 19.32 -5.03 11.63
C ASN F 413 19.47 -3.53 11.79
N GLN F 414 19.31 -2.78 10.70
CA GLN F 414 19.41 -1.33 10.80
C GLN F 414 18.30 -0.75 11.67
N ARG F 415 17.06 -1.14 11.39
CA ARG F 415 15.97 -0.68 12.24
C ARG F 415 16.09 -1.25 13.64
N ALA F 416 16.71 -2.42 13.80
CA ALA F 416 16.95 -2.95 15.13
C ALA F 416 17.87 -2.05 15.94
N ASP F 417 19.00 -1.67 15.35
CA ASP F 417 19.93 -0.81 16.09
C ASP F 417 19.30 0.54 16.38
N LYS F 418 18.56 1.09 15.42
CA LYS F 418 17.96 2.39 15.68
C LYS F 418 16.85 2.27 16.73
N ARG F 419 16.14 1.16 16.76
CA ARG F 419 15.12 0.96 17.78
C ARG F 419 15.76 0.87 19.16
N ARG F 420 16.85 0.13 19.27
CA ARG F 420 17.54 0.07 20.56
C ARG F 420 18.05 1.44 20.97
N ALA F 421 18.54 2.23 20.00
CA ALA F 421 19.02 3.56 20.34
C ALA F 421 17.88 4.47 20.78
N GLN F 422 16.73 4.38 20.13
CA GLN F 422 15.57 5.15 20.55
C GLN F 422 15.11 4.71 21.94
N LYS F 423 15.30 3.43 22.26
CA LYS F 423 15.07 2.97 23.63
C LYS F 423 16.09 3.57 24.59
N LYS F 424 17.34 3.74 24.14
CA LYS F 424 18.36 4.36 24.98
C LYS F 424 18.14 5.86 25.12
N ALA F 425 17.33 6.46 24.25
CA ALA F 425 16.87 7.82 24.52
C ALA F 425 16.09 7.87 25.83
N ARG F 426 15.00 7.11 25.90
CA ARG F 426 14.22 6.95 27.13
C ARG F 426 15.09 6.61 28.33
N SER F 470 -3.44 16.79 46.83
CA SER F 470 -3.62 16.19 45.52
C SER F 470 -4.73 15.15 45.54
N LEU F 471 -5.18 14.80 46.75
CA LEU F 471 -6.24 13.84 47.06
C LEU F 471 -5.97 12.45 46.50
N ILE F 472 -4.77 12.22 45.97
CA ILE F 472 -4.27 10.88 45.67
C ILE F 472 -2.95 10.61 46.36
N GLU F 473 -2.01 11.54 46.28
CA GLU F 473 -0.77 11.37 47.01
C GLU F 473 -1.00 11.35 48.50
N SER F 474 -2.07 11.99 48.97
CA SER F 474 -2.43 11.86 50.38
C SER F 474 -2.75 10.41 50.70
N GLN F 475 -3.66 9.80 49.93
CA GLN F 475 -4.05 8.42 50.18
C GLN F 475 -2.90 7.46 49.91
N HIS F 476 -2.05 7.77 48.95
CA HIS F 476 -0.96 6.86 48.66
C HIS F 476 0.11 6.94 49.73
N HIS F 477 0.48 8.14 50.15
CA HIS F 477 1.53 8.28 51.16
C HIS F 477 1.02 7.91 52.54
N HIS F 478 -0.30 7.88 52.71
CA HIS F 478 -0.85 7.40 53.97
C HIS F 478 -0.42 5.98 54.25
N LEU F 479 -0.39 5.14 53.20
CA LEU F 479 0.13 3.79 53.39
C LEU F 479 1.58 3.83 53.80
N LEU F 480 2.37 4.66 53.13
CA LEU F 480 3.80 4.70 53.43
C LEU F 480 4.05 5.11 54.86
N HIS F 481 3.34 6.13 55.34
CA HIS F 481 3.31 6.42 56.77
C HIS F 481 2.99 5.16 57.55
N CYS F 482 1.88 4.51 57.19
CA CYS F 482 1.39 3.34 57.93
C CYS F 482 2.36 2.18 57.89
N LEU F 483 3.42 2.26 57.10
CA LEU F 483 4.47 1.26 57.13
C LEU F 483 5.58 1.61 58.10
N GLU F 484 5.81 2.88 58.35
CA GLU F 484 6.78 3.23 59.39
C GLU F 484 6.25 2.99 60.79
N LYS F 485 5.11 2.30 60.94
CA LYS F 485 4.83 1.71 62.24
C LYS F 485 5.94 0.74 62.62
N THR F 486 6.56 0.08 61.66
CA THR F 486 7.82 -0.60 61.88
C THR F 486 8.89 0.46 62.09
N THR F 487 9.91 0.12 62.85
CA THR F 487 10.92 1.12 63.14
C THR F 487 12.31 0.60 62.83
N GLY G 50 -22.43 -13.79 38.98
CA GLY G 50 -23.51 -12.88 38.63
C GLY G 50 -23.57 -11.73 39.59
N LEU G 51 -23.73 -10.51 39.06
CA LEU G 51 -23.66 -9.32 39.89
C LEU G 51 -24.55 -9.43 41.12
N GLU G 52 -25.72 -10.03 40.98
CA GLU G 52 -26.61 -10.13 42.13
C GLU G 52 -26.26 -11.31 43.04
N GLN G 53 -25.77 -12.42 42.49
CA GLN G 53 -25.34 -13.50 43.36
C GLN G 53 -24.16 -13.09 44.20
N LEU G 54 -23.47 -12.02 43.80
CA LEU G 54 -22.26 -11.59 44.48
C LEU G 54 -22.56 -10.42 45.40
N GLU G 55 -23.50 -9.56 45.03
CA GLU G 55 -23.90 -8.48 45.90
C GLU G 55 -24.37 -9.00 47.25
N ALA G 56 -25.13 -10.10 47.25
CA ALA G 56 -25.69 -10.64 48.48
C ALA G 56 -24.71 -11.47 49.27
N GLN G 57 -23.42 -11.45 48.92
CA GLN G 57 -22.39 -12.11 49.70
C GLN G 57 -21.44 -11.10 50.32
N THR G 58 -20.88 -10.22 49.48
CA THR G 58 -19.95 -9.21 49.93
C THR G 58 -20.71 -8.01 50.52
N ASN G 59 -19.97 -7.16 51.21
CA ASN G 59 -20.57 -6.02 51.87
C ASN G 59 -20.75 -4.82 50.94
N PHE G 60 -20.11 -4.83 49.78
CA PHE G 60 -20.24 -3.73 48.85
C PHE G 60 -21.68 -3.59 48.39
N THR G 61 -21.95 -2.49 47.71
CA THR G 61 -23.24 -2.23 47.11
C THR G 61 -23.23 -2.73 45.67
N LYS G 62 -24.19 -2.28 44.86
CA LYS G 62 -24.11 -2.58 43.45
C LYS G 62 -23.11 -1.66 42.75
N ARG G 63 -23.25 -0.35 42.97
CA ARG G 63 -22.38 0.60 42.28
C ARG G 63 -20.93 0.35 42.58
N GLU G 64 -20.61 -0.01 43.81
CA GLU G 64 -19.21 -0.24 44.15
C GLU G 64 -18.72 -1.59 43.68
N LEU G 65 -19.59 -2.44 43.16
CA LEU G 65 -19.13 -3.64 42.49
C LEU G 65 -18.90 -3.38 41.01
N GLN G 66 -19.76 -2.60 40.38
CA GLN G 66 -19.48 -2.17 39.02
C GLN G 66 -18.17 -1.39 38.95
N VAL G 67 -18.00 -0.44 39.87
CA VAL G 67 -16.88 0.49 39.78
C VAL G 67 -15.55 -0.17 39.97
N LEU G 68 -15.52 -1.40 40.50
CA LEU G 68 -14.27 -2.10 40.57
C LEU G 68 -14.18 -3.33 39.69
N TYR G 69 -15.29 -3.88 39.21
CA TYR G 69 -15.13 -4.80 38.11
C TYR G 69 -14.55 -4.10 36.92
N ARG G 70 -14.97 -2.86 36.69
CA ARG G 70 -14.36 -2.08 35.61
C ARG G 70 -12.87 -1.95 35.81
N GLY G 71 -12.44 -1.56 37.01
CA GLY G 71 -11.02 -1.36 37.25
C GLY G 71 -10.23 -2.65 37.18
N PHE G 72 -10.72 -3.72 37.79
CA PHE G 72 -10.10 -5.02 37.68
C PHE G 72 -9.95 -5.42 36.22
N LYS G 73 -11.06 -5.55 35.51
CA LYS G 73 -11.00 -6.01 34.13
C LYS G 73 -10.17 -5.11 33.24
N ASN G 74 -10.04 -3.83 33.58
CA ASN G 74 -9.36 -2.93 32.66
C ASN G 74 -7.88 -3.22 32.56
N GLU G 75 -7.27 -3.75 33.62
CA GLU G 75 -5.84 -4.04 33.58
C GLU G 75 -5.53 -5.49 33.29
N CYS G 76 -6.27 -6.43 33.86
CA CYS G 76 -6.17 -7.82 33.45
C CYS G 76 -7.52 -8.23 32.87
N PRO G 77 -7.66 -8.36 31.55
CA PRO G 77 -8.98 -8.62 30.98
C PRO G 77 -9.51 -9.98 31.38
N SER G 78 -9.63 -10.15 32.68
CA SER G 78 -10.25 -11.29 33.34
C SER G 78 -9.85 -12.61 32.68
N GLY G 79 -8.55 -12.81 32.57
CA GLY G 79 -8.15 -14.19 32.56
C GLY G 79 -8.35 -14.69 33.98
N VAL G 80 -7.41 -14.34 34.86
CA VAL G 80 -7.52 -14.15 36.30
C VAL G 80 -6.14 -13.65 36.70
N VAL G 81 -6.03 -12.90 37.81
CA VAL G 81 -4.70 -12.51 38.26
C VAL G 81 -3.89 -13.73 38.69
N ASN G 82 -2.65 -13.79 38.22
CA ASN G 82 -1.62 -14.70 38.69
C ASN G 82 -0.54 -13.90 39.40
N GLU G 83 0.39 -14.59 40.05
CA GLU G 83 1.42 -13.90 40.82
C GLU G 83 2.07 -12.81 39.99
N ASP G 84 2.44 -13.12 38.76
CA ASP G 84 3.12 -12.14 37.94
C ASP G 84 2.32 -10.87 37.74
N THR G 85 1.05 -10.85 38.16
CA THR G 85 0.29 -9.60 38.16
C THR G 85 0.25 -8.96 39.55
N PHE G 86 0.20 -9.75 40.62
CA PHE G 86 0.32 -9.17 41.96
C PHE G 86 1.69 -8.53 42.16
N LYS G 87 2.75 -9.27 41.88
CA LYS G 87 4.11 -8.81 42.13
C LYS G 87 4.42 -7.51 41.42
N GLN G 88 3.56 -7.04 40.52
CA GLN G 88 3.76 -5.74 39.90
C GLN G 88 2.65 -4.76 40.20
N ILE G 89 1.42 -5.21 40.44
CA ILE G 89 0.37 -4.32 40.87
C ILE G 89 0.63 -3.82 42.29
N TYR G 90 1.10 -4.69 43.16
CA TYR G 90 1.51 -4.27 44.50
C TYR G 90 2.77 -3.42 44.44
N ALA G 91 3.75 -3.85 43.65
CA ALA G 91 5.04 -3.17 43.60
C ALA G 91 4.93 -1.73 43.11
N GLN G 92 3.93 -1.42 42.30
CA GLN G 92 3.74 -0.04 41.88
C GLN G 92 3.31 0.86 43.03
N PHE G 93 2.98 0.28 44.18
CA PHE G 93 2.68 1.04 45.38
C PHE G 93 3.85 1.19 46.32
N PHE G 94 4.87 0.33 46.19
CA PHE G 94 6.03 0.34 47.08
C PHE G 94 7.29 0.48 46.25
N PRO G 95 7.60 1.68 45.80
CA PRO G 95 8.93 1.93 45.26
C PRO G 95 9.94 1.84 46.38
N HIS G 96 11.22 2.07 46.09
CA HIS G 96 12.28 2.01 47.08
C HIS G 96 12.08 0.83 48.03
N GLY G 97 11.89 -0.35 47.48
CA GLY G 97 11.66 -1.52 48.31
C GLY G 97 11.26 -2.69 47.44
N ASP G 98 11.30 -3.87 48.05
CA ASP G 98 10.90 -5.09 47.37
C ASP G 98 9.52 -5.51 47.85
N ALA G 99 8.60 -5.68 46.90
CA ALA G 99 7.23 -6.05 47.21
C ALA G 99 6.91 -7.48 46.80
N SER G 100 7.82 -8.17 46.12
CA SER G 100 7.50 -9.49 45.61
C SER G 100 7.36 -10.51 46.72
N THR G 101 8.34 -10.57 47.62
CA THR G 101 8.37 -11.66 48.58
C THR G 101 7.27 -11.57 49.60
N TYR G 102 6.70 -10.39 49.83
CA TYR G 102 5.52 -10.35 50.69
C TYR G 102 4.26 -10.65 49.91
N ALA G 103 4.13 -10.05 48.71
CA ALA G 103 2.98 -10.36 47.87
C ALA G 103 2.82 -11.85 47.71
N HIS G 104 3.92 -12.59 47.73
CA HIS G 104 3.88 -14.03 47.61
C HIS G 104 3.37 -14.73 48.86
N TYR G 105 2.79 -14.00 49.82
CA TYR G 105 2.08 -14.67 50.90
C TYR G 105 0.60 -14.36 50.87
N LEU G 106 0.23 -13.11 50.64
CA LEU G 106 -1.19 -12.89 50.52
C LEU G 106 -1.72 -13.30 49.16
N PHE G 107 -0.86 -13.58 48.17
CA PHE G 107 -1.37 -14.25 46.99
C PHE G 107 -1.85 -15.64 47.36
N ASN G 108 -1.12 -16.32 48.23
CA ASN G 108 -1.55 -17.61 48.71
C ASN G 108 -2.73 -17.47 49.68
N ALA G 109 -2.88 -16.29 50.29
CA ALA G 109 -4.00 -16.08 51.21
C ALA G 109 -5.30 -15.87 50.45
N PHE G 110 -5.34 -14.86 49.57
CA PHE G 110 -6.52 -14.58 48.76
C PHE G 110 -7.07 -15.86 48.14
N ASP G 111 -6.18 -16.70 47.63
CA ASP G 111 -6.53 -17.89 46.85
C ASP G 111 -7.09 -18.99 47.74
N THR G 112 -8.41 -18.99 47.95
CA THR G 112 -9.01 -20.01 48.79
C THR G 112 -8.79 -21.41 48.24
N THR G 113 -9.08 -21.62 46.96
CA THR G 113 -8.74 -22.88 46.32
C THR G 113 -7.22 -22.93 46.13
N GLN G 114 -6.72 -23.99 45.53
CA GLN G 114 -5.27 -24.15 45.38
C GLN G 114 -4.84 -24.04 43.93
N THR G 115 -5.56 -23.27 43.14
CA THR G 115 -5.17 -23.01 41.77
C THR G 115 -3.95 -22.11 41.73
N GLY G 116 -3.57 -21.71 40.53
CA GLY G 116 -2.48 -20.75 40.37
C GLY G 116 -3.02 -19.36 40.07
N SER G 117 -4.34 -19.27 39.94
CA SER G 117 -5.02 -17.99 39.71
C SER G 117 -6.48 -18.25 39.97
N VAL G 118 -7.09 -17.53 40.91
CA VAL G 118 -8.40 -18.00 41.35
C VAL G 118 -9.56 -17.42 40.55
N LYS G 119 -9.87 -16.14 40.71
CA LYS G 119 -11.08 -15.61 40.09
C LYS G 119 -11.19 -14.12 40.37
N PHE G 120 -12.31 -13.50 39.99
CA PHE G 120 -12.72 -12.20 40.48
C PHE G 120 -13.69 -12.32 41.64
N GLU G 121 -14.60 -13.28 41.59
CA GLU G 121 -15.57 -13.41 42.67
C GLU G 121 -14.86 -13.68 43.98
N ASP G 122 -13.90 -14.60 43.98
CA ASP G 122 -13.12 -14.88 45.18
C ASP G 122 -12.06 -13.84 45.46
N PHE G 123 -12.00 -12.79 44.65
CA PHE G 123 -11.15 -11.63 44.92
C PHE G 123 -11.92 -10.62 45.74
N VAL G 124 -13.07 -10.19 45.24
CA VAL G 124 -13.90 -9.27 46.01
C VAL G 124 -14.47 -9.95 47.24
N THR G 125 -14.64 -11.26 47.24
CA THR G 125 -15.12 -11.90 48.44
C THR G 125 -14.14 -11.73 49.60
N ALA G 126 -12.86 -11.55 49.32
CA ALA G 126 -11.91 -11.26 50.38
C ALA G 126 -11.65 -9.78 50.59
N LEU G 127 -11.73 -8.97 49.53
CA LEU G 127 -11.73 -7.53 49.72
C LEU G 127 -12.83 -7.08 50.66
N SER G 128 -14.05 -7.57 50.47
CA SER G 128 -15.15 -7.14 51.32
C SER G 128 -14.89 -7.52 52.76
N ILE G 129 -14.33 -8.70 52.99
CA ILE G 129 -14.02 -9.11 54.36
C ILE G 129 -12.94 -8.23 54.96
N LEU G 130 -11.81 -8.07 54.25
CA LEU G 130 -10.69 -7.31 54.79
C LEU G 130 -11.05 -5.87 55.04
N LEU G 131 -11.92 -5.27 54.23
CA LEU G 131 -12.25 -3.88 54.49
C LEU G 131 -13.44 -3.74 55.43
N ARG G 132 -14.60 -4.25 55.04
CA ARG G 132 -15.80 -4.01 55.82
C ARG G 132 -16.31 -5.24 56.54
N GLY G 133 -15.47 -6.26 56.70
CA GLY G 133 -15.86 -7.43 57.44
C GLY G 133 -15.83 -7.20 58.93
N THR G 134 -16.19 -8.24 59.67
CA THR G 134 -16.16 -8.16 61.12
C THR G 134 -14.75 -8.42 61.64
N VAL G 135 -14.45 -7.80 62.79
CA VAL G 135 -13.12 -7.93 63.37
C VAL G 135 -12.80 -9.39 63.61
N HIS G 136 -13.78 -10.16 64.10
CA HIS G 136 -13.58 -11.58 64.33
C HIS G 136 -13.39 -12.36 63.03
N GLU G 137 -13.75 -11.76 61.89
CA GLU G 137 -13.51 -12.40 60.62
C GLU G 137 -12.21 -11.91 59.99
N LYS G 138 -11.94 -10.60 60.08
CA LYS G 138 -10.66 -10.07 59.62
C LYS G 138 -9.51 -10.79 60.31
N LEU G 139 -9.63 -10.99 61.61
CA LEU G 139 -8.56 -11.62 62.36
C LEU G 139 -8.33 -13.04 61.89
N ARG G 140 -9.41 -13.76 61.61
CA ARG G 140 -9.26 -15.10 61.07
C ARG G 140 -8.55 -15.06 59.72
N TRP G 141 -8.89 -14.08 58.88
CA TRP G 141 -8.26 -14.00 57.57
C TRP G 141 -6.76 -13.76 57.70
N THR G 142 -6.38 -12.74 58.46
CA THR G 142 -4.96 -12.48 58.67
C THR G 142 -4.27 -13.70 59.26
N PHE G 143 -4.97 -14.42 60.14
CA PHE G 143 -4.39 -15.62 60.73
C PHE G 143 -4.09 -16.65 59.65
N ASN G 144 -5.05 -16.88 58.76
CA ASN G 144 -4.81 -17.79 57.66
C ASN G 144 -3.66 -17.30 56.78
N LEU G 145 -3.42 -16.00 56.74
CA LEU G 145 -2.24 -15.53 56.04
C LEU G 145 -0.97 -15.93 56.78
N TYR G 146 -0.97 -15.79 58.11
CA TYR G 146 0.24 -16.04 58.88
C TYR G 146 0.59 -17.51 58.91
N ASP G 147 -0.39 -18.39 58.78
CA ASP G 147 -0.18 -19.83 58.91
C ASP G 147 0.41 -20.37 57.61
N ILE G 148 1.72 -20.17 57.43
CA ILE G 148 2.36 -20.45 56.15
C ILE G 148 2.29 -21.94 55.81
N ASN G 149 2.45 -22.82 56.79
CA ASN G 149 2.36 -24.26 56.52
C ASN G 149 0.93 -24.74 56.30
N LYS G 150 -0.03 -23.83 56.21
CA LYS G 150 -1.43 -24.09 55.85
C LYS G 150 -2.11 -25.06 56.81
N ASP G 151 -1.46 -25.45 57.89
CA ASP G 151 -1.95 -26.52 58.75
C ASP G 151 -2.76 -26.00 59.93
N GLY G 152 -2.36 -24.88 60.51
CA GLY G 152 -3.04 -24.33 61.67
C GLY G 152 -2.10 -23.99 62.80
N TYR G 153 -0.81 -23.85 62.50
CA TYR G 153 0.20 -23.59 63.49
C TYR G 153 1.24 -22.63 62.92
N ILE G 154 1.55 -21.58 63.68
CA ILE G 154 2.59 -20.63 63.32
C ILE G 154 3.77 -20.88 64.24
N ASN G 155 4.95 -21.11 63.65
CA ASN G 155 6.16 -21.20 64.43
C ASN G 155 6.87 -19.85 64.42
N LYS G 156 7.68 -19.62 65.47
CA LYS G 156 8.37 -18.35 65.60
C LYS G 156 9.18 -18.01 64.35
N GLU G 157 9.97 -18.97 63.86
CA GLU G 157 10.66 -18.72 62.60
C GLU G 157 9.71 -18.67 61.42
N GLU G 158 8.56 -19.35 61.50
CA GLU G 158 7.61 -19.27 60.39
C GLU G 158 7.12 -17.84 60.20
N MET G 159 6.52 -17.24 61.22
CA MET G 159 6.11 -15.86 61.09
C MET G 159 7.32 -14.95 60.94
N MET G 160 8.49 -15.40 61.38
CA MET G 160 9.69 -14.67 61.02
C MET G 160 9.85 -14.59 59.52
N ASP G 161 9.41 -15.61 58.80
CA ASP G 161 9.46 -15.54 57.35
C ASP G 161 8.56 -14.43 56.80
N ILE G 162 7.55 -13.99 57.55
CA ILE G 162 6.70 -12.89 57.10
C ILE G 162 7.30 -11.55 57.50
N VAL G 163 7.90 -11.49 58.68
CA VAL G 163 8.48 -10.22 59.12
C VAL G 163 9.76 -9.90 58.35
N LYS G 164 10.54 -10.93 58.00
CA LYS G 164 11.68 -10.71 57.13
C LYS G 164 11.25 -10.31 55.73
N ALA G 165 9.96 -10.44 55.42
CA ALA G 165 9.41 -9.97 54.16
C ALA G 165 8.98 -8.51 54.24
N ILE G 166 8.24 -8.17 55.29
CA ILE G 166 7.88 -6.77 55.48
C ILE G 166 9.13 -5.91 55.58
N TYR G 167 10.02 -6.23 56.53
CA TYR G 167 11.24 -5.44 56.73
C TYR G 167 12.05 -5.34 55.44
N ASP G 168 11.95 -6.36 54.58
CA ASP G 168 12.51 -6.27 53.25
C ASP G 168 11.78 -5.21 52.42
N MET G 169 10.47 -5.16 52.54
CA MET G 169 9.67 -4.17 51.83
C MET G 169 9.94 -2.76 52.33
N MET G 170 10.57 -2.63 53.50
CA MET G 170 10.79 -1.31 54.10
C MET G 170 11.65 -0.45 53.18
N GLY G 171 12.78 -0.97 52.71
CA GLY G 171 13.62 -0.20 51.82
C GLY G 171 15.03 -0.73 51.80
N LYS G 172 15.87 -0.04 51.02
CA LYS G 172 17.26 -0.45 50.91
C LYS G 172 18.03 -0.15 52.19
N TYR G 173 17.84 1.05 52.75
CA TYR G 173 18.50 1.45 53.97
C TYR G 173 17.46 1.79 55.02
N THR G 174 17.58 1.20 56.19
CA THR G 174 16.63 1.51 57.25
C THR G 174 16.82 2.95 57.70
N TYR G 175 15.71 3.64 57.92
CA TYR G 175 15.79 5.05 58.27
C TYR G 175 16.60 5.27 59.55
N PRO G 176 16.31 4.60 60.68
CA PRO G 176 17.29 4.58 61.77
C PRO G 176 18.27 3.44 61.55
N VAL G 177 19.08 3.15 62.56
CA VAL G 177 20.06 2.08 62.43
C VAL G 177 19.36 0.76 62.09
N LEU G 178 20.03 -0.04 61.27
CA LEU G 178 19.51 -1.32 60.83
C LEU G 178 20.14 -2.43 61.65
N LYS G 179 19.31 -3.36 62.14
CA LYS G 179 19.77 -4.48 62.94
C LYS G 179 19.06 -5.74 62.48
N GLU G 180 19.84 -6.78 62.20
CA GLU G 180 19.27 -8.03 61.68
C GLU G 180 18.80 -8.95 62.79
N ASP G 181 19.21 -8.69 64.03
CA ASP G 181 18.70 -9.50 65.15
C ASP G 181 17.38 -8.96 65.65
N THR G 182 17.05 -7.71 65.30
CA THR G 182 15.82 -7.07 65.73
C THR G 182 14.56 -7.61 65.06
N PRO G 183 14.62 -8.14 63.83
CA PRO G 183 13.47 -8.91 63.34
C PRO G 183 13.30 -10.18 64.16
N ARG G 184 14.31 -10.47 64.97
CA ARG G 184 14.28 -11.62 65.86
C ARG G 184 13.61 -11.29 67.19
N GLN G 185 13.61 -10.03 67.60
CA GLN G 185 12.81 -9.66 68.76
C GLN G 185 11.39 -9.32 68.33
N HIS G 186 11.24 -8.66 67.20
CA HIS G 186 9.91 -8.23 66.74
C HIS G 186 9.00 -9.42 66.55
N VAL G 187 9.57 -10.60 66.30
CA VAL G 187 8.75 -11.79 66.25
C VAL G 187 8.47 -12.31 67.65
N ASP G 188 9.49 -12.38 68.51
CA ASP G 188 9.26 -12.93 69.84
C ASP G 188 8.38 -12.05 70.68
N VAL G 189 8.53 -10.72 70.59
CA VAL G 189 7.62 -9.80 71.26
C VAL G 189 6.18 -10.09 70.86
N PHE G 190 5.98 -10.70 69.69
CA PHE G 190 4.68 -11.21 69.33
C PHE G 190 4.17 -12.20 70.38
N PHE G 191 4.87 -13.34 70.51
CA PHE G 191 4.46 -14.39 71.42
C PHE G 191 4.22 -13.87 72.83
N GLN G 192 4.98 -12.86 73.27
CA GLN G 192 4.82 -12.33 74.62
C GLN G 192 3.37 -12.03 74.95
N LYS G 193 2.57 -11.66 73.95
CA LYS G 193 1.12 -11.60 74.11
C LYS G 193 0.41 -12.82 73.55
N MET G 194 0.86 -13.30 72.38
CA MET G 194 0.10 -14.26 71.60
C MET G 194 0.21 -15.69 72.10
N ASP G 195 0.80 -15.93 73.27
CA ASP G 195 1.00 -17.28 73.77
C ASP G 195 0.52 -17.36 75.20
N LYS G 196 -0.74 -17.75 75.39
CA LYS G 196 -1.26 -18.03 76.73
C LYS G 196 -0.85 -19.41 77.22
N ASN G 197 -0.10 -20.16 76.41
CA ASN G 197 0.52 -21.40 76.83
C ASN G 197 1.97 -21.24 77.23
N LYS G 198 2.61 -20.16 76.77
CA LYS G 198 4.04 -19.92 77.02
C LYS G 198 4.90 -21.08 76.55
N ASP G 199 4.50 -21.67 75.42
CA ASP G 199 5.25 -22.77 74.83
C ASP G 199 6.05 -22.37 73.61
N GLY G 200 5.57 -21.40 72.84
CA GLY G 200 6.21 -21.05 71.59
C GLY G 200 5.52 -21.55 70.35
N ILE G 201 4.25 -21.94 70.45
CA ILE G 201 3.47 -22.39 69.31
C ILE G 201 2.05 -21.83 69.47
N VAL G 202 1.47 -21.36 68.37
CA VAL G 202 0.24 -20.57 68.41
C VAL G 202 -0.76 -21.12 67.41
N THR G 203 -2.02 -21.23 67.84
CA THR G 203 -3.15 -21.59 67.00
C THR G 203 -4.17 -20.47 67.03
N LEU G 204 -5.26 -20.67 66.27
CA LEU G 204 -6.20 -19.58 65.99
C LEU G 204 -6.80 -19.02 67.27
N ASP G 205 -7.30 -19.89 68.15
CA ASP G 205 -7.78 -19.39 69.42
C ASP G 205 -6.64 -18.81 70.23
N GLU G 206 -5.50 -19.50 70.23
CA GLU G 206 -4.33 -19.03 70.96
C GLU G 206 -3.73 -17.79 70.33
N PHE G 207 -4.11 -17.46 69.10
CA PHE G 207 -3.70 -16.20 68.50
C PHE G 207 -4.69 -15.08 68.81
N LEU G 208 -5.99 -15.38 68.79
CA LEU G 208 -6.98 -14.32 68.98
C LEU G 208 -7.13 -13.93 70.45
N GLU G 209 -7.04 -14.88 71.37
CA GLU G 209 -7.40 -14.61 72.75
C GLU G 209 -6.48 -13.60 73.40
N SER G 210 -5.50 -13.09 72.64
CA SER G 210 -4.65 -12.01 73.09
C SER G 210 -4.76 -10.78 72.22
N CYS G 211 -5.51 -10.84 71.13
CA CYS G 211 -5.51 -9.82 70.09
C CYS G 211 -6.84 -9.07 70.02
N GLN G 212 -7.67 -9.21 71.04
CA GLN G 212 -8.98 -8.56 71.09
C GLN G 212 -9.03 -7.40 72.08
N GLU G 213 -7.98 -7.21 72.87
CA GLU G 213 -7.93 -6.12 73.83
C GLU G 213 -6.91 -5.05 73.48
N ASP G 214 -6.02 -5.30 72.54
CA ASP G 214 -5.04 -4.31 72.12
C ASP G 214 -5.74 -3.20 71.36
N ASP G 215 -6.33 -2.26 72.09
CA ASP G 215 -7.26 -1.29 71.52
C ASP G 215 -6.73 -0.66 70.24
N ASN G 216 -5.42 -0.43 70.17
CA ASN G 216 -4.87 0.31 69.05
C ASN G 216 -5.12 -0.44 67.74
N ILE G 217 -5.07 -1.76 67.74
CA ILE G 217 -5.31 -2.46 66.48
C ILE G 217 -6.80 -2.58 66.22
N MET G 218 -7.60 -2.77 67.25
CA MET G 218 -9.04 -2.74 67.01
C MET G 218 -9.52 -1.36 66.59
N ARG G 219 -8.64 -0.35 66.61
CA ARG G 219 -8.88 0.90 65.91
C ARG G 219 -8.08 1.01 64.62
N SER G 220 -7.08 0.15 64.42
CA SER G 220 -6.39 0.07 63.15
C SER G 220 -6.70 -1.21 62.38
N LEU G 221 -7.52 -2.10 62.93
CA LEU G 221 -8.22 -3.05 62.10
C LEU G 221 -9.48 -2.45 61.52
N GLN G 222 -9.75 -1.18 61.82
CA GLN G 222 -10.93 -0.49 61.34
C GLN G 222 -10.57 0.84 60.74
N LEU G 223 -9.44 0.90 60.02
CA LEU G 223 -9.06 2.14 59.38
C LEU G 223 -9.99 2.45 58.20
N PHE G 224 -9.95 1.61 57.18
CA PHE G 224 -10.58 1.90 55.91
C PHE G 224 -12.04 1.50 55.84
N GLN G 225 -12.63 1.07 56.91
CA GLN G 225 -13.98 0.61 56.67
C GLN G 225 -14.97 1.72 56.51
N ASN G 226 -14.54 2.93 56.15
CA ASN G 226 -15.48 3.97 55.77
C ASN G 226 -15.03 4.67 54.50
N VAL G 227 -13.73 4.66 54.22
CA VAL G 227 -13.21 5.36 53.06
C VAL G 227 -13.56 4.56 51.81
N MET G 228 -13.85 5.26 50.72
CA MET G 228 -14.21 4.64 49.46
C MET G 228 -14.08 5.64 48.34
N MET H 1 -15.93 1.79 45.58
CA MET H 1 -14.80 2.62 45.99
C MET H 1 -14.28 3.45 44.83
N ALA H 2 -13.07 3.98 44.99
CA ALA H 2 -12.52 4.90 44.01
C ALA H 2 -12.25 4.17 42.69
N ALA H 3 -12.25 4.94 41.61
CA ALA H 3 -12.11 4.42 40.26
C ALA H 3 -10.99 5.13 39.52
N GLY H 4 -10.78 4.74 38.28
CA GLY H 4 -9.88 5.46 37.41
C GLY H 4 -8.41 5.30 37.73
N VAL H 5 -7.78 6.36 38.23
CA VAL H 5 -6.35 6.30 38.51
C VAL H 5 -6.09 5.58 39.83
N ALA H 6 -6.92 5.84 40.83
CA ALA H 6 -6.77 5.15 42.10
C ALA H 6 -7.67 3.93 42.15
N ALA H 7 -7.62 3.10 41.12
CA ALA H 7 -8.59 2.03 41.01
C ALA H 7 -8.16 0.77 41.71
N TRP H 8 -6.86 0.56 41.86
CA TRP H 8 -6.32 -0.59 42.56
C TRP H 8 -5.93 -0.27 43.99
N LEU H 9 -6.18 0.93 44.43
CA LEU H 9 -5.78 1.33 45.75
C LEU H 9 -6.64 0.64 46.81
N PRO H 10 -7.88 0.23 46.53
CA PRO H 10 -8.56 -0.64 47.50
C PRO H 10 -7.81 -1.93 47.74
N PHE H 11 -7.17 -2.47 46.71
CA PHE H 11 -6.44 -3.71 46.88
C PHE H 11 -5.29 -3.52 47.86
N ALA H 12 -4.56 -2.42 47.73
CA ALA H 12 -3.46 -2.19 48.66
C ALA H 12 -3.98 -1.83 50.05
N ARG H 13 -5.06 -1.08 50.13
CA ARG H 13 -5.67 -0.82 51.43
C ARG H 13 -6.06 -2.12 52.12
N ALA H 14 -6.50 -3.11 51.34
CA ALA H 14 -6.84 -4.39 51.94
C ALA H 14 -5.60 -5.15 52.37
N ALA H 15 -4.60 -5.23 51.49
CA ALA H 15 -3.37 -5.92 51.83
C ALA H 15 -2.74 -5.33 53.08
N ALA H 16 -2.89 -4.03 53.29
CA ALA H 16 -2.29 -3.39 54.46
C ALA H 16 -2.73 -4.05 55.75
N ILE H 17 -3.95 -4.56 55.81
CA ILE H 17 -4.44 -5.19 57.03
C ILE H 17 -3.61 -6.41 57.41
N GLY H 18 -2.75 -6.89 56.51
CA GLY H 18 -1.84 -7.93 56.92
C GLY H 18 -0.85 -7.51 57.99
N TRP H 19 -0.67 -6.21 58.21
CA TRP H 19 0.33 -5.72 59.15
C TRP H 19 -0.22 -5.48 60.54
N MET H 20 -1.48 -5.10 60.64
CA MET H 20 -2.00 -4.58 61.90
C MET H 20 -1.74 -5.46 63.12
N PRO H 21 -1.81 -6.80 63.06
CA PRO H 21 -1.47 -7.56 64.25
C PRO H 21 -0.02 -7.45 64.65
N VAL H 22 0.90 -7.68 63.71
CA VAL H 22 2.33 -7.59 64.03
C VAL H 22 2.79 -6.16 64.18
N ALA H 23 1.90 -5.19 63.99
CA ALA H 23 2.25 -3.78 64.10
C ALA H 23 2.27 -3.36 65.58
N ASN H 24 3.42 -3.57 66.21
CA ASN H 24 3.50 -3.25 67.63
C ASN H 24 3.53 -1.75 67.88
N CYS H 25 3.82 -0.94 66.87
CA CYS H 25 3.80 0.50 67.01
C CYS H 25 2.49 0.95 67.67
N PRO H 26 2.52 2.02 68.44
CA PRO H 26 1.31 2.44 69.16
C PRO H 26 0.12 2.64 68.25
N MET H 27 0.21 3.57 67.32
CA MET H 27 -0.95 4.00 66.56
C MET H 27 -0.64 3.96 65.07
N PRO H 28 -1.66 3.88 64.23
CA PRO H 28 -1.48 4.13 62.80
C PRO H 28 -1.70 5.61 62.50
N LEU H 29 -1.58 5.93 61.22
CA LEU H 29 -2.00 7.24 60.74
C LEU H 29 -3.46 7.15 60.32
N ALA H 30 -4.29 8.01 60.90
CA ALA H 30 -5.67 8.10 60.45
C ALA H 30 -5.70 8.33 58.94
N PRO H 31 -6.73 7.84 58.23
CA PRO H 31 -6.69 7.85 56.77
C PRO H 31 -6.74 9.24 56.18
N ALA H 32 -6.82 9.35 54.86
CA ALA H 32 -6.82 10.64 54.18
C ALA H 32 -8.21 11.01 53.67
N ASP H 33 -9.25 10.71 54.44
CA ASP H 33 -10.62 10.90 53.96
C ASP H 33 -10.91 12.38 53.73
N LYS H 34 -11.73 12.65 52.73
CA LYS H 34 -12.18 14.00 52.41
C LYS H 34 -13.55 13.91 51.74
N ASN H 35 -13.96 14.97 51.05
CA ASN H 35 -15.23 14.97 50.36
C ASN H 35 -15.30 13.82 49.36
N LYS H 36 -16.51 13.32 49.14
CA LYS H 36 -16.73 12.16 48.30
C LYS H 36 -17.85 12.44 47.33
N ARG H 37 -17.71 11.90 46.11
CA ARG H 37 -18.79 11.97 45.13
C ARG H 37 -18.50 10.99 44.01
N GLN H 38 -19.56 10.48 43.40
CA GLN H 38 -19.48 9.37 42.46
C GLN H 38 -18.95 9.83 41.11
N ASP H 39 -18.73 8.85 40.24
CA ASP H 39 -18.35 9.14 38.86
C ASP H 39 -19.57 9.58 38.06
N GLU H 40 -19.30 10.23 36.94
CA GLU H 40 -20.36 10.70 36.07
C GLU H 40 -19.85 10.71 34.65
N LEU H 41 -20.77 10.59 33.71
CA LEU H 41 -20.43 10.58 32.29
C LEU H 41 -20.25 12.01 31.81
N ILE H 42 -19.01 12.43 31.65
CA ILE H 42 -18.74 13.67 30.96
C ILE H 42 -19.07 13.49 29.49
N VAL H 43 -19.75 14.48 28.92
CA VAL H 43 -20.26 14.42 27.56
C VAL H 43 -19.47 15.33 26.65
N LEU H 44 -18.40 14.82 26.07
CA LEU H 44 -17.65 15.61 25.12
C LEU H 44 -18.46 15.68 23.84
N ASN H 45 -18.55 16.85 23.24
CA ASN H 45 -19.39 16.99 22.04
C ASN H 45 -18.50 17.56 20.96
N VAL H 46 -17.74 16.70 20.32
CA VAL H 46 -16.73 17.14 19.38
C VAL H 46 -17.38 17.31 18.01
N SER H 47 -17.61 18.54 17.62
CA SER H 47 -18.17 18.87 16.32
C SER H 47 -19.39 18.02 16.00
N GLY H 48 -20.38 18.12 16.86
CA GLY H 48 -21.61 17.41 16.62
C GLY H 48 -21.56 15.98 17.06
N ARG H 49 -20.42 15.33 16.95
CA ARG H 49 -20.33 13.92 17.30
C ARG H 49 -20.08 13.80 18.78
N ARG H 50 -20.93 13.08 19.48
CA ARG H 50 -20.89 13.05 20.93
C ARG H 50 -20.09 11.86 21.42
N PHE H 51 -19.02 12.12 22.16
CA PHE H 51 -18.25 11.11 22.90
C PHE H 51 -18.60 11.20 24.37
N GLN H 52 -18.45 10.10 25.08
CA GLN H 52 -18.78 10.08 26.48
C GLN H 52 -17.72 9.31 27.25
N THR H 53 -17.49 9.71 28.50
CA THR H 53 -16.48 8.99 29.26
C THR H 53 -16.61 9.30 30.74
N TRP H 54 -16.19 8.36 31.59
CA TRP H 54 -16.18 8.61 33.03
C TRP H 54 -15.20 9.71 33.35
N ARG H 55 -15.59 10.62 34.24
CA ARG H 55 -14.70 11.74 34.54
C ARG H 55 -13.34 11.25 35.01
N THR H 56 -13.31 10.19 35.80
CA THR H 56 -12.06 9.64 36.29
C THR H 56 -11.22 9.03 35.19
N THR H 57 -11.78 8.80 34.02
CA THR H 57 -10.94 8.50 32.87
C THR H 57 -10.21 9.74 32.42
N LEU H 58 -10.90 10.87 32.37
CA LEU H 58 -10.28 12.09 31.88
C LEU H 58 -9.19 12.58 32.81
N GLU H 59 -9.35 12.40 34.11
CA GLU H 59 -8.34 13.00 34.99
C GLU H 59 -7.19 12.07 35.29
N ARG H 60 -6.80 11.19 34.39
CA ARG H 60 -5.60 10.40 34.60
C ARG H 60 -4.34 11.09 34.16
N TYR H 61 -4.45 12.16 33.36
CA TYR H 61 -3.28 12.89 32.88
C TYR H 61 -3.57 14.37 33.00
N PRO H 62 -3.04 15.02 34.03
CA PRO H 62 -3.50 16.37 34.40
C PRO H 62 -2.63 17.52 33.91
N ASP H 63 -1.60 17.27 33.12
CA ASP H 63 -0.92 18.34 32.40
C ASP H 63 -1.36 18.43 30.95
N THR H 64 -2.65 18.22 30.69
CA THR H 64 -3.18 18.24 29.33
C THR H 64 -4.40 19.16 29.29
N LEU H 65 -5.07 19.22 28.14
CA LEU H 65 -6.27 20.04 28.07
C LEU H 65 -7.43 19.34 28.73
N LEU H 66 -7.83 18.19 28.20
CA LEU H 66 -9.00 17.52 28.70
C LEU H 66 -8.86 17.13 30.16
N GLY H 67 -7.63 16.86 30.62
CA GLY H 67 -7.46 16.47 32.00
C GLY H 67 -7.46 17.63 32.97
N SER H 68 -6.88 18.74 32.58
CA SER H 68 -6.69 19.86 33.51
C SER H 68 -8.00 20.60 33.70
N THR H 69 -7.92 21.77 34.30
CA THR H 69 -9.10 22.59 34.55
C THR H 69 -9.25 23.69 33.54
N GLU H 70 -8.61 23.57 32.39
CA GLU H 70 -8.76 24.57 31.35
C GLU H 70 -9.55 24.04 30.18
N LYS H 71 -10.17 22.89 30.33
CA LYS H 71 -11.27 22.55 29.44
C LYS H 71 -12.56 23.18 29.90
N GLU H 72 -12.51 24.14 30.81
CA GLU H 72 -13.69 24.86 31.20
C GLU H 72 -13.91 26.09 30.35
N PHE H 73 -12.96 26.43 29.49
CA PHE H 73 -13.24 27.46 28.50
C PHE H 73 -14.09 26.93 27.37
N PHE H 74 -14.39 25.63 27.34
CA PHE H 74 -15.17 25.03 26.27
C PHE H 74 -16.49 24.48 26.78
N PHE H 75 -16.86 24.82 28.01
CA PHE H 75 -18.10 24.37 28.60
C PHE H 75 -19.24 25.26 28.14
N ASN H 76 -20.36 24.66 27.78
CA ASN H 76 -21.50 25.39 27.25
C ASN H 76 -22.70 25.16 28.18
N GLU H 77 -22.72 25.87 29.30
CA GLU H 77 -23.61 25.46 30.39
C GLU H 77 -25.08 25.68 30.07
N ASP H 78 -25.40 26.24 28.91
CA ASP H 78 -26.77 26.16 28.44
C ASP H 78 -27.16 24.73 28.11
N THR H 79 -26.18 23.83 28.01
CA THR H 79 -26.42 22.44 27.65
C THR H 79 -25.66 21.46 28.51
N LYS H 80 -24.65 21.89 29.26
CA LYS H 80 -23.83 21.00 30.07
C LYS H 80 -23.05 20.02 29.21
N GLU H 81 -22.54 20.51 28.08
CA GLU H 81 -21.79 19.69 27.16
C GLU H 81 -20.55 20.44 26.74
N TYR H 82 -19.41 19.78 26.76
CA TYR H 82 -18.21 20.39 26.22
C TYR H 82 -18.27 20.35 24.72
N PHE H 83 -18.24 21.51 24.07
CA PHE H 83 -18.29 21.58 22.62
C PHE H 83 -16.95 22.04 22.10
N PHE H 84 -16.25 21.15 21.42
CA PHE H 84 -15.02 21.48 20.71
C PHE H 84 -15.31 21.61 19.24
N ASP H 85 -14.87 22.70 18.64
CA ASP H 85 -15.05 22.92 17.21
C ASP H 85 -13.89 22.34 16.42
N ARG H 86 -13.55 21.09 16.69
CA ARG H 86 -12.35 20.47 16.16
C ARG H 86 -12.75 19.31 15.28
N ASP H 87 -11.78 18.51 14.93
CA ASP H 87 -12.01 17.34 14.08
C ASP H 87 -12.52 16.16 14.91
N PRO H 88 -13.57 15.49 14.48
CA PRO H 88 -14.08 14.34 15.23
C PRO H 88 -13.53 12.98 14.82
N GLU H 89 -12.52 12.89 13.98
CA GLU H 89 -11.90 11.61 13.67
C GLU H 89 -10.53 11.46 14.29
N VAL H 90 -10.00 12.50 14.90
CA VAL H 90 -8.75 12.43 15.61
C VAL H 90 -8.93 12.64 17.10
N PHE H 91 -10.09 13.13 17.54
CA PHE H 91 -10.40 13.06 18.95
C PHE H 91 -10.59 11.65 19.41
N ARG H 92 -10.86 10.72 18.51
CA ARG H 92 -11.01 9.33 18.91
C ARG H 92 -9.69 8.79 19.44
N CYS H 93 -8.60 8.99 18.70
CA CYS H 93 -7.31 8.46 19.14
C CYS H 93 -6.83 9.16 20.41
N VAL H 94 -7.00 10.48 20.47
CA VAL H 94 -6.70 11.19 21.69
C VAL H 94 -7.44 10.60 22.86
N LEU H 95 -8.71 10.28 22.67
CA LEU H 95 -9.47 9.79 23.80
C LEU H 95 -9.01 8.40 24.20
N ASN H 96 -8.73 7.55 23.23
CA ASN H 96 -8.26 6.22 23.57
C ASN H 96 -6.89 6.27 24.20
N PHE H 97 -6.16 7.36 24.06
CA PHE H 97 -4.97 7.51 24.88
C PHE H 97 -5.32 7.60 26.34
N TYR H 98 -6.32 8.42 26.67
CA TYR H 98 -6.71 8.59 28.06
C TYR H 98 -7.29 7.31 28.64
N ARG H 99 -7.96 6.52 27.81
CA ARG H 99 -8.54 5.29 28.34
C ARG H 99 -7.46 4.27 28.66
N THR H 100 -6.72 3.82 27.65
CA THR H 100 -5.68 2.84 27.91
C THR H 100 -4.44 3.50 28.48
N GLY H 101 -3.73 4.26 27.66
CA GLY H 101 -2.49 4.84 28.09
C GLY H 101 -1.47 4.88 26.97
N LYS H 102 -1.81 4.31 25.83
CA LYS H 102 -0.93 4.31 24.67
C LYS H 102 -1.61 5.01 23.52
N LEU H 103 -0.95 6.00 22.95
CA LEU H 103 -1.49 6.79 21.87
C LEU H 103 -1.19 6.12 20.56
N HIS H 104 -2.13 6.16 19.64
CA HIS H 104 -2.07 5.40 18.41
C HIS H 104 -1.98 6.31 17.19
N TYR H 105 -1.84 5.69 16.04
CA TYR H 105 -1.79 6.41 14.78
C TYR H 105 -2.60 5.67 13.71
N PRO H 106 -3.68 6.26 13.21
CA PRO H 106 -4.43 5.61 12.14
C PRO H 106 -3.68 5.72 10.82
N ARG H 107 -3.64 4.61 10.08
CA ARG H 107 -2.75 4.54 8.92
C ARG H 107 -2.97 5.69 7.93
N TYR H 108 -4.14 6.34 7.98
CA TYR H 108 -4.58 7.12 6.83
C TYR H 108 -4.87 8.58 7.14
N GLU H 109 -4.26 9.16 8.16
CA GLU H 109 -4.50 10.57 8.44
C GLU H 109 -3.40 11.44 7.86
N CYS H 110 -3.80 12.56 7.28
CA CYS H 110 -2.82 13.50 6.77
C CYS H 110 -1.99 14.02 7.92
N ILE H 111 -0.76 13.50 8.05
CA ILE H 111 0.08 13.67 9.22
C ILE H 111 0.07 15.10 9.77
N SER H 112 -0.14 16.09 8.91
CA SER H 112 -0.26 17.46 9.41
C SER H 112 -1.49 17.59 10.29
N ALA H 113 -2.61 17.04 9.85
CA ALA H 113 -3.81 17.07 10.67
C ALA H 113 -3.60 16.37 11.99
N TYR H 114 -2.90 15.26 12.00
CA TYR H 114 -2.69 14.58 13.26
C TYR H 114 -1.81 15.40 14.19
N ASP H 115 -0.72 15.92 13.68
CA ASP H 115 0.18 16.66 14.54
C ASP H 115 -0.50 17.86 15.17
N ASP H 116 -1.31 18.61 14.41
CA ASP H 116 -1.81 19.80 15.08
C ASP H 116 -2.99 19.50 16.00
N GLU H 117 -3.70 18.39 15.81
CA GLU H 117 -4.64 17.97 16.85
C GLU H 117 -3.89 17.66 18.13
N LEU H 118 -2.85 16.84 18.04
CA LEU H 118 -2.05 16.56 19.21
C LEU H 118 -1.57 17.84 19.86
N ALA H 119 -1.20 18.82 19.05
CA ALA H 119 -0.76 20.09 19.61
C ALA H 119 -1.89 20.74 20.39
N PHE H 120 -3.08 20.77 19.82
CA PHE H 120 -4.15 21.52 20.44
C PHE H 120 -4.56 20.89 21.77
N TYR H 121 -4.58 19.56 21.85
CA TYR H 121 -5.12 18.93 23.05
C TYR H 121 -4.14 18.86 24.19
N GLY H 122 -2.88 19.18 23.97
CA GLY H 122 -1.87 19.08 24.99
C GLY H 122 -0.96 17.89 24.86
N ILE H 123 -1.38 16.87 24.14
CA ILE H 123 -0.55 15.69 23.99
C ILE H 123 0.70 16.05 23.20
N LEU H 124 1.79 15.34 23.48
CA LEU H 124 3.06 15.43 22.80
C LEU H 124 3.27 14.23 21.91
N PRO H 125 3.75 14.41 20.69
CA PRO H 125 3.98 13.27 19.80
C PRO H 125 5.07 12.34 20.29
N GLU H 126 5.89 12.76 21.25
CA GLU H 126 6.89 11.87 21.84
C GLU H 126 6.28 10.59 22.36
N ILE H 127 5.04 10.64 22.86
CA ILE H 127 4.53 9.56 23.69
C ILE H 127 3.82 8.50 22.87
N ILE H 128 3.93 8.54 21.55
CA ILE H 128 3.18 7.59 20.73
C ILE H 128 3.61 6.18 21.09
N GLY H 129 2.64 5.28 21.21
CA GLY H 129 2.96 3.91 21.54
C GLY H 129 3.85 3.29 20.47
N ASP H 130 4.76 2.44 20.90
CA ASP H 130 5.74 1.91 19.97
C ASP H 130 5.13 1.00 18.93
N CYS H 131 4.00 0.38 19.25
CA CYS H 131 3.30 -0.49 18.30
C CYS H 131 3.10 0.21 16.97
N CYS H 132 2.76 1.49 17.01
CA CYS H 132 2.62 2.31 15.82
C CYS H 132 3.40 3.59 16.05
N TYR H 133 4.72 3.51 15.91
CA TYR H 133 5.60 4.66 16.13
C TYR H 133 6.38 5.02 14.90
N GLU H 134 7.03 4.07 14.26
CA GLU H 134 7.95 4.45 13.20
C GLU H 134 7.25 4.74 11.89
N GLU H 135 6.05 4.21 11.67
CA GLU H 135 5.29 4.63 10.49
C GLU H 135 4.84 6.08 10.65
N TYR H 136 4.61 6.51 11.88
CA TYR H 136 4.49 7.93 12.13
C TYR H 136 5.73 8.67 11.68
N LYS H 137 6.91 8.10 11.91
CA LYS H 137 8.14 8.77 11.49
C LYS H 137 8.29 8.75 9.98
N ASP H 138 7.85 7.68 9.32
CA ASP H 138 7.90 7.65 7.86
C ASP H 138 7.03 8.74 7.27
N ARG H 139 5.79 8.83 7.73
CA ARG H 139 4.92 9.91 7.28
C ARG H 139 5.52 11.25 7.62
N LYS H 140 6.15 11.36 8.79
CA LYS H 140 6.76 12.61 9.19
C LYS H 140 7.82 13.04 8.19
N ARG H 141 8.76 12.14 7.89
CA ARG H 141 9.87 12.50 7.01
C ARG H 141 9.38 12.80 5.60
N GLU H 142 8.47 11.97 5.08
CA GLU H 142 7.95 12.22 3.74
C GLU H 142 7.24 13.56 3.67
N ASN H 143 6.45 13.89 4.70
CA ASN H 143 5.74 15.16 4.71
C ASN H 143 6.71 16.33 4.77
N ALA H 144 7.70 16.25 5.67
CA ALA H 144 8.68 17.32 5.77
C ALA H 144 9.35 17.55 4.43
N GLU H 145 9.87 16.47 3.82
CA GLU H 145 10.47 16.56 2.50
C GLU H 145 9.53 17.22 1.49
N ARG H 146 8.26 16.80 1.49
CA ARG H 146 7.28 17.43 0.60
C ARG H 146 7.17 18.92 0.86
N LEU H 147 7.38 19.35 2.10
CA LEU H 147 7.34 20.77 2.39
C LEU H 147 8.60 21.47 1.89
N MET H 148 9.77 20.82 2.03
CA MET H 148 11.05 21.42 1.65
C MET H 148 11.07 21.90 0.20
N LEU H 163 25.73 43.52 -4.74
CA LEU H 163 24.43 43.03 -5.21
C LEU H 163 24.08 43.65 -6.56
N SER H 164 24.64 44.83 -6.81
CA SER H 164 24.45 45.47 -8.10
C SER H 164 25.14 44.69 -9.21
N PHE H 165 26.46 44.57 -9.12
CA PHE H 165 27.26 43.92 -10.15
C PHE H 165 28.18 42.84 -9.62
N ARG H 166 28.86 43.08 -8.50
CA ARG H 166 29.91 42.18 -8.06
C ARG H 166 29.34 40.85 -7.55
N GLN H 167 28.07 40.84 -7.16
CA GLN H 167 27.41 39.61 -6.77
C GLN H 167 26.36 39.16 -7.78
N THR H 168 25.99 40.03 -8.73
CA THR H 168 25.09 39.60 -9.80
C THR H 168 25.79 38.58 -10.70
N MET H 169 27.11 38.72 -10.87
CA MET H 169 27.86 37.71 -11.59
C MET H 169 27.81 36.37 -10.89
N TRP H 170 27.96 36.37 -9.56
CA TRP H 170 27.79 35.14 -8.79
C TRP H 170 26.40 34.56 -8.96
N ARG H 171 25.37 35.40 -8.84
CA ARG H 171 24.00 34.91 -8.96
C ARG H 171 23.73 34.33 -10.34
N ALA H 172 24.28 34.94 -11.39
CA ALA H 172 24.05 34.44 -12.73
C ALA H 172 24.81 33.16 -13.02
N PHE H 173 26.02 33.00 -12.49
CA PHE H 173 26.82 31.82 -12.81
C PHE H 173 26.10 30.55 -12.38
N GLU H 174 25.91 30.38 -11.08
CA GLU H 174 25.39 29.12 -10.53
C GLU H 174 24.00 28.77 -11.02
N ASN H 175 23.41 29.61 -11.87
CA ASN H 175 22.17 29.27 -12.56
C ASN H 175 22.21 29.97 -13.92
N PRO H 176 22.79 29.32 -14.93
CA PRO H 176 22.79 29.93 -16.26
C PRO H 176 21.42 30.35 -16.74
N HIS H 177 20.35 29.71 -16.24
CA HIS H 177 19.00 30.02 -16.67
C HIS H 177 18.43 31.26 -16.00
N THR H 178 19.25 32.05 -15.31
CA THR H 178 18.79 33.33 -14.79
C THR H 178 18.61 34.32 -15.93
N SER H 179 19.68 34.64 -16.64
CA SER H 179 19.67 35.57 -17.75
C SER H 179 20.19 34.88 -19.00
N THR H 180 20.38 35.67 -20.05
CA THR H 180 20.92 35.15 -21.31
C THR H 180 22.44 35.26 -21.37
N LEU H 181 23.02 36.29 -20.75
CA LEU H 181 24.47 36.40 -20.73
C LEU H 181 25.11 35.21 -20.02
N ALA H 182 24.52 34.77 -18.91
CA ALA H 182 25.01 33.57 -18.25
C ALA H 182 24.80 32.34 -19.12
N LEU H 183 23.70 32.30 -19.88
CA LEU H 183 23.48 31.18 -20.79
C LEU H 183 24.59 31.07 -21.82
N VAL H 184 24.94 32.20 -22.46
CA VAL H 184 26.00 32.13 -23.45
C VAL H 184 27.36 31.89 -22.79
N PHE H 185 27.57 32.40 -21.58
CA PHE H 185 28.81 32.09 -20.88
C PHE H 185 28.92 30.59 -20.62
N TYR H 186 27.81 29.95 -20.26
CA TYR H 186 27.82 28.53 -20.00
C TYR H 186 28.05 27.74 -21.28
N TYR H 187 27.32 28.07 -22.34
CA TYR H 187 27.49 27.40 -23.61
C TYR H 187 28.84 27.68 -24.25
N VAL H 188 29.60 28.65 -23.76
CA VAL H 188 30.93 28.90 -24.29
C VAL H 188 32.03 28.39 -23.36
N THR H 189 31.73 28.13 -22.09
CA THR H 189 32.72 27.47 -21.27
C THR H 189 32.62 25.95 -21.41
N GLY H 190 31.45 25.44 -21.76
CA GLY H 190 31.37 24.03 -22.11
C GLY H 190 32.09 23.65 -23.38
N PHE H 191 32.48 24.65 -24.17
CA PHE H 191 33.16 24.46 -25.44
C PHE H 191 34.61 24.10 -25.26
N PHE H 192 35.31 24.75 -24.32
CA PHE H 192 36.76 24.64 -24.29
C PHE H 192 37.25 23.47 -23.44
N ILE H 193 36.50 23.07 -22.41
CA ILE H 193 36.73 21.76 -21.81
C ILE H 193 36.68 20.69 -22.88
N ALA H 194 35.66 20.73 -23.72
CA ALA H 194 35.51 19.74 -24.78
C ALA H 194 36.65 19.84 -25.78
N VAL H 195 37.08 21.05 -26.11
CA VAL H 195 38.18 21.21 -27.06
C VAL H 195 39.45 20.59 -26.49
N SER H 196 39.71 20.83 -25.21
CA SER H 196 40.91 20.24 -24.61
C SER H 196 40.79 18.73 -24.53
N VAL H 197 39.60 18.22 -24.22
CA VAL H 197 39.42 16.77 -24.17
C VAL H 197 39.71 16.16 -25.54
N ILE H 198 39.10 16.73 -26.57
CA ILE H 198 39.27 16.17 -27.91
C ILE H 198 40.72 16.25 -28.35
N THR H 199 41.39 17.36 -28.07
CA THR H 199 42.78 17.45 -28.52
C THR H 199 43.68 16.53 -27.71
N ASN H 200 43.42 16.38 -26.41
CA ASN H 200 44.21 15.45 -25.62
C ASN H 200 44.02 14.03 -26.13
N VAL H 201 42.83 13.72 -26.62
CA VAL H 201 42.60 12.44 -27.26
C VAL H 201 43.46 12.32 -28.51
N VAL H 202 43.33 13.28 -29.41
CA VAL H 202 43.94 13.15 -30.73
C VAL H 202 45.45 13.24 -30.72
N GLU H 203 46.06 13.90 -29.73
CA GLU H 203 47.50 14.10 -29.75
C GLU H 203 48.30 12.81 -29.87
N THR H 204 47.66 11.66 -29.77
CA THR H 204 48.37 10.39 -29.81
C THR H 204 48.19 9.64 -31.12
N VAL H 205 47.28 10.06 -31.97
CA VAL H 205 46.96 9.37 -33.21
C VAL H 205 48.16 9.40 -34.14
N PRO H 206 48.75 8.27 -34.47
CA PRO H 206 49.84 8.30 -35.45
C PRO H 206 49.31 8.58 -36.85
N CYS H 207 49.53 9.80 -37.34
CA CYS H 207 49.05 10.20 -38.66
C CYS H 207 50.05 11.17 -39.28
N GLY H 208 50.22 11.03 -40.60
CA GLY H 208 51.26 11.73 -41.30
C GLY H 208 52.44 10.82 -41.53
N THR H 209 52.56 10.26 -42.73
CA THR H 209 53.58 9.25 -42.98
C THR H 209 54.99 9.83 -42.85
N VAL H 210 55.13 11.15 -42.99
CA VAL H 210 56.42 11.83 -42.89
C VAL H 210 57.41 11.11 -43.81
N PRO H 211 57.30 11.28 -45.13
CA PRO H 211 58.18 10.52 -46.04
C PRO H 211 59.67 10.73 -45.82
N GLY H 212 60.07 11.59 -44.88
CA GLY H 212 61.47 11.80 -44.59
C GLY H 212 61.98 11.01 -43.39
N SER H 213 61.13 10.82 -42.38
CA SER H 213 61.54 10.08 -41.19
C SER H 213 60.45 9.11 -40.76
N LYS H 214 60.60 8.53 -39.57
CA LYS H 214 59.60 7.59 -39.07
C LYS H 214 58.29 8.32 -38.76
N GLU H 215 57.25 7.55 -38.48
CA GLU H 215 55.95 8.13 -38.22
C GLU H 215 55.83 8.58 -36.77
N LEU H 216 55.28 9.78 -36.59
CA LEU H 216 55.19 10.46 -35.32
C LEU H 216 53.72 10.62 -34.91
N PRO H 217 53.44 10.67 -33.61
CA PRO H 217 52.12 11.09 -33.18
C PRO H 217 51.84 12.52 -33.63
N CYS H 218 50.61 12.75 -34.07
CA CYS H 218 50.21 14.09 -34.50
C CYS H 218 50.54 15.14 -33.44
N GLY H 219 50.42 14.76 -32.17
CA GLY H 219 50.57 15.73 -31.10
C GLY H 219 51.94 16.38 -31.04
N GLU H 220 52.97 15.68 -31.50
CA GLU H 220 54.33 16.22 -31.44
C GLU H 220 54.85 16.69 -32.79
N ARG H 221 54.48 16.04 -33.88
CA ARG H 221 54.90 16.52 -35.19
C ARG H 221 54.39 17.94 -35.43
N TYR H 222 53.17 18.23 -35.00
CA TYR H 222 52.66 19.60 -35.02
C TYR H 222 52.79 20.20 -33.62
N SER H 223 54.05 20.31 -33.18
CA SER H 223 54.33 20.67 -31.79
C SER H 223 53.68 21.99 -31.40
N VAL H 224 53.95 23.04 -32.18
CA VAL H 224 53.39 24.36 -31.85
C VAL H 224 51.88 24.35 -31.95
N ALA H 225 51.34 23.59 -32.90
CA ALA H 225 49.90 23.56 -33.09
C ALA H 225 49.18 23.16 -31.79
N PHE H 226 49.65 22.11 -31.13
CA PHE H 226 49.01 21.66 -29.91
C PHE H 226 49.50 22.40 -28.68
N PHE H 227 50.72 22.92 -28.71
CA PHE H 227 51.19 23.73 -27.60
C PHE H 227 50.31 24.97 -27.44
N CYS H 228 49.98 25.62 -28.54
CA CYS H 228 49.12 26.80 -28.48
C CYS H 228 47.74 26.44 -27.96
N LEU H 229 47.16 25.35 -28.46
CA LEU H 229 45.84 24.92 -27.99
C LEU H 229 45.84 24.69 -26.49
N ASP H 230 46.82 23.93 -26.00
CA ASP H 230 46.85 23.60 -24.57
C ASP H 230 47.02 24.86 -23.72
N THR H 231 47.98 25.71 -24.09
CA THR H 231 48.18 26.93 -23.33
C THR H 231 46.92 27.79 -23.32
N ALA H 232 46.24 27.89 -24.47
CA ALA H 232 45.07 28.74 -24.56
C ALA H 232 43.94 28.23 -23.69
N CYS H 233 43.68 26.91 -23.72
CA CYS H 233 42.59 26.40 -22.89
C CYS H 233 42.94 26.50 -21.41
N VAL H 234 44.22 26.34 -21.06
CA VAL H 234 44.65 26.63 -19.69
C VAL H 234 44.26 28.05 -19.31
N MET H 235 44.52 29.00 -20.21
CA MET H 235 44.15 30.38 -19.97
C MET H 235 42.66 30.52 -19.69
N ILE H 236 41.84 29.88 -20.53
CA ILE H 236 40.38 30.02 -20.37
C ILE H 236 39.93 29.48 -19.03
N PHE H 237 40.46 28.32 -18.64
CA PHE H 237 40.08 27.72 -17.36
C PHE H 237 40.51 28.59 -16.18
N THR H 238 41.68 29.20 -16.27
CA THR H 238 42.14 30.07 -15.19
C THR H 238 41.26 31.30 -15.07
N VAL H 239 40.92 31.90 -16.21
CA VAL H 239 40.09 33.10 -16.20
C VAL H 239 38.71 32.80 -15.63
N GLU H 240 38.18 31.62 -15.93
CA GLU H 240 36.91 31.22 -15.30
C GLU H 240 37.08 31.03 -13.81
N TYR H 241 38.19 30.38 -13.40
CA TYR H 241 38.37 30.03 -12.00
C TYR H 241 38.46 31.26 -11.12
N LEU H 242 39.14 32.30 -11.59
CA LEU H 242 39.31 33.51 -10.77
C LEU H 242 37.97 34.13 -10.42
N LEU H 243 37.19 34.48 -11.44
CA LEU H 243 35.87 35.06 -11.21
C LEU H 243 34.96 34.12 -10.45
N ARG H 244 35.18 32.80 -10.55
CA ARG H 244 34.42 31.87 -9.72
C ARG H 244 34.76 32.06 -8.25
N LEU H 245 36.05 32.08 -7.93
CA LEU H 245 36.48 32.20 -6.54
C LEU H 245 36.05 33.53 -5.94
N PHE H 246 36.16 34.60 -6.70
CA PHE H 246 36.10 35.94 -6.10
C PHE H 246 34.75 36.22 -5.46
N ALA H 247 33.70 35.53 -5.87
CA ALA H 247 32.36 35.87 -5.40
C ALA H 247 31.80 34.88 -4.39
N ALA H 248 32.65 34.09 -3.75
CA ALA H 248 32.17 33.09 -2.81
C ALA H 248 31.91 33.74 -1.45
N PRO H 249 30.82 33.38 -0.77
CA PRO H 249 30.63 33.84 0.61
C PRO H 249 31.84 33.52 1.47
N SER H 250 32.23 32.27 1.50
CA SER H 250 33.51 31.87 2.10
C SER H 250 34.50 31.67 0.96
N ARG H 251 35.41 32.63 0.80
CA ARG H 251 36.53 32.43 -0.11
C ARG H 251 37.41 31.26 0.32
N TYR H 252 37.08 30.60 1.43
CA TYR H 252 37.75 29.37 1.84
C TYR H 252 36.91 28.13 1.56
N ARG H 253 35.65 28.10 2.00
CA ARG H 253 34.84 26.91 1.79
C ARG H 253 34.70 26.59 0.31
N PHE H 254 34.87 27.59 -0.54
CA PHE H 254 35.01 27.36 -1.97
C PHE H 254 36.30 26.62 -2.30
N ILE H 255 37.32 26.71 -1.46
CA ILE H 255 38.57 26.02 -1.77
C ILE H 255 38.51 24.56 -1.34
N ARG H 256 37.72 24.24 -0.31
CA ARG H 256 37.48 22.85 0.02
C ARG H 256 36.37 22.24 -0.82
N SER H 257 36.00 22.87 -1.94
CA SER H 257 34.85 22.41 -2.70
C SER H 257 35.18 21.16 -3.49
N VAL H 258 34.13 20.54 -4.03
CA VAL H 258 34.32 19.33 -4.81
C VAL H 258 34.92 19.65 -6.17
N MET H 259 34.67 20.85 -6.69
CA MET H 259 35.23 21.26 -7.97
C MET H 259 36.46 22.14 -7.84
N SER H 260 36.74 22.63 -6.64
CA SER H 260 37.96 23.39 -6.41
C SER H 260 39.17 22.59 -6.82
N ILE H 261 39.37 21.43 -6.18
CA ILE H 261 40.50 20.58 -6.50
C ILE H 261 40.39 20.08 -7.94
N ILE H 262 39.17 19.96 -8.46
CA ILE H 262 38.98 19.62 -9.86
C ILE H 262 39.74 20.59 -10.74
N ASP H 263 39.40 21.88 -10.67
CA ASP H 263 40.07 22.85 -11.53
C ASP H 263 41.54 23.00 -11.18
N VAL H 264 41.89 22.84 -9.90
CA VAL H 264 43.29 22.96 -9.48
C VAL H 264 44.14 21.92 -10.19
N VAL H 265 43.76 20.65 -10.07
CA VAL H 265 44.51 19.57 -10.71
C VAL H 265 44.25 19.54 -12.21
N ALA H 266 43.22 20.25 -12.67
CA ALA H 266 43.05 20.41 -14.11
C ALA H 266 44.13 21.31 -14.69
N ILE H 267 44.48 22.37 -13.96
CA ILE H 267 45.42 23.35 -14.52
C ILE H 267 46.86 23.00 -14.19
N MET H 268 47.13 22.53 -12.98
CA MET H 268 48.51 22.44 -12.49
C MET H 268 49.44 21.63 -13.38
N PRO H 269 49.04 20.44 -13.90
CA PRO H 269 49.96 19.68 -14.77
C PRO H 269 50.34 20.41 -16.06
N TYR H 270 49.83 21.63 -16.25
CA TYR H 270 50.43 22.47 -17.26
C TYR H 270 51.53 23.35 -16.69
N TYR H 271 51.30 23.93 -15.52
CA TYR H 271 52.31 24.80 -14.93
C TYR H 271 53.58 24.02 -14.63
N ILE H 272 53.44 22.76 -14.21
CA ILE H 272 54.65 21.97 -14.05
C ILE H 272 55.23 21.57 -15.40
N GLY H 273 54.42 21.59 -16.46
CA GLY H 273 54.92 21.31 -17.78
C GLY H 273 55.74 22.47 -18.32
N LEU H 274 55.46 23.66 -17.78
CA LEU H 274 56.33 24.80 -18.04
C LEU H 274 57.57 24.79 -17.17
N VAL H 275 57.41 24.64 -15.86
CA VAL H 275 58.56 24.69 -14.95
C VAL H 275 59.58 23.62 -15.33
N MET H 276 59.10 22.45 -15.76
CA MET H 276 59.93 21.28 -16.02
C MET H 276 59.88 20.86 -17.47
N THR H 277 60.01 21.82 -18.39
CA THR H 277 60.01 21.53 -19.82
C THR H 277 61.10 20.49 -20.12
N ASN H 278 61.02 19.82 -21.26
CA ASN H 278 61.76 18.58 -21.54
C ASN H 278 63.27 18.67 -21.35
N ASN H 279 63.80 19.87 -21.11
CA ASN H 279 65.22 20.00 -20.80
C ASN H 279 65.60 19.17 -19.57
N GLU H 280 64.88 19.35 -18.48
CA GLU H 280 65.07 18.58 -17.24
C GLU H 280 63.91 17.61 -17.14
N ASP H 281 64.06 16.44 -17.75
CA ASP H 281 62.98 15.47 -17.81
C ASP H 281 63.54 14.09 -18.12
N VAL H 282 62.92 13.07 -17.55
CA VAL H 282 63.24 11.67 -17.82
C VAL H 282 61.93 10.92 -18.04
N SER H 283 61.96 9.94 -18.93
CA SER H 283 60.74 9.24 -19.36
C SER H 283 59.90 8.76 -18.19
N GLY H 284 60.53 8.45 -17.05
CA GLY H 284 59.81 7.94 -15.91
C GLY H 284 59.37 9.01 -14.92
N ALA H 285 59.16 10.23 -15.41
CA ALA H 285 58.80 11.32 -14.50
C ALA H 285 57.70 12.24 -15.00
N PHE H 286 57.28 12.16 -16.25
CA PHE H 286 56.38 13.17 -16.79
C PHE H 286 54.98 12.66 -17.09
N VAL H 287 54.82 11.41 -17.54
CA VAL H 287 53.47 10.89 -17.78
C VAL H 287 52.69 10.82 -16.49
N THR H 288 53.39 10.68 -15.35
CA THR H 288 52.70 10.60 -14.07
C THR H 288 51.91 11.86 -13.78
N LEU H 289 52.23 12.96 -14.44
CA LEU H 289 51.42 14.16 -14.35
C LEU H 289 50.69 14.46 -15.65
N ARG H 290 51.19 13.94 -16.77
CA ARG H 290 50.47 14.10 -18.03
C ARG H 290 49.14 13.38 -18.01
N VAL H 291 49.06 12.26 -17.29
CA VAL H 291 47.83 11.49 -17.21
C VAL H 291 46.71 12.34 -16.64
N PHE H 292 47.04 13.17 -15.66
CA PHE H 292 46.03 13.98 -15.00
C PHE H 292 45.27 14.89 -15.94
N ARG H 293 45.77 15.08 -17.17
CA ARG H 293 45.14 16.03 -18.07
C ARG H 293 43.68 15.71 -18.31
N VAL H 294 43.33 14.42 -18.36
CA VAL H 294 41.93 14.03 -18.52
C VAL H 294 41.09 14.42 -17.32
N PHE H 295 41.71 14.78 -16.20
CA PHE H 295 40.95 15.06 -14.99
C PHE H 295 40.16 16.35 -15.14
N ARG H 296 40.36 17.05 -16.25
CA ARG H 296 39.58 18.25 -16.50
C ARG H 296 38.23 17.92 -17.10
N ILE H 297 38.02 16.68 -17.54
CA ILE H 297 36.74 16.32 -18.11
C ILE H 297 35.63 16.40 -17.07
N PHE H 298 35.98 16.35 -15.80
CA PHE H 298 34.97 16.40 -14.75
C PHE H 298 34.28 17.74 -14.67
N LYS H 299 34.84 18.78 -15.28
CA LYS H 299 34.17 20.08 -15.25
C LYS H 299 32.80 20.02 -15.88
N PHE H 300 32.52 19.01 -16.69
CA PHE H 300 31.18 18.81 -17.21
C PHE H 300 30.14 18.62 -16.13
N SER H 301 30.56 18.54 -14.86
CA SER H 301 29.62 18.24 -13.79
C SER H 301 28.50 19.26 -13.73
N ARG H 302 28.83 20.54 -13.65
CA ARG H 302 27.79 21.56 -13.52
C ARG H 302 26.92 21.63 -14.76
N HIS H 303 27.40 21.10 -15.88
CA HIS H 303 26.60 21.09 -17.10
C HIS H 303 25.46 20.10 -16.99
N SER H 304 25.75 18.87 -16.57
CA SER H 304 24.77 17.79 -16.54
C SER H 304 24.37 17.49 -15.10
N GLN H 305 23.06 17.47 -14.85
CA GLN H 305 22.59 17.04 -13.55
C GLN H 305 22.97 15.59 -13.27
N GLY H 306 23.24 14.84 -14.34
CA GLY H 306 23.50 13.41 -14.18
C GLY H 306 24.76 13.11 -13.41
N LEU H 307 25.89 13.71 -13.81
CA LEU H 307 27.13 13.39 -13.11
C LEU H 307 27.06 13.80 -11.65
N ARG H 308 26.46 14.95 -11.36
CA ARG H 308 26.40 15.37 -9.98
C ARG H 308 25.49 14.45 -9.16
N ILE H 309 24.35 14.05 -9.73
CA ILE H 309 23.47 13.17 -8.98
C ILE H 309 24.10 11.80 -8.79
N LEU H 310 24.88 11.35 -9.76
CA LEU H 310 25.59 10.09 -9.60
C LEU H 310 26.63 10.19 -8.51
N GLY H 311 27.31 11.34 -8.44
CA GLY H 311 28.24 11.53 -7.33
C GLY H 311 27.53 11.54 -5.99
N TYR H 312 26.37 12.19 -5.92
CA TYR H 312 25.67 12.29 -4.65
C TYR H 312 25.17 10.91 -4.20
N THR H 313 24.77 10.07 -5.15
CA THR H 313 24.34 8.74 -4.78
C THR H 313 25.50 7.78 -4.56
N LEU H 314 26.68 8.08 -5.09
CA LEU H 314 27.86 7.35 -4.64
C LEU H 314 28.17 7.69 -3.20
N LYS H 315 27.99 8.95 -2.83
CA LYS H 315 28.25 9.35 -1.44
C LYS H 315 27.20 8.76 -0.51
N SER H 316 25.94 8.72 -0.94
CA SER H 316 24.88 8.20 -0.10
C SER H 316 25.01 6.71 0.14
N CYS H 317 25.63 5.97 -0.77
CA CYS H 317 25.77 4.53 -0.64
C CYS H 317 27.14 4.14 -0.12
N ALA H 318 27.85 5.06 0.52
CA ALA H 318 29.25 4.83 0.87
C ALA H 318 29.43 3.63 1.78
N SER H 319 28.37 3.20 2.46
CA SER H 319 28.50 2.06 3.36
C SER H 319 28.63 0.75 2.59
N GLU H 320 28.03 0.68 1.40
CA GLU H 320 27.96 -0.57 0.64
C GLU H 320 29.21 -0.83 -0.17
N LEU H 321 29.83 0.23 -0.72
CA LEU H 321 31.04 0.02 -1.50
C LEU H 321 32.19 -0.46 -0.64
N GLY H 322 32.22 -0.08 0.64
CA GLY H 322 33.24 -0.63 1.53
C GLY H 322 33.12 -2.13 1.67
N PHE H 323 31.90 -2.61 1.92
CA PHE H 323 31.71 -4.04 2.04
C PHE H 323 31.97 -4.75 0.73
N LEU H 324 31.59 -4.13 -0.38
CA LEU H 324 31.90 -4.71 -1.68
C LEU H 324 33.40 -4.87 -1.87
N LEU H 325 34.16 -3.82 -1.53
CA LEU H 325 35.59 -3.88 -1.69
C LEU H 325 36.20 -4.95 -0.81
N PHE H 326 35.74 -5.04 0.44
CA PHE H 326 36.30 -6.04 1.33
C PHE H 326 35.98 -7.46 0.85
N SER H 327 34.73 -7.70 0.46
CA SER H 327 34.34 -9.02 0.00
C SER H 327 35.11 -9.39 -1.25
N LEU H 328 35.19 -8.48 -2.22
CA LEU H 328 35.98 -8.73 -3.42
C LEU H 328 37.42 -9.06 -3.08
N THR H 329 38.03 -8.33 -2.15
CA THR H 329 39.43 -8.55 -1.85
C THR H 329 39.66 -9.92 -1.22
N MET H 330 38.86 -10.26 -0.21
CA MET H 330 39.08 -11.57 0.38
C MET H 330 38.71 -12.70 -0.56
N ALA H 331 37.71 -12.51 -1.41
CA ALA H 331 37.34 -13.57 -2.34
C ALA H 331 38.44 -13.79 -3.36
N ILE H 332 39.02 -12.70 -3.87
CA ILE H 332 40.19 -12.82 -4.71
C ILE H 332 41.28 -13.59 -3.99
N ILE H 333 41.52 -13.28 -2.71
CA ILE H 333 42.57 -13.97 -1.98
C ILE H 333 42.32 -15.47 -1.93
N ILE H 334 41.12 -15.85 -1.50
CA ILE H 334 40.80 -17.27 -1.33
C ILE H 334 40.94 -17.99 -2.65
N PHE H 335 40.27 -17.49 -3.69
CA PHE H 335 40.26 -18.23 -4.94
C PHE H 335 41.61 -18.19 -5.62
N ALA H 336 42.40 -17.14 -5.41
CA ALA H 336 43.73 -17.10 -5.97
C ALA H 336 44.61 -18.15 -5.32
N THR H 337 44.53 -18.30 -4.00
CA THR H 337 45.30 -19.34 -3.33
C THR H 337 44.89 -20.71 -3.84
N VAL H 338 43.59 -20.96 -3.91
CA VAL H 338 43.12 -22.29 -4.31
C VAL H 338 43.56 -22.62 -5.72
N MET H 339 43.34 -21.71 -6.67
CA MET H 339 43.74 -21.97 -8.04
C MET H 339 45.25 -22.09 -8.14
N PHE H 340 45.97 -21.29 -7.36
CA PHE H 340 47.42 -21.34 -7.38
C PHE H 340 47.93 -22.71 -7.00
N TYR H 341 47.48 -23.21 -5.85
CA TYR H 341 47.94 -24.50 -5.37
C TYR H 341 47.41 -25.66 -6.20
N ALA H 342 46.24 -25.50 -6.82
CA ALA H 342 45.74 -26.56 -7.69
C ALA H 342 46.56 -26.65 -8.96
N GLU H 343 46.66 -25.54 -9.69
CA GLU H 343 47.25 -25.56 -11.02
C GLU H 343 48.72 -25.17 -10.99
N LYS H 344 49.36 -25.21 -9.83
CA LYS H 344 50.76 -24.77 -9.76
C LYS H 344 51.66 -25.69 -10.59
N GLY H 345 51.63 -26.99 -10.32
CA GLY H 345 52.53 -27.88 -11.00
C GLY H 345 52.02 -28.37 -12.34
N SER H 346 52.40 -27.66 -13.39
CA SER H 346 52.04 -28.04 -14.76
C SER H 346 53.17 -27.61 -15.69
N SER H 347 52.99 -27.86 -16.98
CA SER H 347 54.05 -27.68 -17.96
C SER H 347 54.61 -26.27 -17.97
N ALA H 348 53.80 -25.32 -18.43
CA ALA H 348 54.15 -23.91 -18.44
C ALA H 348 53.12 -23.11 -17.66
N SER H 349 52.68 -23.68 -16.54
CA SER H 349 51.58 -23.13 -15.76
C SER H 349 51.84 -21.68 -15.45
N LYS H 350 51.10 -20.78 -16.09
CA LYS H 350 51.30 -19.36 -15.91
C LYS H 350 50.78 -18.87 -14.57
N PHE H 351 50.46 -19.78 -13.66
CA PHE H 351 50.10 -19.42 -12.28
C PHE H 351 51.35 -19.48 -11.40
N THR H 352 52.30 -18.59 -11.67
CA THR H 352 53.57 -18.64 -10.96
C THR H 352 53.49 -18.08 -9.55
N SER H 353 52.38 -17.44 -9.16
CA SER H 353 52.35 -16.80 -7.87
C SER H 353 50.92 -16.44 -7.50
N ILE H 354 50.71 -16.19 -6.21
CA ILE H 354 49.46 -15.62 -5.75
C ILE H 354 49.32 -14.22 -6.34
N PRO H 355 50.37 -13.42 -6.43
CA PRO H 355 50.29 -12.20 -7.22
C PRO H 355 50.07 -12.46 -8.70
N ALA H 356 50.31 -13.68 -9.16
CA ALA H 356 50.04 -14.01 -10.55
C ALA H 356 48.67 -14.62 -10.76
N SER H 357 47.91 -14.80 -9.69
CA SER H 357 46.56 -15.33 -9.80
C SER H 357 45.54 -14.38 -9.21
N PHE H 358 45.90 -13.12 -9.04
CA PHE H 358 44.88 -12.11 -8.85
C PHE H 358 44.30 -11.69 -10.19
N TRP H 359 45.14 -11.61 -11.21
CA TRP H 359 44.66 -11.27 -12.54
C TRP H 359 43.59 -12.25 -13.00
N TYR H 360 43.92 -13.54 -13.00
CA TYR H 360 42.98 -14.54 -13.45
C TYR H 360 41.70 -14.50 -12.64
N THR H 361 41.79 -14.28 -11.34
CA THR H 361 40.59 -14.40 -10.55
C THR H 361 39.70 -13.17 -10.66
N ILE H 362 40.28 -11.99 -10.86
CA ILE H 362 39.40 -10.85 -11.07
C ILE H 362 38.86 -10.86 -12.49
N VAL H 363 39.54 -11.53 -13.42
CA VAL H 363 38.96 -11.73 -14.74
C VAL H 363 37.78 -12.68 -14.66
N THR H 364 37.95 -13.82 -14.01
CA THR H 364 36.87 -14.80 -13.93
C THR H 364 35.71 -14.27 -13.11
N MET H 365 35.95 -13.85 -11.87
CA MET H 365 34.87 -13.41 -11.00
C MET H 365 33.99 -12.36 -11.64
N THR H 366 34.51 -11.62 -12.62
CA THR H 366 33.75 -10.56 -13.26
C THR H 366 33.15 -11.02 -14.57
N THR H 367 33.33 -12.28 -14.93
CA THR H 367 32.81 -12.84 -16.17
C THR H 367 33.35 -12.12 -17.38
N LEU H 368 34.61 -11.72 -17.34
CA LEU H 368 35.28 -11.33 -18.58
C LEU H 368 35.79 -12.55 -19.32
N GLY H 369 36.74 -13.25 -18.75
CA GLY H 369 37.27 -14.41 -19.43
C GLY H 369 38.02 -14.01 -20.69
N TYR H 370 39.20 -13.43 -20.52
CA TYR H 370 40.03 -13.12 -21.68
C TYR H 370 40.52 -14.40 -22.34
N GLY H 371 40.93 -15.38 -21.54
CA GLY H 371 41.42 -16.62 -22.06
C GLY H 371 42.91 -16.74 -22.08
N ASP H 372 43.64 -15.74 -21.58
CA ASP H 372 45.09 -15.81 -21.57
C ASP H 372 45.58 -16.84 -20.56
N MET H 373 44.92 -16.95 -19.41
CA MET H 373 45.23 -17.95 -18.40
C MET H 373 43.99 -18.76 -18.10
N VAL H 374 44.02 -20.06 -18.38
CA VAL H 374 42.92 -20.95 -18.06
C VAL H 374 43.46 -22.21 -17.39
N PRO H 375 42.78 -22.73 -16.37
CA PRO H 375 43.28 -23.95 -15.73
C PRO H 375 43.24 -25.13 -16.68
N LYS H 376 44.12 -26.08 -16.42
CA LYS H 376 44.16 -27.29 -17.25
C LYS H 376 44.25 -28.56 -16.42
N THR H 377 43.99 -28.48 -15.12
CA THR H 377 43.90 -29.67 -14.30
C THR H 377 42.47 -30.21 -14.38
N ILE H 378 42.11 -31.09 -13.45
CA ILE H 378 40.72 -31.42 -13.19
C ILE H 378 40.24 -30.84 -11.87
N ALA H 379 41.12 -30.23 -11.11
CA ALA H 379 40.72 -29.50 -9.91
C ALA H 379 40.63 -28.01 -10.17
N GLY H 380 41.56 -27.49 -10.97
CA GLY H 380 41.51 -26.07 -11.31
C GLY H 380 40.22 -25.70 -12.01
N LYS H 381 39.73 -26.58 -12.88
CA LYS H 381 38.47 -26.32 -13.56
C LYS H 381 37.33 -26.21 -12.56
N ILE H 382 37.30 -27.09 -11.57
CA ILE H 382 36.23 -27.04 -10.58
C ILE H 382 36.26 -25.72 -9.83
N PHE H 383 37.44 -25.32 -9.38
CA PHE H 383 37.53 -24.10 -8.60
C PHE H 383 37.29 -22.86 -9.43
N GLY H 384 37.61 -22.87 -10.71
CA GLY H 384 37.26 -21.74 -11.55
C GLY H 384 35.76 -21.64 -11.77
N SER H 385 35.12 -22.78 -12.02
CA SER H 385 33.67 -22.77 -12.19
C SER H 385 32.99 -22.28 -10.93
N ILE H 386 33.52 -22.64 -9.77
CA ILE H 386 32.95 -22.11 -8.53
C ILE H 386 33.26 -20.62 -8.43
N CYS H 387 34.44 -20.22 -8.88
CA CYS H 387 34.86 -18.83 -8.71
C CYS H 387 33.95 -17.90 -9.48
N SER H 388 33.56 -18.30 -10.68
CA SER H 388 32.76 -17.41 -11.50
C SER H 388 31.40 -17.14 -10.88
N LEU H 389 30.74 -18.20 -10.44
CA LEU H 389 29.46 -18.03 -9.74
C LEU H 389 29.65 -17.20 -8.48
N SER H 390 30.75 -17.43 -7.76
CA SER H 390 30.98 -16.67 -6.53
C SER H 390 31.14 -15.18 -6.83
N GLY H 391 31.76 -14.86 -7.97
CA GLY H 391 31.88 -13.47 -8.34
C GLY H 391 30.55 -12.87 -8.75
N VAL H 392 29.78 -13.57 -9.57
CA VAL H 392 28.43 -13.13 -9.90
C VAL H 392 27.65 -12.83 -8.63
N LEU H 393 27.79 -13.68 -7.62
CA LEU H 393 27.09 -13.46 -6.36
C LEU H 393 27.61 -12.24 -5.65
N VAL H 394 28.93 -12.15 -5.44
CA VAL H 394 29.49 -11.11 -4.58
C VAL H 394 29.26 -9.73 -5.20
N ILE H 395 29.47 -9.60 -6.51
CA ILE H 395 29.33 -8.30 -7.13
C ILE H 395 27.88 -7.87 -7.26
N ALA H 396 26.94 -8.80 -7.23
CA ALA H 396 25.54 -8.44 -7.40
C ALA H 396 24.90 -7.96 -6.11
N LEU H 397 25.68 -7.67 -5.08
CA LEU H 397 25.15 -7.12 -3.84
C LEU H 397 24.99 -5.60 -3.88
N PRO H 398 25.99 -4.83 -4.35
CA PRO H 398 25.78 -3.39 -4.40
C PRO H 398 24.83 -2.95 -5.51
N VAL H 399 24.92 -3.56 -6.68
CA VAL H 399 24.19 -3.08 -7.85
C VAL H 399 22.68 -3.05 -7.63
N PRO H 400 22.08 -3.76 -6.68
CA PRO H 400 20.71 -3.42 -6.31
C PRO H 400 20.63 -2.03 -5.71
N VAL H 401 21.35 -1.81 -4.62
CA VAL H 401 21.13 -0.61 -3.83
C VAL H 401 21.60 0.62 -4.59
N ILE H 402 22.69 0.49 -5.35
CA ILE H 402 23.23 1.66 -6.05
C ILE H 402 22.25 2.16 -7.09
N VAL H 403 21.72 1.25 -7.90
CA VAL H 403 20.77 1.71 -8.92
C VAL H 403 19.47 2.14 -8.27
N SER H 404 19.08 1.51 -7.16
CA SER H 404 17.86 1.92 -6.48
C SER H 404 17.98 3.36 -6.00
N ASN H 405 19.11 3.69 -5.39
CA ASN H 405 19.31 5.04 -4.88
C ASN H 405 19.53 6.04 -6.00
N PHE H 406 20.13 5.63 -7.11
CA PHE H 406 20.19 6.54 -8.26
C PHE H 406 18.80 6.93 -8.71
N SER H 407 17.95 5.93 -8.97
CA SER H 407 16.57 6.21 -9.31
C SER H 407 15.91 7.06 -8.24
N ARG H 408 16.20 6.75 -6.98
CA ARG H 408 15.54 7.42 -5.87
C ARG H 408 15.87 8.91 -5.87
N ILE H 409 17.16 9.24 -5.94
CA ILE H 409 17.56 10.64 -5.92
C ILE H 409 17.06 11.35 -7.17
N TYR H 410 17.06 10.67 -8.32
CA TYR H 410 16.62 11.37 -9.53
C TYR H 410 15.14 11.68 -9.47
N HIS H 411 14.32 10.73 -9.00
CA HIS H 411 12.90 11.03 -8.85
C HIS H 411 12.66 12.06 -7.75
N GLN H 412 13.47 12.05 -6.70
CA GLN H 412 13.34 13.07 -5.67
C GLN H 412 13.57 14.46 -6.25
N ASN H 413 14.66 14.62 -7.02
CA ASN H 413 14.90 15.91 -7.66
C ASN H 413 13.83 16.24 -8.68
N GLN H 414 13.27 15.23 -9.34
CA GLN H 414 12.21 15.49 -10.31
C GLN H 414 10.97 16.08 -9.63
N ARG H 415 10.51 15.43 -8.56
CA ARG H 415 9.38 15.99 -7.84
C ARG H 415 9.75 17.31 -7.18
N ALA H 416 11.03 17.52 -6.85
CA ALA H 416 11.45 18.81 -6.32
C ALA H 416 11.25 19.92 -7.34
N ASP H 417 11.74 19.71 -8.57
CA ASP H 417 11.60 20.74 -9.58
C ASP H 417 10.13 20.98 -9.90
N LYS H 418 9.34 19.92 -9.98
CA LYS H 418 7.93 20.12 -10.30
C LYS H 418 7.21 20.82 -9.14
N ARG H 419 7.62 20.55 -7.90
CA ARG H 419 7.01 21.23 -6.77
C ARG H 419 7.35 22.72 -6.80
N ARG H 420 8.60 23.06 -7.09
CA ARG H 420 8.95 24.46 -7.20
C ARG H 420 8.18 25.13 -8.33
N ALA H 421 7.99 24.41 -9.45
CA ALA H 421 7.23 24.99 -10.55
C ALA H 421 5.77 25.19 -10.18
N GLN H 422 5.17 24.24 -9.47
CA GLN H 422 3.81 24.41 -9.00
C GLN H 422 3.71 25.57 -8.02
N LYS H 423 4.78 25.80 -7.25
CA LYS H 423 4.84 27.01 -6.43
C LYS H 423 4.93 28.27 -7.28
N LYS H 424 5.64 28.19 -8.42
CA LYS H 424 5.72 29.33 -9.32
C LYS H 424 4.42 29.55 -10.08
N ALA H 425 3.54 28.56 -10.10
CA ALA H 425 2.18 28.82 -10.56
C ALA H 425 1.51 29.87 -9.68
N ARG H 426 1.40 29.56 -8.39
CA ARG H 426 0.90 30.51 -7.39
C ARG H 426 1.58 31.87 -7.48
N SER H 470 -19.85 45.52 4.48
CA SER H 470 -19.37 44.16 4.64
C SER H 470 -19.28 43.78 6.11
N LEU H 471 -19.42 44.78 6.99
CA LEU H 471 -19.39 44.70 8.44
C LEU H 471 -18.09 44.10 8.98
N ILE H 472 -17.10 43.90 8.11
CA ILE H 472 -15.73 43.61 8.52
C ILE H 472 -14.75 44.61 7.93
N GLU H 473 -14.87 44.88 6.63
CA GLU H 473 -14.02 45.90 6.03
C GLU H 473 -14.31 47.26 6.62
N SER H 474 -15.52 47.48 7.11
CA SER H 474 -15.80 48.72 7.84
C SER H 474 -14.92 48.80 9.07
N GLN H 475 -14.96 47.76 9.91
CA GLN H 475 -14.16 47.75 11.14
C GLN H 475 -12.68 47.72 10.85
N HIS H 476 -12.27 47.06 9.77
CA HIS H 476 -10.86 46.99 9.47
C HIS H 476 -10.34 48.32 8.94
N HIS H 477 -11.08 48.93 8.03
CA HIS H 477 -10.62 50.20 7.45
C HIS H 477 -10.81 51.34 8.43
N HIS H 478 -11.64 51.15 9.45
CA HIS H 478 -11.74 52.16 10.49
C HIS H 478 -10.41 52.40 11.16
N LEU H 479 -9.64 51.33 11.39
CA LEU H 479 -8.30 51.51 11.91
C LEU H 479 -7.44 52.31 10.96
N LEU H 480 -7.52 51.97 9.66
CA LEU H 480 -6.68 52.63 8.69
C LEU H 480 -6.97 54.13 8.63
N HIS H 481 -8.25 54.48 8.63
CA HIS H 481 -8.64 55.87 8.84
C HIS H 481 -7.96 56.41 10.10
N CYS H 482 -8.12 55.70 11.22
CA CYS H 482 -7.62 56.16 12.50
C CYS H 482 -6.10 56.29 12.53
N LEU H 483 -5.41 55.80 11.50
CA LEU H 483 -3.98 56.03 11.39
C LEU H 483 -3.65 57.30 10.62
N GLU H 484 -4.51 57.73 9.71
CA GLU H 484 -4.26 59.02 9.07
C GLU H 484 -4.56 60.17 9.99
N LYS H 485 -4.78 59.96 11.29
CA LYS H 485 -4.62 61.06 12.22
C LYS H 485 -3.21 61.65 12.14
N THR H 486 -2.22 60.82 11.84
CA THR H 486 -0.92 61.32 11.42
C THR H 486 -1.08 61.90 10.03
N THR H 487 -0.25 62.88 9.71
CA THR H 487 -0.40 63.53 8.42
C THR H 487 0.91 63.56 7.66
#